data_6VDA
# 
_entry.id   6VDA 
# 
_audit_conform.dict_name       mmcif_pdbx.dic 
_audit_conform.dict_version    5.380 
_audit_conform.dict_location   http://mmcif.pdb.org/dictionaries/ascii/mmcif_pdbx.dic 
# 
loop_
_database_2.database_id 
_database_2.database_code 
_database_2.pdbx_database_accession 
_database_2.pdbx_DOI 
PDB   6VDA         pdb_00006vda 10.2210/pdb6vda/pdb 
WWPDB D_1000246201 ?            ?                   
# 
_pdbx_database_status.status_code                     REL 
_pdbx_database_status.status_code_sf                  REL 
_pdbx_database_status.status_code_mr                  ? 
_pdbx_database_status.entry_id                        6VDA 
_pdbx_database_status.recvd_initial_deposition_date   2019-12-23 
_pdbx_database_status.SG_entry                        N 
_pdbx_database_status.deposit_site                    RCSB 
_pdbx_database_status.process_site                    RCSB 
_pdbx_database_status.status_code_cs                  ? 
_pdbx_database_status.status_code_nmr_data            ? 
_pdbx_database_status.methods_development_category    ? 
_pdbx_database_status.pdb_format_compatible           Y 
# 
_audit_author.name               'Maher, M.J.' 
_audit_author.pdbx_ordinal       1 
_audit_author.identifier_ORCID   0000-0003-0848-9640 
# 
_citation.abstract                  ? 
_citation.abstract_id_CAS           ? 
_citation.book_id_ISBN              ? 
_citation.book_publisher            ? 
_citation.book_publisher_city       ? 
_citation.book_title                ? 
_citation.coordinate_linkage        ? 
_citation.country                   US 
_citation.database_id_Medline       ? 
_citation.details                   ? 
_citation.id                        primary 
_citation.journal_abbrev            J.Inorg.Biochem. 
_citation.journal_id_ASTM           JIBIDJ 
_citation.journal_id_CSD            0525 
_citation.journal_id_ISSN           0162-0134 
_citation.journal_full              ? 
_citation.journal_issue             ? 
_citation.journal_volume            208 
_citation.language                  ? 
_citation.page_first                111087 
_citation.page_last                 111087 
_citation.title                     'Structural and functional characterizations of the C-terminal domains of CzcD proteins.' 
_citation.year                      2020 
_citation.database_id_CSD           ? 
_citation.pdbx_database_id_DOI      10.1016/j.jinorgbio.2020.111087 
_citation.pdbx_database_id_PubMed   32505855 
_citation.unpublished_flag          ? 
# 
loop_
_citation_author.citation_id 
_citation_author.name 
_citation_author.ordinal 
_citation_author.identifier_ORCID 
primary 'Udagedara, S.R.'    1  ? 
primary 'La Porta, D.M.'     2  ? 
primary 'Spehar, C.'         3  ? 
primary 'Purohit, G.'        4  ? 
primary 'Hein, M.J.A.'       5  ? 
primary 'Fatmous, M.E.'      6  ? 
primary 'Casas Garcia, G.P.' 7  ? 
primary 'Ganio, K.'          8  ? 
primary 'McDevitt, C.A.'     9  ? 
primary 'Maher, M.J.'        10 ? 
# 
_cell.angle_alpha                  90.00 
_cell.angle_alpha_esd              ? 
_cell.angle_beta                   90.00 
_cell.angle_beta_esd               ? 
_cell.angle_gamma                  120.00 
_cell.angle_gamma_esd              ? 
_cell.entry_id                     6VDA 
_cell.details                      ? 
_cell.formula_units_Z              ? 
_cell.length_a                     97.420 
_cell.length_a_esd                 ? 
_cell.length_b                     97.420 
_cell.length_b_esd                 ? 
_cell.length_c                     84.060 
_cell.length_c_esd                 ? 
_cell.volume                       ? 
_cell.volume_esd                   ? 
_cell.Z_PDB                        18 
_cell.reciprocal_angle_alpha       ? 
_cell.reciprocal_angle_beta        ? 
_cell.reciprocal_angle_gamma       ? 
_cell.reciprocal_angle_alpha_esd   ? 
_cell.reciprocal_angle_beta_esd    ? 
_cell.reciprocal_angle_gamma_esd   ? 
_cell.reciprocal_length_a          ? 
_cell.reciprocal_length_b          ? 
_cell.reciprocal_length_c          ? 
_cell.reciprocal_length_a_esd      ? 
_cell.reciprocal_length_b_esd      ? 
_cell.reciprocal_length_c_esd      ? 
_cell.pdbx_unique_axis             ? 
# 
_symmetry.entry_id                         6VDA 
_symmetry.cell_setting                     ? 
_symmetry.Int_Tables_number                155 
_symmetry.space_group_name_Hall            ? 
_symmetry.space_group_name_H-M             'H 3 2' 
_symmetry.pdbx_full_space_group_name_H-M   ? 
# 
loop_
_entity.id 
_entity.type 
_entity.src_method 
_entity.pdbx_description 
_entity.formula_weight 
_entity.pdbx_number_of_molecules 
_entity.pdbx_ec 
_entity.pdbx_mutation 
_entity.pdbx_fragment 
_entity.details 
1 polymer     man 'ZT_dimer domain-containing protein' 11937.812 1 ? ? ? ? 
2 non-polymer syn 'ZINC ION'                           65.409    1 ? ? ? ? 
3 non-polymer syn 'SULFATE ION'                        96.063    2 ? ? ? ? 
4 water       nat water                                18.015    7 ? ? ? ? 
# 
_entity_poly.entity_id                      1 
_entity_poly.type                           'polypeptide(L)' 
_entity_poly.nstd_linkage                   no 
_entity_poly.nstd_monomer                   no 
_entity_poly.pdbx_seq_one_letter_code       
;MDGMKRTELDMYDDIFAVLERFPNVHNPHRVRIRRVGTKYFIEMDIEVDGKMSVKDAHELTVKIRKEMLKRRDDIEDVTI
HVEPLGNVEEEGFGLKKGEKK
;
_entity_poly.pdbx_seq_one_letter_code_can   
;MDGMKRTELDMYDDIFAVLERFPNVHNPHRVRIRRVGTKYFIEMDIEVDGKMSVKDAHELTVKIRKEMLKRRDDIEDVTI
HVEPLGNVEEEGFGLKKGEKK
;
_entity_poly.pdbx_strand_id                 A 
_entity_poly.pdbx_target_identifier         ? 
# 
loop_
_entity_poly_seq.entity_id 
_entity_poly_seq.num 
_entity_poly_seq.mon_id 
_entity_poly_seq.hetero 
1 1   MET n 
1 2   ASP n 
1 3   GLY n 
1 4   MET n 
1 5   LYS n 
1 6   ARG n 
1 7   THR n 
1 8   GLU n 
1 9   LEU n 
1 10  ASP n 
1 11  MET n 
1 12  TYR n 
1 13  ASP n 
1 14  ASP n 
1 15  ILE n 
1 16  PHE n 
1 17  ALA n 
1 18  VAL n 
1 19  LEU n 
1 20  GLU n 
1 21  ARG n 
1 22  PHE n 
1 23  PRO n 
1 24  ASN n 
1 25  VAL n 
1 26  HIS n 
1 27  ASN n 
1 28  PRO n 
1 29  HIS n 
1 30  ARG n 
1 31  VAL n 
1 32  ARG n 
1 33  ILE n 
1 34  ARG n 
1 35  ARG n 
1 36  VAL n 
1 37  GLY n 
1 38  THR n 
1 39  LYS n 
1 40  TYR n 
1 41  PHE n 
1 42  ILE n 
1 43  GLU n 
1 44  MET n 
1 45  ASP n 
1 46  ILE n 
1 47  GLU n 
1 48  VAL n 
1 49  ASP n 
1 50  GLY n 
1 51  LYS n 
1 52  MET n 
1 53  SER n 
1 54  VAL n 
1 55  LYS n 
1 56  ASP n 
1 57  ALA n 
1 58  HIS n 
1 59  GLU n 
1 60  LEU n 
1 61  THR n 
1 62  VAL n 
1 63  LYS n 
1 64  ILE n 
1 65  ARG n 
1 66  LYS n 
1 67  GLU n 
1 68  MET n 
1 69  LEU n 
1 70  LYS n 
1 71  ARG n 
1 72  ARG n 
1 73  ASP n 
1 74  ASP n 
1 75  ILE n 
1 76  GLU n 
1 77  ASP n 
1 78  VAL n 
1 79  THR n 
1 80  ILE n 
1 81  HIS n 
1 82  VAL n 
1 83  GLU n 
1 84  PRO n 
1 85  LEU n 
1 86  GLY n 
1 87  ASN n 
1 88  VAL n 
1 89  GLU n 
1 90  GLU n 
1 91  GLU n 
1 92  GLY n 
1 93  PHE n 
1 94  GLY n 
1 95  LEU n 
1 96  LYS n 
1 97  LYS n 
1 98  GLY n 
1 99  GLU n 
1 100 LYS n 
1 101 LYS n 
# 
_entity_src_gen.entity_id                          1 
_entity_src_gen.pdbx_src_id                        1 
_entity_src_gen.pdbx_alt_source_flag               sample 
_entity_src_gen.pdbx_seq_type                      'Biological sequence' 
_entity_src_gen.pdbx_beg_seq_num                   1 
_entity_src_gen.pdbx_end_seq_num                   101 
_entity_src_gen.gene_src_common_name               ? 
_entity_src_gen.gene_src_genus                     ? 
_entity_src_gen.pdbx_gene_src_gene                 TM_0876 
_entity_src_gen.gene_src_species                   ? 
_entity_src_gen.gene_src_strain                    'ATCC 43589 / MSB8 / DSM 3109 / JCM 10099' 
_entity_src_gen.gene_src_tissue                    ? 
_entity_src_gen.gene_src_tissue_fraction           ? 
_entity_src_gen.gene_src_details                   ? 
_entity_src_gen.pdbx_gene_src_fragment             ? 
_entity_src_gen.pdbx_gene_src_scientific_name      'Thermotoga maritima (strain ATCC 43589 / MSB8 / DSM 3109 / JCM 10099)' 
_entity_src_gen.pdbx_gene_src_ncbi_taxonomy_id     243274 
_entity_src_gen.pdbx_gene_src_variant              ? 
_entity_src_gen.pdbx_gene_src_cell_line            ? 
_entity_src_gen.pdbx_gene_src_atcc                 ? 
_entity_src_gen.pdbx_gene_src_organ                ? 
_entity_src_gen.pdbx_gene_src_organelle            ? 
_entity_src_gen.pdbx_gene_src_cell                 ? 
_entity_src_gen.pdbx_gene_src_cellular_location    ? 
_entity_src_gen.host_org_common_name               ? 
_entity_src_gen.pdbx_host_org_scientific_name      'Escherichia coli' 
_entity_src_gen.pdbx_host_org_ncbi_taxonomy_id     562 
_entity_src_gen.host_org_genus                     ? 
_entity_src_gen.pdbx_host_org_gene                 ? 
_entity_src_gen.pdbx_host_org_organ                ? 
_entity_src_gen.host_org_species                   ? 
_entity_src_gen.pdbx_host_org_tissue               ? 
_entity_src_gen.pdbx_host_org_tissue_fraction      ? 
_entity_src_gen.pdbx_host_org_strain               ? 
_entity_src_gen.pdbx_host_org_variant              ? 
_entity_src_gen.pdbx_host_org_cell_line            ? 
_entity_src_gen.pdbx_host_org_atcc                 ? 
_entity_src_gen.pdbx_host_org_culture_collection   ? 
_entity_src_gen.pdbx_host_org_cell                 ? 
_entity_src_gen.pdbx_host_org_organelle            ? 
_entity_src_gen.pdbx_host_org_cellular_location    ? 
_entity_src_gen.pdbx_host_org_vector_type          ? 
_entity_src_gen.pdbx_host_org_vector               ? 
_entity_src_gen.host_org_details                   ? 
_entity_src_gen.expression_system_id               ? 
_entity_src_gen.plasmid_name                       ? 
_entity_src_gen.plasmid_details                    ? 
_entity_src_gen.pdbx_description                   ? 
# 
_struct_ref.id                         1 
_struct_ref.db_name                    UNP 
_struct_ref.db_code                    Q9WZX9_THEMA 
_struct_ref.pdbx_db_accession          Q9WZX9 
_struct_ref.pdbx_db_isoform            ? 
_struct_ref.entity_id                  1 
_struct_ref.pdbx_seq_one_letter_code   
;MDGMKRTELDMYDDIFAVLERFPNVHNPHRVRIRRVGTKYFIEMDIEVDGKMSVKDAHELTVKIRKEMLKRRDDIEDVTI
HVEPLGNVEEEGFGLKKGEKK
;
_struct_ref.pdbx_align_begin           206 
# 
_struct_ref_seq.align_id                      1 
_struct_ref_seq.ref_id                        1 
_struct_ref_seq.pdbx_PDB_id_code              6VDA 
_struct_ref_seq.pdbx_strand_id                A 
_struct_ref_seq.seq_align_beg                 1 
_struct_ref_seq.pdbx_seq_align_beg_ins_code   ? 
_struct_ref_seq.seq_align_end                 101 
_struct_ref_seq.pdbx_seq_align_end_ins_code   ? 
_struct_ref_seq.pdbx_db_accession             Q9WZX9 
_struct_ref_seq.db_align_beg                  206 
_struct_ref_seq.pdbx_db_align_beg_ins_code    ? 
_struct_ref_seq.db_align_end                  306 
_struct_ref_seq.pdbx_db_align_end_ins_code    ? 
_struct_ref_seq.pdbx_auth_seq_align_beg       206 
_struct_ref_seq.pdbx_auth_seq_align_end       306 
# 
loop_
_chem_comp.id 
_chem_comp.type 
_chem_comp.mon_nstd_flag 
_chem_comp.name 
_chem_comp.pdbx_synonyms 
_chem_comp.formula 
_chem_comp.formula_weight 
ALA 'L-peptide linking' y ALANINE         ? 'C3 H7 N O2'     89.093  
ARG 'L-peptide linking' y ARGININE        ? 'C6 H15 N4 O2 1' 175.209 
ASN 'L-peptide linking' y ASPARAGINE      ? 'C4 H8 N2 O3'    132.118 
ASP 'L-peptide linking' y 'ASPARTIC ACID' ? 'C4 H7 N O4'     133.103 
GLU 'L-peptide linking' y 'GLUTAMIC ACID' ? 'C5 H9 N O4'     147.129 
GLY 'peptide linking'   y GLYCINE         ? 'C2 H5 N O2'     75.067  
HIS 'L-peptide linking' y HISTIDINE       ? 'C6 H10 N3 O2 1' 156.162 
HOH non-polymer         . WATER           ? 'H2 O'           18.015  
ILE 'L-peptide linking' y ISOLEUCINE      ? 'C6 H13 N O2'    131.173 
LEU 'L-peptide linking' y LEUCINE         ? 'C6 H13 N O2'    131.173 
LYS 'L-peptide linking' y LYSINE          ? 'C6 H15 N2 O2 1' 147.195 
MET 'L-peptide linking' y METHIONINE      ? 'C5 H11 N O2 S'  149.211 
PHE 'L-peptide linking' y PHENYLALANINE   ? 'C9 H11 N O2'    165.189 
PRO 'L-peptide linking' y PROLINE         ? 'C5 H9 N O2'     115.130 
SER 'L-peptide linking' y SERINE          ? 'C3 H7 N O3'     105.093 
SO4 non-polymer         . 'SULFATE ION'   ? 'O4 S -2'        96.063  
THR 'L-peptide linking' y THREONINE       ? 'C4 H9 N O3'     119.119 
TYR 'L-peptide linking' y TYROSINE        ? 'C9 H11 N O3'    181.189 
VAL 'L-peptide linking' y VALINE          ? 'C5 H11 N O2'    117.146 
ZN  non-polymer         . 'ZINC ION'      ? 'Zn 2'           65.409  
# 
_exptl.absorpt_coefficient_mu     ? 
_exptl.absorpt_correction_T_max   ? 
_exptl.absorpt_correction_T_min   ? 
_exptl.absorpt_correction_type    ? 
_exptl.absorpt_process_details    ? 
_exptl.entry_id                   6VDA 
_exptl.crystals_number            1 
_exptl.details                    ? 
_exptl.method                     'X-RAY DIFFRACTION' 
_exptl.method_details             ? 
# 
_exptl_crystal.colour                      ? 
_exptl_crystal.density_diffrn              ? 
_exptl_crystal.density_Matthews            3.22 
_exptl_crystal.density_method              ? 
_exptl_crystal.density_percent_sol         61.75 
_exptl_crystal.description                 ? 
_exptl_crystal.F_000                       ? 
_exptl_crystal.id                          1 
_exptl_crystal.preparation                 ? 
_exptl_crystal.size_max                    ? 
_exptl_crystal.size_mid                    ? 
_exptl_crystal.size_min                    ? 
_exptl_crystal.size_rad                    ? 
_exptl_crystal.colour_lustre               ? 
_exptl_crystal.colour_modifier             ? 
_exptl_crystal.colour_primary              ? 
_exptl_crystal.density_meas                ? 
_exptl_crystal.density_meas_esd            ? 
_exptl_crystal.density_meas_gt             ? 
_exptl_crystal.density_meas_lt             ? 
_exptl_crystal.density_meas_temp           ? 
_exptl_crystal.density_meas_temp_esd       ? 
_exptl_crystal.density_meas_temp_gt        ? 
_exptl_crystal.density_meas_temp_lt        ? 
_exptl_crystal.pdbx_crystal_image_url      ? 
_exptl_crystal.pdbx_crystal_image_format   ? 
_exptl_crystal.pdbx_mosaicity              ? 
_exptl_crystal.pdbx_mosaicity_esd          ? 
# 
_exptl_crystal_grow.apparatus       ? 
_exptl_crystal_grow.atmosphere      ? 
_exptl_crystal_grow.crystal_id      1 
_exptl_crystal_grow.details         ? 
_exptl_crystal_grow.method          'VAPOR DIFFUSION, HANGING DROP' 
_exptl_crystal_grow.method_ref      ? 
_exptl_crystal_grow.pH              ? 
_exptl_crystal_grow.pressure        ? 
_exptl_crystal_grow.pressure_esd    ? 
_exptl_crystal_grow.seeding         ? 
_exptl_crystal_grow.seeding_ref     ? 
_exptl_crystal_grow.temp            293 
_exptl_crystal_grow.temp_details    ? 
_exptl_crystal_grow.temp_esd        ? 
_exptl_crystal_grow.time            ? 
_exptl_crystal_grow.pdbx_details    '1.6 M-2.0 M ammonium sulfate, 1.0 mM ZnSO4' 
_exptl_crystal_grow.pdbx_pH_range   ? 
# 
_diffrn.ambient_environment              ? 
_diffrn.ambient_temp                     100 
_diffrn.ambient_temp_details             ? 
_diffrn.ambient_temp_esd                 ? 
_diffrn.crystal_id                       1 
_diffrn.crystal_support                  ? 
_diffrn.crystal_treatment                ? 
_diffrn.details                          ? 
_diffrn.id                               1 
_diffrn.ambient_pressure                 ? 
_diffrn.ambient_pressure_esd             ? 
_diffrn.ambient_pressure_gt              ? 
_diffrn.ambient_pressure_lt              ? 
_diffrn.ambient_temp_gt                  ? 
_diffrn.ambient_temp_lt                  ? 
_diffrn.pdbx_serial_crystal_experiment   N 
# 
_diffrn_detector.details                      ? 
_diffrn_detector.detector                     PIXEL 
_diffrn_detector.diffrn_id                    1 
_diffrn_detector.type                         'DECTRIS EIGER X 16M' 
_diffrn_detector.area_resol_mean              ? 
_diffrn_detector.dtime                        ? 
_diffrn_detector.pdbx_frames_total            ? 
_diffrn_detector.pdbx_collection_time_total   ? 
_diffrn_detector.pdbx_collection_date         2016-06-02 
_diffrn_detector.pdbx_frequency               ? 
# 
_diffrn_radiation.collimation                      ? 
_diffrn_radiation.diffrn_id                        1 
_diffrn_radiation.filter_edge                      ? 
_diffrn_radiation.inhomogeneity                    ? 
_diffrn_radiation.monochromator                    ? 
_diffrn_radiation.polarisn_norm                    ? 
_diffrn_radiation.polarisn_ratio                   ? 
_diffrn_radiation.probe                            ? 
_diffrn_radiation.type                             ? 
_diffrn_radiation.xray_symbol                      ? 
_diffrn_radiation.wavelength_id                    1 
_diffrn_radiation.pdbx_monochromatic_or_laue_m_l   M 
_diffrn_radiation.pdbx_wavelength_list             ? 
_diffrn_radiation.pdbx_wavelength                  ? 
_diffrn_radiation.pdbx_diffrn_protocol             'SINGLE WAVELENGTH' 
_diffrn_radiation.pdbx_analyzer                    ? 
_diffrn_radiation.pdbx_scattering_type             x-ray 
# 
_diffrn_radiation_wavelength.id           1 
_diffrn_radiation_wavelength.wavelength   0.9537 
_diffrn_radiation_wavelength.wt           1.0 
# 
_diffrn_source.current                     ? 
_diffrn_source.details                     ? 
_diffrn_source.diffrn_id                   1 
_diffrn_source.power                       ? 
_diffrn_source.size                        ? 
_diffrn_source.source                      SYNCHROTRON 
_diffrn_source.target                      ? 
_diffrn_source.type                        'AUSTRALIAN SYNCHROTRON BEAMLINE MX2' 
_diffrn_source.voltage                     ? 
_diffrn_source.take-off_angle              ? 
_diffrn_source.pdbx_wavelength_list        0.9537 
_diffrn_source.pdbx_wavelength             ? 
_diffrn_source.pdbx_synchrotron_beamline   MX2 
_diffrn_source.pdbx_synchrotron_site       'Australian Synchrotron' 
# 
_reflns.B_iso_Wilson_estimate            ? 
_reflns.entry_id                         6VDA 
_reflns.data_reduction_details           ? 
_reflns.data_reduction_method            ? 
_reflns.d_resolution_high                2.4 
_reflns.d_resolution_low                 49 
_reflns.details                          ? 
_reflns.limit_h_max                      ? 
_reflns.limit_h_min                      ? 
_reflns.limit_k_max                      ? 
_reflns.limit_k_min                      ? 
_reflns.limit_l_max                      ? 
_reflns.limit_l_min                      ? 
_reflns.number_all                       ? 
_reflns.number_obs                       6149 
_reflns.observed_criterion               ? 
_reflns.observed_criterion_F_max         ? 
_reflns.observed_criterion_F_min         ? 
_reflns.observed_criterion_I_max         ? 
_reflns.observed_criterion_I_min         ? 
_reflns.observed_criterion_sigma_F       ? 
_reflns.observed_criterion_sigma_I       ? 
_reflns.percent_possible_obs             100 
_reflns.R_free_details                   ? 
_reflns.Rmerge_F_all                     ? 
_reflns.Rmerge_F_obs                     ? 
_reflns.Friedel_coverage                 ? 
_reflns.number_gt                        ? 
_reflns.threshold_expression             ? 
_reflns.pdbx_redundancy                  5.1 
_reflns.pdbx_Rmerge_I_obs                ? 
_reflns.pdbx_Rmerge_I_all                ? 
_reflns.pdbx_Rsym_value                  ? 
_reflns.pdbx_netI_over_av_sigmaI         ? 
_reflns.pdbx_netI_over_sigmaI            12.1 
_reflns.pdbx_res_netI_over_av_sigmaI_2   ? 
_reflns.pdbx_res_netI_over_sigmaI_2      ? 
_reflns.pdbx_chi_squared                 ? 
_reflns.pdbx_scaling_rejects             ? 
_reflns.pdbx_d_res_high_opt              ? 
_reflns.pdbx_d_res_low_opt               ? 
_reflns.pdbx_d_res_opt_method            ? 
_reflns.phase_calculation_details        ? 
_reflns.pdbx_Rrim_I_all                  ? 
_reflns.pdbx_Rpim_I_all                  ? 
_reflns.pdbx_d_opt                       ? 
_reflns.pdbx_number_measured_all         ? 
_reflns.pdbx_diffrn_id                   1 
_reflns.pdbx_ordinal                     1 
_reflns.pdbx_CC_half                     0.992 
_reflns.pdbx_CC_star                     ? 
_reflns.pdbx_R_split                     ? 
# 
_reflns_shell.d_res_high                  2.40 
_reflns_shell.d_res_low                   2.49 
_reflns_shell.meanI_over_sigI_all         ? 
_reflns_shell.meanI_over_sigI_obs         ? 
_reflns_shell.number_measured_all         ? 
_reflns_shell.number_measured_obs         ? 
_reflns_shell.number_possible             ? 
_reflns_shell.number_unique_all           ? 
_reflns_shell.number_unique_obs           641 
_reflns_shell.percent_possible_all        ? 
_reflns_shell.percent_possible_obs        ? 
_reflns_shell.Rmerge_F_all                ? 
_reflns_shell.Rmerge_F_obs                ? 
_reflns_shell.Rmerge_I_all                ? 
_reflns_shell.Rmerge_I_obs                ? 
_reflns_shell.meanI_over_sigI_gt          ? 
_reflns_shell.meanI_over_uI_all           ? 
_reflns_shell.meanI_over_uI_gt            ? 
_reflns_shell.number_measured_gt          ? 
_reflns_shell.number_unique_gt            ? 
_reflns_shell.percent_possible_gt         ? 
_reflns_shell.Rmerge_F_gt                 ? 
_reflns_shell.Rmerge_I_gt                 ? 
_reflns_shell.pdbx_redundancy             ? 
_reflns_shell.pdbx_Rsym_value             ? 
_reflns_shell.pdbx_chi_squared            ? 
_reflns_shell.pdbx_netI_over_sigmaI_all   ? 
_reflns_shell.pdbx_netI_over_sigmaI_obs   ? 
_reflns_shell.pdbx_Rrim_I_all             ? 
_reflns_shell.pdbx_Rpim_I_all             ? 
_reflns_shell.pdbx_rejects                ? 
_reflns_shell.pdbx_ordinal                1 
_reflns_shell.pdbx_diffrn_id              1 
_reflns_shell.pdbx_CC_half                0.727 
_reflns_shell.pdbx_CC_star                ? 
_reflns_shell.pdbx_R_split                ? 
# 
_refine.aniso_B[1][1]                            0.24 
_refine.aniso_B[1][2]                            0.12 
_refine.aniso_B[1][3]                            0.00 
_refine.aniso_B[2][2]                            0.24 
_refine.aniso_B[2][3]                            0.00 
_refine.aniso_B[3][3]                            -0.78 
_refine.B_iso_max                                ? 
_refine.B_iso_mean                               81.706 
_refine.B_iso_min                                ? 
_refine.correlation_coeff_Fo_to_Fc               0.939 
_refine.correlation_coeff_Fo_to_Fc_free          0.915 
_refine.details                                  'HYDROGENS HAVE BEEN ADDED IN THE RIDING POSITIONS' 
_refine.diff_density_max                         ? 
_refine.diff_density_max_esd                     ? 
_refine.diff_density_min                         ? 
_refine.diff_density_min_esd                     ? 
_refine.diff_density_rms                         ? 
_refine.diff_density_rms_esd                     ? 
_refine.entry_id                                 6VDA 
_refine.pdbx_refine_id                           'X-RAY DIFFRACTION' 
_refine.ls_abs_structure_details                 ? 
_refine.ls_abs_structure_Flack                   ? 
_refine.ls_abs_structure_Flack_esd               ? 
_refine.ls_abs_structure_Rogers                  ? 
_refine.ls_abs_structure_Rogers_esd              ? 
_refine.ls_d_res_high                            2.40 
_refine.ls_d_res_low                             48.76 
_refine.ls_extinction_coef                       ? 
_refine.ls_extinction_coef_esd                   ? 
_refine.ls_extinction_expression                 ? 
_refine.ls_extinction_method                     ? 
_refine.ls_goodness_of_fit_all                   ? 
_refine.ls_goodness_of_fit_all_esd               ? 
_refine.ls_goodness_of_fit_obs                   ? 
_refine.ls_goodness_of_fit_obs_esd               ? 
_refine.ls_hydrogen_treatment                    ? 
_refine.ls_matrix_type                           ? 
_refine.ls_number_constraints                    ? 
_refine.ls_number_parameters                     ? 
_refine.ls_number_reflns_all                     ? 
_refine.ls_number_reflns_obs                     5289 
_refine.ls_number_reflns_R_free                  618 
_refine.ls_number_reflns_R_work                  ? 
_refine.ls_number_restraints                     ? 
_refine.ls_percent_reflns_obs                    96.25 
_refine.ls_percent_reflns_R_free                 10.5 
_refine.ls_R_factor_all                          ? 
_refine.ls_R_factor_obs                          0.23902 
_refine.ls_R_factor_R_free                       0.28352 
_refine.ls_R_factor_R_free_error                 ? 
_refine.ls_R_factor_R_free_error_details         ? 
_refine.ls_R_factor_R_work                       0.23390 
_refine.ls_R_Fsqd_factor_obs                     ? 
_refine.ls_R_I_factor_obs                        ? 
_refine.ls_redundancy_reflns_all                 ? 
_refine.ls_redundancy_reflns_obs                 ? 
_refine.ls_restrained_S_all                      ? 
_refine.ls_restrained_S_obs                      ? 
_refine.ls_shift_over_esd_max                    ? 
_refine.ls_shift_over_esd_mean                   ? 
_refine.ls_structure_factor_coef                 ? 
_refine.ls_weighting_details                     ? 
_refine.ls_weighting_scheme                      ? 
_refine.ls_wR_factor_all                         ? 
_refine.ls_wR_factor_obs                         ? 
_refine.ls_wR_factor_R_free                      ? 
_refine.ls_wR_factor_R_work                      ? 
_refine.occupancy_max                            ? 
_refine.occupancy_min                            ? 
_refine.solvent_model_details                    ? 
_refine.solvent_model_param_bsol                 ? 
_refine.solvent_model_param_ksol                 ? 
_refine.pdbx_R_complete                          ? 
_refine.ls_R_factor_gt                           ? 
_refine.ls_goodness_of_fit_gt                    ? 
_refine.ls_goodness_of_fit_ref                   ? 
_refine.ls_shift_over_su_max                     ? 
_refine.ls_shift_over_su_max_lt                  ? 
_refine.ls_shift_over_su_mean                    ? 
_refine.ls_shift_over_su_mean_lt                 ? 
_refine.pdbx_ls_sigma_I                          ? 
_refine.pdbx_ls_sigma_F                          ? 
_refine.pdbx_ls_sigma_Fsqd                       ? 
_refine.pdbx_data_cutoff_high_absF               ? 
_refine.pdbx_data_cutoff_high_rms_absF           ? 
_refine.pdbx_data_cutoff_low_absF                ? 
_refine.pdbx_isotropic_thermal_model             ? 
_refine.pdbx_ls_cross_valid_method               THROUGHOUT 
_refine.pdbx_method_to_determine_struct          'MOLECULAR REPLACEMENT' 
_refine.pdbx_starting_model                      2ZZT 
_refine.pdbx_stereochemistry_target_values       ? 
_refine.pdbx_R_Free_selection_details            RANDOM 
_refine.pdbx_stereochem_target_val_spec_case     ? 
_refine.pdbx_overall_ESU_R                       0.319 
_refine.pdbx_overall_ESU_R_Free                  0.263 
_refine.pdbx_solvent_vdw_probe_radii             1.20 
_refine.pdbx_solvent_ion_probe_radii             0.80 
_refine.pdbx_solvent_shrinkage_radii             0.80 
_refine.pdbx_real_space_R                        ? 
_refine.pdbx_density_correlation                 ? 
_refine.pdbx_pd_number_of_powder_patterns        ? 
_refine.pdbx_pd_number_of_points                 ? 
_refine.pdbx_pd_meas_number_of_points            ? 
_refine.pdbx_pd_proc_ls_prof_R_factor            ? 
_refine.pdbx_pd_proc_ls_prof_wR_factor           ? 
_refine.pdbx_pd_Marquardt_correlation_coeff      ? 
_refine.pdbx_pd_Fsqrd_R_factor                   ? 
_refine.pdbx_pd_ls_matrix_band_width             ? 
_refine.pdbx_overall_phase_error                 ? 
_refine.pdbx_overall_SU_R_free_Cruickshank_DPI   ? 
_refine.pdbx_overall_SU_R_free_Blow_DPI          ? 
_refine.pdbx_overall_SU_R_Blow_DPI               ? 
_refine.pdbx_TLS_residual_ADP_flag               ? 
_refine.pdbx_diffrn_id                           1 
_refine.overall_SU_B                             18.310 
_refine.overall_SU_ML                            0.206 
_refine.overall_SU_R_Cruickshank_DPI             ? 
_refine.overall_SU_R_free                        ? 
_refine.overall_FOM_free_R_set                   ? 
_refine.overall_FOM_work_R_set                   ? 
_refine.pdbx_average_fsc_overall                 ? 
_refine.pdbx_average_fsc_work                    ? 
_refine.pdbx_average_fsc_free                    ? 
# 
_refine_hist.pdbx_refine_id                   'X-RAY DIFFRACTION' 
_refine_hist.cycle_id                         1 
_refine_hist.details                          ? 
_refine_hist.d_res_high                       2.40 
_refine_hist.d_res_low                        48.76 
_refine_hist.number_atoms_solvent             7 
_refine_hist.number_atoms_total               707 
_refine_hist.number_reflns_all                ? 
_refine_hist.number_reflns_obs                ? 
_refine_hist.number_reflns_R_free             ? 
_refine_hist.number_reflns_R_work             ? 
_refine_hist.R_factor_all                     ? 
_refine_hist.R_factor_obs                     ? 
_refine_hist.R_factor_R_free                  ? 
_refine_hist.R_factor_R_work                  ? 
_refine_hist.pdbx_number_residues_total       ? 
_refine_hist.pdbx_B_iso_mean_ligand           ? 
_refine_hist.pdbx_B_iso_mean_solvent          ? 
_refine_hist.pdbx_number_atoms_protein        689 
_refine_hist.pdbx_number_atoms_nucleic_acid   0 
_refine_hist.pdbx_number_atoms_ligand         11 
_refine_hist.pdbx_number_atoms_lipid          ? 
_refine_hist.pdbx_number_atoms_carb           ? 
_refine_hist.pdbx_pseudo_atom_details         ? 
# 
loop_
_refine_ls_restr.pdbx_refine_id 
_refine_ls_restr.criterion 
_refine_ls_restr.dev_ideal 
_refine_ls_restr.dev_ideal_target 
_refine_ls_restr.number 
_refine_ls_restr.rejects 
_refine_ls_restr.type 
_refine_ls_restr.weight 
_refine_ls_restr.pdbx_restraint_function 
'X-RAY DIFFRACTION' ? 0.005  0.013  715  ? r_bond_refined_d             ? ? 
'X-RAY DIFFRACTION' ? 0.001  0.017  658  ? r_bond_other_d               ? ? 
'X-RAY DIFFRACTION' ? 1.236  1.646  968  ? r_angle_refined_deg          ? ? 
'X-RAY DIFFRACTION' ? 1.122  1.584  1515 ? r_angle_other_deg            ? ? 
'X-RAY DIFFRACTION' ? 6.057  5.000  87   ? r_dihedral_angle_1_deg       ? ? 
'X-RAY DIFFRACTION' ? 27.843 21.591 44   ? r_dihedral_angle_2_deg       ? ? 
'X-RAY DIFFRACTION' ? 15.002 15.000 129  ? r_dihedral_angle_3_deg       ? ? 
'X-RAY DIFFRACTION' ? 15.212 15.000 7    ? r_dihedral_angle_4_deg       ? ? 
'X-RAY DIFFRACTION' ? 0.041  0.200  94   ? r_chiral_restr               ? ? 
'X-RAY DIFFRACTION' ? 0.004  0.020  792  ? r_gen_planes_refined         ? ? 
'X-RAY DIFFRACTION' ? 0.002  0.020  149  ? r_gen_planes_other           ? ? 
'X-RAY DIFFRACTION' ? ?      ?      ?    ? r_nbd_refined                ? ? 
'X-RAY DIFFRACTION' ? ?      ?      ?    ? r_nbd_other                  ? ? 
'X-RAY DIFFRACTION' ? ?      ?      ?    ? r_nbtor_refined              ? ? 
'X-RAY DIFFRACTION' ? ?      ?      ?    ? r_nbtor_other                ? ? 
'X-RAY DIFFRACTION' ? ?      ?      ?    ? r_xyhbond_nbd_refined        ? ? 
'X-RAY DIFFRACTION' ? ?      ?      ?    ? r_xyhbond_nbd_other          ? ? 
'X-RAY DIFFRACTION' ? ?      ?      ?    ? r_metal_ion_refined          ? ? 
'X-RAY DIFFRACTION' ? ?      ?      ?    ? r_metal_ion_other            ? ? 
'X-RAY DIFFRACTION' ? ?      ?      ?    ? r_symmetry_vdw_refined       ? ? 
'X-RAY DIFFRACTION' ? ?      ?      ?    ? r_symmetry_vdw_other         ? ? 
'X-RAY DIFFRACTION' ? ?      ?      ?    ? r_symmetry_hbond_refined     ? ? 
'X-RAY DIFFRACTION' ? ?      ?      ?    ? r_symmetry_hbond_other       ? ? 
'X-RAY DIFFRACTION' ? ?      ?      ?    ? r_symmetry_metal_ion_refined ? ? 
'X-RAY DIFFRACTION' ? ?      ?      ?    ? r_symmetry_metal_ion_other   ? ? 
'X-RAY DIFFRACTION' ? 2.408  6.955  345  ? r_mcbond_it                  ? ? 
'X-RAY DIFFRACTION' ? 2.405  6.948  344  ? r_mcbond_other               ? ? 
'X-RAY DIFFRACTION' ? 3.605  10.425 430  ? r_mcangle_it                 ? ? 
'X-RAY DIFFRACTION' ? 3.601  10.434 431  ? r_mcangle_other              ? ? 
'X-RAY DIFFRACTION' ? 2.323  7.277  370  ? r_scbond_it                  ? ? 
'X-RAY DIFFRACTION' ? 2.311  7.263  360  ? r_scbond_other               ? ? 
'X-RAY DIFFRACTION' ? ?      ?      ?    ? r_scangle_it                 ? ? 
'X-RAY DIFFRACTION' ? 3.745  10.805 525  ? r_scangle_other              ? ? 
'X-RAY DIFFRACTION' ? 5.858  79.472 724  ? r_long_range_B_refined       ? ? 
'X-RAY DIFFRACTION' ? 5.870  79.346 722  ? r_long_range_B_other         ? ? 
'X-RAY DIFFRACTION' ? ?      ?      ?    ? r_rigid_bond_restr           ? ? 
'X-RAY DIFFRACTION' ? ?      ?      ?    ? r_sphericity_free            ? ? 
'X-RAY DIFFRACTION' ? ?      ?      ?    ? r_sphericity_bonded          ? ? 
# 
_refine_ls_shell.pdbx_refine_id                   'X-RAY DIFFRACTION' 
_refine_ls_shell.d_res_high                       2.402 
_refine_ls_shell.d_res_low                        2.465 
_refine_ls_shell.number_reflns_all                ? 
_refine_ls_shell.number_reflns_obs                ? 
_refine_ls_shell.number_reflns_R_free             27 
_refine_ls_shell.number_reflns_R_work             267 
_refine_ls_shell.percent_reflns_obs               65.48 
_refine_ls_shell.percent_reflns_R_free            ? 
_refine_ls_shell.R_factor_all                     ? 
_refine_ls_shell.R_factor_obs                     ? 
_refine_ls_shell.R_factor_R_free                  0.333 
_refine_ls_shell.R_factor_R_free_error            ? 
_refine_ls_shell.R_factor_R_work                  0.305 
_refine_ls_shell.redundancy_reflns_all            ? 
_refine_ls_shell.redundancy_reflns_obs            ? 
_refine_ls_shell.wR_factor_all                    ? 
_refine_ls_shell.wR_factor_obs                    ? 
_refine_ls_shell.wR_factor_R_free                 ? 
_refine_ls_shell.wR_factor_R_work                 ? 
_refine_ls_shell.pdbx_R_complete                  ? 
_refine_ls_shell.pdbx_total_number_of_bins_used   20 
_refine_ls_shell.pdbx_phase_error                 ? 
_refine_ls_shell.pdbx_fsc_work                    ? 
_refine_ls_shell.pdbx_fsc_free                    ? 
# 
_struct.entry_id                     6VDA 
_struct.title                        'Metal-bound C-terminal domain of CzcD transporter from Thermotoga maritima' 
_struct.pdbx_model_details           ? 
_struct.pdbx_formula_weight          ? 
_struct.pdbx_formula_weight_method   ? 
_struct.pdbx_model_type_details      ? 
_struct.pdbx_CASP_flag               N 
# 
_struct_keywords.entry_id        6VDA 
_struct_keywords.text            'cation diffusion facilitator protein (CDF), CzcD, TRANSPORT PROTEIN' 
_struct_keywords.pdbx_keywords   'TRANSPORT PROTEIN' 
# 
loop_
_struct_asym.id 
_struct_asym.pdbx_blank_PDB_chainid_flag 
_struct_asym.pdbx_modified 
_struct_asym.entity_id 
_struct_asym.details 
A N N 1 ? 
B N N 2 ? 
C N N 3 ? 
D N N 3 ? 
E N N 4 ? 
# 
loop_
_struct_conf.conf_type_id 
_struct_conf.id 
_struct_conf.pdbx_PDB_helix_id 
_struct_conf.beg_label_comp_id 
_struct_conf.beg_label_asym_id 
_struct_conf.beg_label_seq_id 
_struct_conf.pdbx_beg_PDB_ins_code 
_struct_conf.end_label_comp_id 
_struct_conf.end_label_asym_id 
_struct_conf.end_label_seq_id 
_struct_conf.pdbx_end_PDB_ins_code 
_struct_conf.beg_auth_comp_id 
_struct_conf.beg_auth_asym_id 
_struct_conf.beg_auth_seq_id 
_struct_conf.end_auth_comp_id 
_struct_conf.end_auth_asym_id 
_struct_conf.end_auth_seq_id 
_struct_conf.pdbx_PDB_helix_class 
_struct_conf.details 
_struct_conf.pdbx_PDB_helix_length 
HELX_P HELX_P1 AA1 LYS A 5  ? GLU A 20 ? LYS A 210 GLU A 225 1 ? 16 
HELX_P HELX_P2 AA2 SER A 53 ? ARG A 72 ? SER A 258 ARG A 277 1 ? 20 
# 
_struct_conf_type.id          HELX_P 
_struct_conf_type.criteria    ? 
_struct_conf_type.reference   ? 
# 
loop_
_struct_conn.id 
_struct_conn.conn_type_id 
_struct_conn.pdbx_leaving_atom_flag 
_struct_conn.pdbx_PDB_id 
_struct_conn.ptnr1_label_asym_id 
_struct_conn.ptnr1_label_comp_id 
_struct_conn.ptnr1_label_seq_id 
_struct_conn.ptnr1_label_atom_id 
_struct_conn.pdbx_ptnr1_label_alt_id 
_struct_conn.pdbx_ptnr1_PDB_ins_code 
_struct_conn.pdbx_ptnr1_standard_comp_id 
_struct_conn.ptnr1_symmetry 
_struct_conn.ptnr2_label_asym_id 
_struct_conn.ptnr2_label_comp_id 
_struct_conn.ptnr2_label_seq_id 
_struct_conn.ptnr2_label_atom_id 
_struct_conn.pdbx_ptnr2_label_alt_id 
_struct_conn.pdbx_ptnr2_PDB_ins_code 
_struct_conn.ptnr1_auth_asym_id 
_struct_conn.ptnr1_auth_comp_id 
_struct_conn.ptnr1_auth_seq_id 
_struct_conn.ptnr2_auth_asym_id 
_struct_conn.ptnr2_auth_comp_id 
_struct_conn.ptnr2_auth_seq_id 
_struct_conn.ptnr2_symmetry 
_struct_conn.pdbx_ptnr3_label_atom_id 
_struct_conn.pdbx_ptnr3_label_seq_id 
_struct_conn.pdbx_ptnr3_label_comp_id 
_struct_conn.pdbx_ptnr3_label_asym_id 
_struct_conn.pdbx_ptnr3_label_alt_id 
_struct_conn.pdbx_ptnr3_PDB_ins_code 
_struct_conn.details 
_struct_conn.pdbx_dist_value 
_struct_conn.pdbx_value_order 
_struct_conn.pdbx_role 
metalc1 metalc ? ? A HIS 29 NE2 ? ? ? 1_555 B ZN . ZN ? ? A HIS 234 A ZN 401 1_555 ? ? ? ? ? ? ? 2.144 ? ? 
metalc2 metalc ? ? A ASP 45 OD2 ? ? ? 1_555 B ZN . ZN ? ? A ASP 250 A ZN 401 1_555 ? ? ? ? ? ? ? 2.192 ? ? 
metalc3 metalc ? ? A GLU 89 OE1 ? ? ? 1_555 B ZN . ZN ? ? A GLU 294 A ZN 401 1_555 ? ? ? ? ? ? ? 2.115 ? ? 
# 
_struct_conn_type.id          metalc 
_struct_conn_type.criteria    ? 
_struct_conn_type.reference   ? 
# 
_struct_sheet.id               AA1 
_struct_sheet.type             ? 
_struct_sheet.number_strands   3 
_struct_sheet.details          ? 
# 
loop_
_struct_sheet_order.sheet_id 
_struct_sheet_order.range_id_1 
_struct_sheet_order.range_id_2 
_struct_sheet_order.offset 
_struct_sheet_order.sense 
AA1 1 2 ? anti-parallel 
AA1 2 3 ? parallel      
# 
loop_
_struct_sheet_range.sheet_id 
_struct_sheet_range.id 
_struct_sheet_range.beg_label_comp_id 
_struct_sheet_range.beg_label_asym_id 
_struct_sheet_range.beg_label_seq_id 
_struct_sheet_range.pdbx_beg_PDB_ins_code 
_struct_sheet_range.end_label_comp_id 
_struct_sheet_range.end_label_asym_id 
_struct_sheet_range.end_label_seq_id 
_struct_sheet_range.pdbx_end_PDB_ins_code 
_struct_sheet_range.beg_auth_comp_id 
_struct_sheet_range.beg_auth_asym_id 
_struct_sheet_range.beg_auth_seq_id 
_struct_sheet_range.end_auth_comp_id 
_struct_sheet_range.end_auth_asym_id 
_struct_sheet_range.end_auth_seq_id 
AA1 1 HIS A 26 ? VAL A 36 ? HIS A 231 VAL A 241 
AA1 2 LYS A 39 ? VAL A 48 ? LYS A 244 VAL A 253 
AA1 3 ILE A 75 ? PRO A 84 ? ILE A 280 PRO A 289 
# 
loop_
_pdbx_struct_sheet_hbond.sheet_id 
_pdbx_struct_sheet_hbond.range_id_1 
_pdbx_struct_sheet_hbond.range_id_2 
_pdbx_struct_sheet_hbond.range_1_label_atom_id 
_pdbx_struct_sheet_hbond.range_1_label_comp_id 
_pdbx_struct_sheet_hbond.range_1_label_asym_id 
_pdbx_struct_sheet_hbond.range_1_label_seq_id 
_pdbx_struct_sheet_hbond.range_1_PDB_ins_code 
_pdbx_struct_sheet_hbond.range_1_auth_atom_id 
_pdbx_struct_sheet_hbond.range_1_auth_comp_id 
_pdbx_struct_sheet_hbond.range_1_auth_asym_id 
_pdbx_struct_sheet_hbond.range_1_auth_seq_id 
_pdbx_struct_sheet_hbond.range_2_label_atom_id 
_pdbx_struct_sheet_hbond.range_2_label_comp_id 
_pdbx_struct_sheet_hbond.range_2_label_asym_id 
_pdbx_struct_sheet_hbond.range_2_label_seq_id 
_pdbx_struct_sheet_hbond.range_2_PDB_ins_code 
_pdbx_struct_sheet_hbond.range_2_auth_atom_id 
_pdbx_struct_sheet_hbond.range_2_auth_comp_id 
_pdbx_struct_sheet_hbond.range_2_auth_asym_id 
_pdbx_struct_sheet_hbond.range_2_auth_seq_id 
AA1 1 2 N HIS A 26 ? N HIS A 231 O GLU A 47 ? O GLU A 252 
AA1 2 3 N TYR A 40 ? N TYR A 245 O GLU A 76 ? O GLU A 281 
# 
loop_
_struct_site.id 
_struct_site.pdbx_evidence_code 
_struct_site.pdbx_auth_asym_id 
_struct_site.pdbx_auth_comp_id 
_struct_site.pdbx_auth_seq_id 
_struct_site.pdbx_auth_ins_code 
_struct_site.pdbx_num_residues 
_struct_site.details 
AC1 Software A ZN  401 ? 4 'binding site for residue ZN A 401'  
AC2 Software A SO4 402 ? 5 'binding site for residue SO4 A 402' 
AC3 Software A SO4 403 ? 6 'binding site for residue SO4 A 403' 
# 
loop_
_struct_site_gen.id 
_struct_site_gen.site_id 
_struct_site_gen.pdbx_num_res 
_struct_site_gen.label_comp_id 
_struct_site_gen.label_asym_id 
_struct_site_gen.label_seq_id 
_struct_site_gen.pdbx_auth_ins_code 
_struct_site_gen.auth_comp_id 
_struct_site_gen.auth_asym_id 
_struct_site_gen.auth_seq_id 
_struct_site_gen.label_atom_id 
_struct_site_gen.label_alt_id 
_struct_site_gen.symmetry 
_struct_site_gen.details 
1  AC1 4 HIS A 29 ? HIS A 234 . ? 1_555  ? 
2  AC1 4 ASP A 45 ? ASP A 250 . ? 1_555  ? 
3  AC1 4 GLU A 83 ? GLU A 288 . ? 1_555  ? 
4  AC1 4 GLU A 89 ? GLU A 294 . ? 1_555  ? 
5  AC2 5 ARG A 6  ? ARG A 211 . ? 6_556  ? 
6  AC2 5 HIS A 26 ? HIS A 231 . ? 1_555  ? 
7  AC2 5 HIS A 26 ? HIS A 231 . ? 4_556  ? 
8  AC2 5 ASN A 27 ? ASN A 232 . ? 4_556  ? 
9  AC2 5 ASN A 27 ? ASN A 232 . ? 1_555  ? 
10 AC3 6 ILE A 80 ? ILE A 285 . ? 17_555 ? 
11 AC3 6 HIS A 81 ? HIS A 286 . ? 1_555  ? 
12 AC3 6 HIS A 81 ? HIS A 286 . ? 17_555 ? 
13 AC3 6 VAL A 82 ? VAL A 287 . ? 1_555  ? 
14 AC3 6 VAL A 82 ? VAL A 287 . ? 17_555 ? 
15 AC3 6 HOH E .  ? HOH A 501 . ? 1_555  ? 
# 
_atom_sites.entry_id                    6VDA 
_atom_sites.Cartn_transf_matrix[1][1]   ? 
_atom_sites.Cartn_transf_matrix[1][2]   ? 
_atom_sites.Cartn_transf_matrix[1][3]   ? 
_atom_sites.Cartn_transf_matrix[2][1]   ? 
_atom_sites.Cartn_transf_matrix[2][2]   ? 
_atom_sites.Cartn_transf_matrix[2][3]   ? 
_atom_sites.Cartn_transf_matrix[3][1]   ? 
_atom_sites.Cartn_transf_matrix[3][2]   ? 
_atom_sites.Cartn_transf_matrix[3][3]   ? 
_atom_sites.Cartn_transf_vector[1]      ? 
_atom_sites.Cartn_transf_vector[2]      ? 
_atom_sites.Cartn_transf_vector[3]      ? 
_atom_sites.fract_transf_matrix[1][1]   -0.00413328 
_atom_sites.fract_transf_matrix[1][2]   0.01091755 
_atom_sites.fract_transf_matrix[1][3]   0.00205204 
_atom_sites.fract_transf_matrix[2][1]   0.00688952 
_atom_sites.fract_transf_matrix[2][2]   0.00942615 
_atom_sites.fract_transf_matrix[2][3]   -0.00204345 
_atom_sites.fract_transf_matrix[3][1]   -0.00407243 
_atom_sites.fract_transf_matrix[3][2]   0.00055646 
_atom_sites.fract_transf_matrix[3][3]   -0.01116336 
_atom_sites.fract_transf_vector[1]      0.111832 
_atom_sites.fract_transf_vector[2]      0.198525 
_atom_sites.fract_transf_vector[3]      0.376396 
_atom_sites.solution_primary            ? 
_atom_sites.solution_secondary          ? 
_atom_sites.solution_hydrogens          ? 
_atom_sites.special_details             ? 
# 
loop_
_atom_type.symbol 
C  
N  
O  
S  
ZN 
# 
loop_
_atom_site.group_PDB 
_atom_site.id 
_atom_site.type_symbol 
_atom_site.label_atom_id 
_atom_site.label_alt_id 
_atom_site.label_comp_id 
_atom_site.label_asym_id 
_atom_site.label_entity_id 
_atom_site.label_seq_id 
_atom_site.pdbx_PDB_ins_code 
_atom_site.Cartn_x 
_atom_site.Cartn_y 
_atom_site.Cartn_z 
_atom_site.occupancy 
_atom_site.B_iso_or_equiv 
_atom_site.pdbx_formal_charge 
_atom_site.auth_seq_id 
_atom_site.auth_comp_id 
_atom_site.auth_asym_id 
_atom_site.auth_atom_id 
_atom_site.pdbx_PDB_model_num 
ATOM   1   N  N   . MET A 1 4  ? 6.344   -11.203 -15.225 1.00 99.84  ? 209 MET A N   1 
ATOM   2   C  CA  . MET A 1 4  ? 5.292   -11.592 -14.227 1.00 98.19  ? 209 MET A CA  1 
ATOM   3   C  C   . MET A 1 4  ? 5.182   -13.130 -14.153 1.00 98.95  ? 209 MET A C   1 
ATOM   4   O  O   . MET A 1 4  ? 5.528   -13.823 -15.158 1.00 93.28  ? 209 MET A O   1 
ATOM   5   C  CB  . MET A 1 4  ? 3.940   -10.964 -14.602 1.00 98.39  ? 209 MET A CB  1 
ATOM   6   C  CG  . MET A 1 4  ? 2.790   -11.229 -13.621 1.00 97.39  ? 209 MET A CG  1 
ATOM   7   S  SD  . MET A 1 4  ? 2.933   -10.401 -11.996 1.00 100.32 ? 209 MET A SD  1 
ATOM   8   C  CE  . MET A 1 4  ? 2.441   -8.723  -12.388 1.00 96.60  ? 209 MET A CE  1 
ATOM   9   N  N   . LYS A 1 5  ? 4.792   -13.622 -12.967 1.00 97.03  ? 210 LYS A N   1 
ATOM   10  C  CA  A LYS A 1 5  ? 4.489   -15.052 -12.675 0.50 99.67  ? 210 LYS A CA  1 
ATOM   11  C  CA  B LYS A 1 5  ? 4.481   -15.053 -12.682 0.50 101.58 ? 210 LYS A CA  1 
ATOM   12  C  C   . LYS A 1 5  ? 3.291   -15.106 -11.713 1.00 98.18  ? 210 LYS A C   1 
ATOM   13  O  O   . LYS A 1 5  ? 2.985   -14.062 -11.110 1.00 90.45  ? 210 LYS A O   1 
ATOM   14  C  CB  A LYS A 1 5  ? 5.717   -15.762 -12.093 0.50 98.91  ? 210 LYS A CB  1 
ATOM   15  C  CB  B LYS A 1 5  ? 5.705   -15.783 -12.114 0.50 103.38 ? 210 LYS A CB  1 
ATOM   16  C  CG  A LYS A 1 5  ? 6.420   -15.019 -10.963 0.50 95.35  ? 210 LYS A CG  1 
ATOM   17  C  CG  B LYS A 1 5  ? 6.849   -15.980 -13.100 0.50 108.83 ? 210 LYS A CG  1 
ATOM   18  C  CD  A LYS A 1 5  ? 7.480   -15.840 -10.264 0.50 96.17  ? 210 LYS A CD  1 
ATOM   19  C  CD  B LYS A 1 5  ? 8.031   -16.752 -12.540 0.50 112.49 ? 210 LYS A CD  1 
ATOM   20  C  CE  A LYS A 1 5  ? 8.027   -15.171 -9.023  0.50 91.60  ? 210 LYS A CE  1 
ATOM   21  C  CE  B LYS A 1 5  ? 9.092   -17.039 -13.583 0.50 116.56 ? 210 LYS A CE  1 
ATOM   22  N  NZ  A LYS A 1 5  ? 8.840   -16.110 -8.220  0.50 92.78  ? 210 LYS A NZ  1 
ATOM   23  N  NZ  B LYS A 1 5  ? 10.411  -17.322 -12.969 0.50 119.41 ? 210 LYS A NZ  1 
ATOM   24  N  N   . ARG A 1 6  ? 2.658   -16.283 -11.588 1.00 102.44 ? 211 ARG A N   1 
ATOM   25  C  CA  . ARG A 1 6  ? 1.377   -16.481 -10.845 1.00 102.43 ? 211 ARG A CA  1 
ATOM   26  C  C   . ARG A 1 6  ? 1.521   -16.046 -9.377  1.00 100.22 ? 211 ARG A C   1 
ATOM   27  O  O   . ARG A 1 6  ? 0.634   -15.319 -8.870  1.00 93.55  ? 211 ARG A O   1 
ATOM   28  C  CB  . ARG A 1 6  ? 0.911   -17.938 -10.954 1.00 106.39 ? 211 ARG A CB  1 
ATOM   29  C  CG  . ARG A 1 6  ? -0.589  -18.114 -10.763 1.00 106.41 ? 211 ARG A CG  1 
ATOM   30  C  CD  . ARG A 1 6  ? -1.040  -19.561 -10.697 1.00 109.56 ? 211 ARG A CD  1 
ATOM   31  N  NE  . ARG A 1 6  ? -1.380  -20.148 -11.990 1.00 110.52 ? 211 ARG A NE  1 
ATOM   32  C  CZ  . ARG A 1 6  ? -0.654  -21.055 -12.644 1.00 114.49 ? 211 ARG A CZ  1 
ATOM   33  N  NH1 . ARG A 1 6  ? 0.490   -21.500 -12.149 1.00 116.23 ? 211 ARG A NH1 1 
ATOM   34  N  NH2 . ARG A 1 6  ? -1.080  -21.521 -13.805 1.00 117.95 ? 211 ARG A NH2 1 
ATOM   35  N  N   . THR A 1 7  ? 2.593   -16.462 -8.703  1.00 103.84 ? 212 THR A N   1 
ATOM   36  C  CA  . THR A 1 7  ? 2.826   -16.135 -7.268  1.00 104.51 ? 212 THR A CA  1 
ATOM   37  C  C   . THR A 1 7  ? 2.922   -14.613 -7.092  1.00 102.08 ? 212 THR A C   1 
ATOM   38  O  O   . THR A 1 7  ? 2.371   -14.104 -6.098  1.00 104.76 ? 212 THR A O   1 
ATOM   39  C  CB  . THR A 1 7  ? 4.046   -16.873 -6.700  1.00 106.88 ? 212 THR A CB  1 
ATOM   40  O  OG1 . THR A 1 7  ? 4.230   -16.329 -5.396  1.00 106.42 ? 212 THR A OG1 1 
ATOM   41  C  CG2 . THR A 1 7  ? 5.310   -16.721 -7.520  1.00 109.79 ? 212 THR A CG2 1 
ATOM   42  N  N   . GLU A 1 8  ? 3.560   -13.917 -8.036  1.00 103.64 ? 213 GLU A N   1 
ATOM   43  C  CA  . GLU A 1 8  ? 3.740   -12.438 -8.030  1.00 102.67 ? 213 GLU A CA  1 
ATOM   44  C  C   . GLU A 1 8  ? 2.371   -11.739 -8.142  1.00 97.86  ? 213 GLU A C   1 
ATOM   45  O  O   . GLU A 1 8  ? 2.254   -10.606 -7.648  1.00 91.01  ? 213 GLU A O   1 
ATOM   46  C  CB  . GLU A 1 8  ? 4.692   -12.046 -9.163  1.00 105.92 ? 213 GLU A CB  1 
ATOM   47  C  CG  . GLU A 1 8  ? 5.251   -10.642 -9.051  1.00 105.42 ? 213 GLU A CG  1 
ATOM   48  C  CD  . GLU A 1 8  ? 6.144   -10.242 -10.213 1.00 109.26 ? 213 GLU A CD  1 
ATOM   49  O  OE1 . GLU A 1 8  ? 6.344   -9.027  -10.411 1.00 108.50 ? 213 GLU A OE1 1 
ATOM   50  O  OE2 . GLU A 1 8  ? 6.639   -11.147 -10.917 1.00 116.20 ? 213 GLU A OE2 1 
ATOM   51  N  N   . LEU A 1 9  ? 1.375   -12.409 -8.737  1.00 99.99  ? 214 LEU A N   1 
ATOM   52  C  CA  . LEU A 1 9  ? -0.010  -11.896 -8.942  1.00 97.41  ? 214 LEU A CA  1 
ATOM   53  C  C   . LEU A 1 9  ? -0.817  -12.006 -7.651  1.00 97.81  ? 214 LEU A C   1 
ATOM   54  O  O   . LEU A 1 9  ? -1.461  -11.000 -7.295  1.00 92.01  ? 214 LEU A O   1 
ATOM   55  C  CB  . LEU A 1 9  ? -0.672  -12.716 -10.055 1.00 98.81  ? 214 LEU A CB  1 
ATOM   56  C  CG  . LEU A 1 9  ? -1.983  -12.149 -10.593 1.00 95.34  ? 214 LEU A CG  1 
ATOM   57  C  CD1 . LEU A 1 9  ? -1.720  -10.897 -11.418 1.00 91.45  ? 214 LEU A CD1 1 
ATOM   58  C  CD2 . LEU A 1 9  ? -2.726  -13.195 -11.409 1.00 98.90  ? 214 LEU A CD2 1 
ATOM   59  N  N   . ASP A 1 10 ? -0.807  -13.188 -7.015  1.00 100.20 ? 215 ASP A N   1 
ATOM   60  C  CA  . ASP A 1 10 ? -1.494  -13.465 -5.731  1.00 99.41  ? 215 ASP A CA  1 
ATOM   61  C  C   . ASP A 1 10 ? -1.207  -12.284 -4.789  1.00 90.63  ? 215 ASP A C   1 
ATOM   62  O  O   . ASP A 1 10 ? -2.152  -11.751 -4.194  1.00 85.46  ? 215 ASP A O   1 
ATOM   63  C  CB  . ASP A 1 10 ? -1.076  -14.804 -5.110  1.00 104.68 ? 215 ASP A CB  1 
ATOM   64  C  CG  . ASP A 1 10 ? -2.228  -15.475 -4.372  1.00 109.83 ? 215 ASP A CG  1 
ATOM   65  O  OD1 . ASP A 1 10 ? -3.221  -15.847 -5.049  1.00 118.66 ? 215 ASP A OD1 1 
ATOM   66  O  OD2 . ASP A 1 10 ? -2.156  -15.544 -3.093  1.00 111.72 ? 215 ASP A OD2 1 
ATOM   67  N  N   . MET A 1 11 ? 0.057   -11.857 -4.719  1.00 89.16  ? 216 MET A N   1 
ATOM   68  C  CA  . MET A 1 11 ? 0.529   -10.802 -3.778  1.00 90.98  ? 216 MET A CA  1 
ATOM   69  C  C   . MET A 1 11 ? -0.099  -9.445  -4.131  1.00 89.41  ? 216 MET A C   1 
ATOM   70  O  O   . MET A 1 11 ? -0.635  -8.804  -3.198  1.00 86.91  ? 216 MET A O   1 
ATOM   71  C  CB  . MET A 1 11 ? 2.054   -10.667 -3.798  1.00 94.58  ? 216 MET A CB  1 
ATOM   72  C  CG  . MET A 1 11 ? 2.565   -9.481  -2.986  1.00 93.95  ? 216 MET A CG  1 
ATOM   73  S  SD  . MET A 1 11 ? 2.092   -9.545  -1.241  1.00 97.64  ? 216 MET A SD  1 
ATOM   74  C  CE  . MET A 1 11 ? 3.411   -10.588 -0.621  1.00 97.17  ? 216 MET A CE  1 
ATOM   75  N  N   . TYR A 1 12 ? -0.013  -9.004  -5.397  1.00 86.12  ? 217 TYR A N   1 
ATOM   76  C  CA  . TYR A 1 12 ? -0.608  -7.716  -5.857  1.00 83.40  ? 217 TYR A CA  1 
ATOM   77  C  C   . TYR A 1 12 ? -2.106  -7.754  -5.553  1.00 82.86  ? 217 TYR A C   1 
ATOM   78  O  O   . TYR A 1 12 ? -2.632  -6.727  -5.109  1.00 83.30  ? 217 TYR A O   1 
ATOM   79  C  CB  . TYR A 1 12 ? -0.324  -7.414  -7.337  1.00 81.49  ? 217 TYR A CB  1 
ATOM   80  C  CG  . TYR A 1 12 ? 1.056   -6.874  -7.613  1.00 81.56  ? 217 TYR A CG  1 
ATOM   81  C  CD1 . TYR A 1 12 ? 1.481   -5.676  -7.061  1.00 81.13  ? 217 TYR A CD1 1 
ATOM   82  C  CD2 . TYR A 1 12 ? 1.953   -7.561  -8.415  1.00 88.35  ? 217 TYR A CD2 1 
ATOM   83  C  CE1 . TYR A 1 12 ? 2.753   -5.178  -7.293  1.00 83.10  ? 217 TYR A CE1 1 
ATOM   84  C  CE2 . TYR A 1 12 ? 3.231   -7.077  -8.660  1.00 91.39  ? 217 TYR A CE2 1 
ATOM   85  C  CZ  . TYR A 1 12 ? 3.632   -5.875  -8.103  1.00 89.38  ? 217 TYR A CZ  1 
ATOM   86  O  OH  . TYR A 1 12 ? 4.888   -5.385  -8.335  1.00 93.21  ? 217 TYR A OH  1 
ATOM   87  N  N   . ASP A 1 13 ? -2.745  -8.915  -5.739  1.00 87.28  ? 218 ASP A N   1 
ATOM   88  C  CA  . ASP A 1 13 ? -4.200  -9.116  -5.498  1.00 91.10  ? 218 ASP A CA  1 
ATOM   89  C  C   . ASP A 1 13 ? -4.489  -8.804  -4.026  1.00 90.58  ? 218 ASP A C   1 
ATOM   90  O  O   . ASP A 1 13 ? -5.394  -7.997  -3.779  1.00 98.78  ? 218 ASP A O   1 
ATOM   91  C  CB  . ASP A 1 13 ? -4.667  -10.516 -5.921  1.00 94.18  ? 218 ASP A CB  1 
ATOM   92  C  CG  . ASP A 1 13 ? -4.825  -10.704 -7.426  1.00 98.26  ? 218 ASP A CG  1 
ATOM   93  O  OD1 . ASP A 1 13 ? -4.978  -9.696  -8.137  1.00 99.02  ? 218 ASP A OD1 1 
ATOM   94  O  OD2 . ASP A 1 13 ? -4.804  -11.864 -7.882  1.00 102.27 ? 218 ASP A OD2 1 
ATOM   95  N  N   . ASP A 1 14 ? -3.712  -9.371  -3.098  1.00 93.23  ? 219 ASP A N   1 
ATOM   96  C  CA  . ASP A 1 14 ? -3.894  -9.212  -1.625  1.00 94.60  ? 219 ASP A CA  1 
ATOM   97  C  C   . ASP A 1 14 ? -3.654  -7.750  -1.209  1.00 88.91  ? 219 ASP A C   1 
ATOM   98  O  O   . ASP A 1 14 ? -4.403  -7.257  -0.350  1.00 87.43  ? 219 ASP A O   1 
ATOM   99  C  CB  . ASP A 1 14 ? -2.996  -10.182 -0.847  1.00 96.43  ? 219 ASP A CB  1 
ATOM   100 C  CG  . ASP A 1 14 ? -3.330  -11.645 -1.100  1.00 102.12 ? 219 ASP A CG  1 
ATOM   101 O  OD1 . ASP A 1 14 ? -4.091  -11.919 -2.053  1.00 106.23 ? 219 ASP A OD1 1 
ATOM   102 O  OD2 . ASP A 1 14 ? -2.832  -12.503 -0.347  1.00 101.15 ? 219 ASP A OD2 1 
ATOM   103 N  N   . ILE A 1 15 ? -2.642  -7.087  -1.779  1.00 88.24  ? 220 ILE A N   1 
ATOM   104 C  CA  . ILE A 1 15 ? -2.298  -5.662  -1.482  1.00 86.16  ? 220 ILE A CA  1 
ATOM   105 C  C   . ILE A 1 15 ? -3.496  -4.792  -1.880  1.00 84.61  ? 220 ILE A C   1 
ATOM   106 O  O   . ILE A 1 15 ? -4.047  -4.100  -1.011  1.00 80.09  ? 220 ILE A O   1 
ATOM   107 C  CB  . ILE A 1 15 ? -1.016  -5.226  -2.222  1.00 88.05  ? 220 ILE A CB  1 
ATOM   108 C  CG1 . ILE A 1 15 ? 0.215   -6.014  -1.764  1.00 88.28  ? 220 ILE A CG1 1 
ATOM   109 C  CG2 . ILE A 1 15 ? -0.806  -3.724  -2.096  1.00 87.88  ? 220 ILE A CG2 1 
ATOM   110 C  CD1 . ILE A 1 15 ? 1.395   -5.912  -2.708  1.00 90.31  ? 220 ILE A CD1 1 
ATOM   111 N  N   . PHE A 1 16 ? -3.893  -4.852  -3.153  1.00 85.38  ? 221 PHE A N   1 
ATOM   112 C  CA  . PHE A 1 16 ? -5.043  -4.087  -3.702  1.00 85.16  ? 221 PHE A CA  1 
ATOM   113 C  C   . PHE A 1 16 ? -6.315  -4.465  -2.936  1.00 84.92  ? 221 PHE A C   1 
ATOM   114 O  O   . PHE A 1 16 ? -7.161  -3.585  -2.727  1.00 87.06  ? 221 PHE A O   1 
ATOM   115 C  CB  . PHE A 1 16 ? -5.154  -4.284  -5.216  1.00 85.52  ? 221 PHE A CB  1 
ATOM   116 C  CG  . PHE A 1 16 ? -4.278  -3.356  -6.014  1.00 83.63  ? 221 PHE A CG  1 
ATOM   117 C  CD1 . PHE A 1 16 ? -4.686  -2.058  -6.281  1.00 86.48  ? 221 PHE A CD1 1 
ATOM   118 C  CD2 . PHE A 1 16 ? -3.039  -3.765  -6.475  1.00 85.63  ? 221 PHE A CD2 1 
ATOM   119 C  CE1 . PHE A 1 16 ? -3.881  -1.198  -7.012  1.00 85.88  ? 221 PHE A CE1 1 
ATOM   120 C  CE2 . PHE A 1 16 ? -2.230  -2.901  -7.200  1.00 87.61  ? 221 PHE A CE2 1 
ATOM   121 C  CZ  . PHE A 1 16 ? -2.656  -1.622  -7.472  1.00 86.59  ? 221 PHE A CZ  1 
ATOM   122 N  N   . ALA A 1 17 ? -6.430  -5.724  -2.505  1.00 86.17  ? 222 ALA A N   1 
ATOM   123 C  CA  . ALA A 1 17 ? -7.580  -6.232  -1.721  1.00 88.00  ? 222 ALA A CA  1 
ATOM   124 C  C   . ALA A 1 17 ? -7.664  -5.475  -0.390  1.00 84.75  ? 222 ALA A C   1 
ATOM   125 O  O   . ALA A 1 17 ? -8.766  -5.068  -0.021  1.00 89.74  ? 222 ALA A O   1 
ATOM   126 C  CB  . ALA A 1 17 ? -7.468  -7.726  -1.521  1.00 90.75  ? 222 ALA A CB  1 
ATOM   127 N  N   . VAL A 1 18 ? -6.535  -5.263  0.287   1.00 86.23  ? 223 VAL A N   1 
ATOM   128 C  CA  . VAL A 1 18 ? -6.470  -4.521  1.587   1.00 88.67  ? 223 VAL A CA  1 
ATOM   129 C  C   . VAL A 1 18 ? -6.778  -3.027  1.386   1.00 86.46  ? 223 VAL A C   1 
ATOM   130 O  O   . VAL A 1 18 ? -7.451  -2.452  2.256   1.00 89.77  ? 223 VAL A O   1 
ATOM   131 C  CB  . VAL A 1 18 ? -5.111  -4.704  2.287   1.00 90.35  ? 223 VAL A CB  1 
ATOM   132 C  CG1 . VAL A 1 18 ? -5.001  -3.805  3.513   1.00 90.57  ? 223 VAL A CG1 1 
ATOM   133 C  CG2 . VAL A 1 18 ? -4.858  -6.160  2.661   1.00 91.27  ? 223 VAL A CG2 1 
ATOM   134 N  N   . LEU A 1 19 ? -6.285  -2.399  0.315   1.00 82.34  ? 224 LEU A N   1 
ATOM   135 C  CA  . LEU A 1 19 ? -6.470  -0.939  0.086   1.00 78.61  ? 224 LEU A CA  1 
ATOM   136 C  C   . LEU A 1 19 ? -7.955  -0.623  -0.127  1.00 79.26  ? 224 LEU A C   1 
ATOM   137 O  O   . LEU A 1 19 ? -8.393  0.432   0.360   1.00 74.10  ? 224 LEU A O   1 
ATOM   138 C  CB  . LEU A 1 19 ? -5.635  -0.497  -1.117  1.00 76.45  ? 224 LEU A CB  1 
ATOM   139 C  CG  . LEU A 1 19 ? -4.122  -0.550  -0.913  1.00 75.79  ? 224 LEU A CG  1 
ATOM   140 C  CD1 . LEU A 1 19 ? -3.408  -0.301  -2.229  1.00 76.69  ? 224 LEU A CD1 1 
ATOM   141 C  CD2 . LEU A 1 19 ? -3.665  0.440   0.152   1.00 73.31  ? 224 LEU A CD2 1 
ATOM   142 N  N   . GLU A 1 20 ? -8.693  -1.512  -0.804  1.00 83.59  ? 225 GLU A N   1 
ATOM   143 C  CA  . GLU A 1 20 ? -10.150 -1.368  -1.086  1.00 88.62  ? 225 GLU A CA  1 
ATOM   144 C  C   . GLU A 1 20 ? -10.930 -1.198  0.223   1.00 90.45  ? 225 GLU A C   1 
ATOM   145 O  O   . GLU A 1 20 ? -12.035 -0.632  0.186   1.00 94.60  ? 225 GLU A O   1 
ATOM   146 C  CB  . GLU A 1 20 ? -10.683 -2.581  -1.853  1.00 94.64  ? 225 GLU A CB  1 
ATOM   147 C  CG  . GLU A 1 20 ? -10.400 -2.538  -3.346  1.00 96.83  ? 225 GLU A CG  1 
ATOM   148 C  CD  . GLU A 1 20 ? -11.105 -3.619  -4.150  1.00 103.65 ? 225 GLU A CD  1 
ATOM   149 O  OE1 . GLU A 1 20 ? -11.666 -4.550  -3.537  1.00 108.27 ? 225 GLU A OE1 1 
ATOM   150 O  OE2 . GLU A 1 20 ? -11.096 -3.526  -5.391  1.00 112.09 ? 225 GLU A OE2 1 
ATOM   151 N  N   . ARG A 1 21 ? -10.380 -1.694  1.331   1.00 91.59  ? 226 ARG A N   1 
ATOM   152 C  CA  . ARG A 1 21 ? -10.955 -1.594  2.698   1.00 94.17  ? 226 ARG A CA  1 
ATOM   153 C  C   . ARG A 1 21 ? -11.051 -0.124  3.133   1.00 90.72  ? 226 ARG A C   1 
ATOM   154 O  O   . ARG A 1 21 ? -11.904 0.178   3.996   1.00 87.83  ? 226 ARG A O   1 
ATOM   155 C  CB  . ARG A 1 21 ? -10.085 -2.393  3.679   1.00 96.60  ? 226 ARG A CB  1 
ATOM   156 C  CG  . ARG A 1 21 ? -10.839 -2.976  4.861   1.00 98.66  ? 226 ARG A CG  1 
ATOM   157 C  CD  . ARG A 1 21 ? -10.005 -3.968  5.646   1.00 100.95 ? 226 ARG A CD  1 
ATOM   158 N  NE  . ARG A 1 21 ? -10.081 -5.335  5.134   1.00 100.89 ? 226 ARG A NE  1 
ATOM   159 C  CZ  . ARG A 1 21 ? -9.904  -6.438  5.868   1.00 100.93 ? 226 ARG A CZ  1 
ATOM   160 N  NH1 . ARG A 1 21 ? -9.650  -6.352  7.164   1.00 100.89 ? 226 ARG A NH1 1 
ATOM   161 N  NH2 . ARG A 1 21 ? -9.992  -7.631  5.304   1.00 102.32 ? 226 ARG A NH2 1 
ATOM   162 N  N   . PHE A 1 22 ? -10.211 0.747   2.559   1.00 86.57  ? 227 PHE A N   1 
ATOM   163 C  CA  . PHE A 1 22 ? -10.008 2.158   2.987   1.00 86.72  ? 227 PHE A CA  1 
ATOM   164 C  C   . PHE A 1 22 ? -10.655 3.115   1.988   1.00 87.06  ? 227 PHE A C   1 
ATOM   165 O  O   . PHE A 1 22 ? -10.172 3.273   0.868   1.00 85.07  ? 227 PHE A O   1 
ATOM   166 C  CB  . PHE A 1 22 ? -8.512  2.441   3.145   1.00 83.14  ? 227 PHE A CB  1 
ATOM   167 C  CG  . PHE A 1 22 ? -7.866  1.703   4.289   1.00 81.19  ? 227 PHE A CG  1 
ATOM   168 C  CD1 . PHE A 1 22 ? -7.908  2.217   5.574   1.00 82.83  ? 227 PHE A CD1 1 
ATOM   169 C  CD2 . PHE A 1 22 ? -7.219  0.495   4.080   1.00 82.54  ? 227 PHE A CD2 1 
ATOM   170 C  CE1 . PHE A 1 22 ? -7.318  1.534   6.626   1.00 86.14  ? 227 PHE A CE1 1 
ATOM   171 C  CE2 . PHE A 1 22 ? -6.626  -0.186  5.131   1.00 81.74  ? 227 PHE A CE2 1 
ATOM   172 C  CZ  . PHE A 1 22 ? -6.675  0.337   6.403   1.00 84.83  ? 227 PHE A CZ  1 
ATOM   173 N  N   . PRO A 1 23 ? -11.751 3.804   2.378   1.00 89.36  ? 228 PRO A N   1 
ATOM   174 C  CA  . PRO A 1 23 ? -12.539 4.602   1.435   1.00 90.66  ? 228 PRO A CA  1 
ATOM   175 C  C   . PRO A 1 23 ? -11.864 5.901   0.969   1.00 87.22  ? 228 PRO A C   1 
ATOM   176 O  O   . PRO A 1 23 ? -12.153 6.343   -0.116  1.00 85.98  ? 228 PRO A O   1 
ATOM   177 C  CB  . PRO A 1 23 ? -13.821 4.934   2.219   1.00 92.07  ? 228 PRO A CB  1 
ATOM   178 C  CG  . PRO A 1 23 ? -13.410 4.860   3.676   1.00 92.23  ? 228 PRO A CG  1 
ATOM   179 C  CD  . PRO A 1 23 ? -12.289 3.842   3.745   1.00 90.29  ? 228 PRO A CD  1 
ATOM   180 N  N   . ASN A 1 24 ? -11.002 6.478   1.804   1.00 87.90  ? 229 ASN A N   1 
ATOM   181 C  CA  . ASN A 1 24 ? -10.316 7.774   1.544   1.00 89.94  ? 229 ASN A CA  1 
ATOM   182 C  C   . ASN A 1 24 ? -8.939  7.525   0.891   1.00 83.75  ? 229 ASN A C   1 
ATOM   183 O  O   . ASN A 1 24 ? -8.241  8.517   0.597   1.00 79.56  ? 229 ASN A O   1 
ATOM   184 C  CB  . ASN A 1 24 ? -10.251 8.627   2.819   1.00 94.90  ? 229 ASN A CB  1 
ATOM   185 C  CG  . ASN A 1 24 ? -9.917  7.845   4.076   1.00 99.95  ? 229 ASN A CG  1 
ATOM   186 O  OD1 . ASN A 1 24 ? -9.454  6.703   4.011   1.00 98.72  ? 229 ASN A OD1 1 
ATOM   187 N  ND2 . ASN A 1 24 ? -10.166 8.452   5.228   1.00 101.79 ? 229 ASN A ND2 1 
ATOM   188 N  N   . VAL A 1 25 ? -8.564  6.261   0.644   1.00 77.97  ? 230 VAL A N   1 
ATOM   189 C  CA  . VAL A 1 25 ? -7.380  5.896   -0.195  1.00 76.86  ? 230 VAL A CA  1 
ATOM   190 C  C   . VAL A 1 25 ? -7.810  5.921   -1.663  1.00 76.83  ? 230 VAL A C   1 
ATOM   191 O  O   . VAL A 1 25 ? -8.827  5.293   -1.983  1.00 80.15  ? 230 VAL A O   1 
ATOM   192 C  CB  . VAL A 1 25 ? -6.791  4.528   0.184   1.00 74.83  ? 230 VAL A CB  1 
ATOM   193 C  CG1 . VAL A 1 25 ? -5.839  4.015   -0.882  1.00 75.09  ? 230 VAL A CG1 1 
ATOM   194 C  CG2 . VAL A 1 25 ? -6.108  4.579   1.537   1.00 75.21  ? 230 VAL A CG2 1 
ATOM   195 N  N   . HIS A 1 26 ? -7.083  6.648   -2.510  1.00 73.78  ? 231 HIS A N   1 
ATOM   196 C  CA  . HIS A 1 26 ? -7.406  6.806   -3.951  1.00 73.89  ? 231 HIS A CA  1 
ATOM   197 C  C   . HIS A 1 26 ? -6.169  6.524   -4.808  1.00 71.63  ? 231 HIS A C   1 
ATOM   198 O  O   . HIS A 1 26 ? -5.039  6.717   -4.311  1.00 66.45  ? 231 HIS A O   1 
ATOM   199 C  CB  . HIS A 1 26 ? -8.014  8.192   -4.206  1.00 76.32  ? 231 HIS A CB  1 
ATOM   200 C  CG  . HIS A 1 26 ? -9.349  8.359   -3.566  1.00 76.98  ? 231 HIS A CG  1 
ATOM   201 N  ND1 . HIS A 1 26 ? -10.475 7.723   -4.041  1.00 77.12  ? 231 HIS A ND1 1 
ATOM   202 C  CD2 . HIS A 1 26 ? -9.732  9.049   -2.470  1.00 76.08  ? 231 HIS A CD2 1 
ATOM   203 C  CE1 . HIS A 1 26 ? -11.498 8.026   -3.276  1.00 77.95  ? 231 HIS A CE1 1 
ATOM   204 N  NE2 . HIS A 1 26 ? -11.064 8.830   -2.297  1.00 76.66  ? 231 HIS A NE2 1 
ATOM   205 N  N   . ASN A 1 27 ? -6.401  6.027   -6.025  1.00 71.23  ? 232 ASN A N   1 
ATOM   206 C  CA  . ASN A 1 27 ? -5.399  5.910   -7.113  1.00 71.41  ? 232 ASN A CA  1 
ATOM   207 C  C   . ASN A 1 27 ? -4.086  5.349   -6.575  1.00 71.38  ? 232 ASN A C   1 
ATOM   208 O  O   . ASN A 1 27 ? -3.039  5.972   -6.730  1.00 72.21  ? 232 ASN A O   1 
ATOM   209 C  CB  . ASN A 1 27 ? -5.157  7.266   -7.776  1.00 70.80  ? 232 ASN A CB  1 
ATOM   210 C  CG  . ASN A 1 27 ? -4.398  7.144   -9.080  1.00 71.31  ? 232 ASN A CG  1 
ATOM   211 O  OD1 . ASN A 1 27 ? -3.664  8.050   -9.472  1.00 69.58  ? 232 ASN A OD1 1 
ATOM   212 N  ND2 . ASN A 1 27 ? -4.572  6.025   -9.759  1.00 66.05  ? 232 ASN A ND2 1 
ATOM   213 N  N   . PRO A 1 28 ? -4.085  4.165   -5.924  1.00 72.92  ? 233 PRO A N   1 
ATOM   214 C  CA  . PRO A 1 28 ? -2.830  3.502   -5.574  1.00 72.86  ? 233 PRO A CA  1 
ATOM   215 C  C   . PRO A 1 28 ? -2.038  3.240   -6.864  1.00 74.07  ? 233 PRO A C   1 
ATOM   216 O  O   . PRO A 1 28 ? -2.629  2.748   -7.815  1.00 73.42  ? 233 PRO A O   1 
ATOM   217 C  CB  . PRO A 1 28 ? -3.251  2.197   -4.888  1.00 73.22  ? 233 PRO A CB  1 
ATOM   218 C  CG  . PRO A 1 28 ? -4.695  1.982   -5.343  1.00 76.86  ? 233 PRO A CG  1 
ATOM   219 C  CD  . PRO A 1 28 ? -5.263  3.377   -5.527  1.00 77.25  ? 233 PRO A CD  1 
ATOM   220 N  N   . HIS A 1 29 ? -0.758  3.619   -6.881  1.00 72.80  ? 234 HIS A N   1 
ATOM   221 C  CA  . HIS A 1 29 ? 0.148   3.498   -8.059  1.00 75.83  ? 234 HIS A CA  1 
ATOM   222 C  C   . HIS A 1 29 ? 1.598   3.369   -7.586  1.00 72.99  ? 234 HIS A C   1 
ATOM   223 O  O   . HIS A 1 29 ? 1.844   3.586   -6.382  1.00 71.33  ? 234 HIS A O   1 
ATOM   224 C  CB  . HIS A 1 29 ? -0.046  4.685   -9.015  1.00 76.08  ? 234 HIS A CB  1 
ATOM   225 C  CG  . HIS A 1 29 ? 0.373   6.011   -8.468  1.00 77.35  ? 234 HIS A CG  1 
ATOM   226 N  ND1 . HIS A 1 29 ? -0.363  6.683   -7.510  1.00 75.94  ? 234 HIS A ND1 1 
ATOM   227 C  CD2 . HIS A 1 29 ? 1.425   6.812   -8.769  1.00 78.15  ? 234 HIS A CD2 1 
ATOM   228 C  CE1 . HIS A 1 29 ? 0.225   7.834   -7.233  1.00 76.39  ? 234 HIS A CE1 1 
ATOM   229 N  NE2 . HIS A 1 29 ? 1.331   7.937   -7.990  1.00 75.82  ? 234 HIS A NE2 1 
ATOM   230 N  N   . ARG A 1 30 ? 2.511   3.054   -8.508  1.00 76.61  ? 235 ARG A N   1 
ATOM   231 C  CA  . ARG A 1 30 ? 3.939   2.736   -8.220  1.00 78.45  ? 235 ARG A CA  1 
ATOM   232 C  C   . ARG A 1 30 ? 3.984   1.676   -7.117  1.00 74.49  ? 235 ARG A C   1 
ATOM   233 O  O   . ARG A 1 30 ? 4.838   1.770   -6.205  1.00 74.17  ? 235 ARG A O   1 
ATOM   234 C  CB  . ARG A 1 30 ? 4.731   3.991   -7.837  1.00 81.45  ? 235 ARG A CB  1 
ATOM   235 C  CG  . ARG A 1 30 ? 5.136   4.843   -9.029  1.00 89.52  ? 235 ARG A CG  1 
ATOM   236 C  CD  . ARG A 1 30 ? 6.098   5.959   -8.662  1.00 94.84  ? 235 ARG A CD  1 
ATOM   237 N  NE  . ARG A 1 30 ? 6.240   6.918   -9.751  1.00 101.26 ? 235 ARG A NE  1 
ATOM   238 C  CZ  . ARG A 1 30 ? 7.012   8.003   -9.714  1.00 106.34 ? 235 ARG A CZ  1 
ATOM   239 N  NH1 . ARG A 1 30 ? 7.728   8.277   -8.635  1.00 108.87 ? 235 ARG A NH1 1 
ATOM   240 N  NH2 . ARG A 1 30 ? 7.061   8.811   -10.759 1.00 109.97 ? 235 ARG A NH2 1 
ATOM   241 N  N   . VAL A 1 31 ? 3.081   0.706   -7.204  1.00 71.30  ? 236 VAL A N   1 
ATOM   242 C  CA  . VAL A 1 31 ? 3.006   -0.421  -6.239  1.00 72.47  ? 236 VAL A CA  1 
ATOM   243 C  C   . VAL A 1 31 ? 4.055   -1.448  -6.656  1.00 75.47  ? 236 VAL A C   1 
ATOM   244 O  O   . VAL A 1 31 ? 3.934   -2.006  -7.756  1.00 80.70  ? 236 VAL A O   1 
ATOM   245 C  CB  . VAL A 1 31 ? 1.592   -1.011  -6.176  1.00 71.66  ? 236 VAL A CB  1 
ATOM   246 C  CG1 . VAL A 1 31 ? 1.510   -2.103  -5.124  1.00 72.56  ? 236 VAL A CG1 1 
ATOM   247 C  CG2 . VAL A 1 31 ? 0.562   0.084   -5.929  1.00 68.25  ? 236 VAL A CG2 1 
ATOM   248 N  N   . ARG A 1 32 ? 5.066   -1.635  -5.809  1.00 77.84  ? 237 ARG A N   1 
ATOM   249 C  CA  . ARG A 1 32 ? 6.294   -2.409  -6.107  1.00 82.42  ? 237 ARG A CA  1 
ATOM   250 C  C   . ARG A 1 32 ? 6.533   -3.389  -4.953  1.00 84.74  ? 237 ARG A C   1 
ATOM   251 O  O   . ARG A 1 32 ? 6.247   -3.018  -3.796  1.00 84.50  ? 237 ARG A O   1 
ATOM   252 C  CB  . ARG A 1 32 ? 7.454   -1.433  -6.344  1.00 84.05  ? 237 ARG A CB  1 
ATOM   253 N  N   . ILE A 1 33 ? 7.011   -4.595  -5.277  1.00 91.16  ? 238 ILE A N   1 
ATOM   254 C  CA  . ILE A 1 33 ? 7.338   -5.694  -4.320  1.00 94.29  ? 238 ILE A CA  1 
ATOM   255 C  C   . ILE A 1 33 ? 8.803   -6.089  -4.526  1.00 96.69  ? 238 ILE A C   1 
ATOM   256 O  O   . ILE A 1 33 ? 9.192   -6.262  -5.689  1.00 96.69  ? 238 ILE A O   1 
ATOM   257 C  CB  . ILE A 1 33 ? 6.411   -6.905  -4.546  1.00 97.93  ? 238 ILE A CB  1 
ATOM   258 C  CG1 . ILE A 1 33 ? 4.931   -6.532  -4.459  1.00 98.84  ? 238 ILE A CG1 1 
ATOM   259 C  CG2 . ILE A 1 33 ? 6.753   -8.038  -3.595  1.00 99.97  ? 238 ILE A CG2 1 
ATOM   260 C  CD1 . ILE A 1 33 ? 4.039   -7.520  -5.166  1.00 102.06 ? 238 ILE A CD1 1 
ATOM   261 N  N   . ARG A 1 34 ? 9.571   -6.230  -3.440  1.00 100.90 ? 239 ARG A N   1 
ATOM   262 C  CA  . ARG A 1 34 ? 10.932  -6.831  -3.442  1.00 107.08 ? 239 ARG A CA  1 
ATOM   263 C  C   . ARG A 1 34 ? 10.920  -8.086  -2.561  1.00 104.76 ? 239 ARG A C   1 
ATOM   264 O  O   . ARG A 1 34 ? 10.441  -7.985  -1.422  1.00 98.56  ? 239 ARG A O   1 
ATOM   265 C  CB  . ARG A 1 34 ? 11.976  -5.840  -2.915  1.00 113.42 ? 239 ARG A CB  1 
ATOM   266 C  CG  . ARG A 1 34 ? 12.533  -4.877  -3.956  1.00 119.89 ? 239 ARG A CG  1 
ATOM   267 C  CD  . ARG A 1 34 ? 11.668  -3.652  -4.202  1.00 121.73 ? 239 ARG A CD  1 
ATOM   268 N  NE  . ARG A 1 34 ? 11.373  -2.910  -2.980  1.00 123.44 ? 239 ARG A NE  1 
ATOM   269 C  CZ  . ARG A 1 34 ? 10.803  -1.709  -2.927  1.00 121.34 ? 239 ARG A CZ  1 
ATOM   270 N  NH1 . ARG A 1 34 ? 10.460  -1.072  -4.035  1.00 122.74 ? 239 ARG A NH1 1 
ATOM   271 N  NH2 . ARG A 1 34 ? 10.586  -1.144  -1.753  1.00 117.78 ? 239 ARG A NH2 1 
ATOM   272 N  N   . ARG A 1 35 ? 11.440  -9.210  -3.068  1.00 111.07 ? 240 ARG A N   1 
ATOM   273 C  CA  . ARG A 1 35 ? 11.651  -10.472 -2.300  1.00 113.64 ? 240 ARG A CA  1 
ATOM   274 C  C   . ARG A 1 35 ? 13.040  -10.433 -1.655  1.00 117.62 ? 240 ARG A C   1 
ATOM   275 O  O   . ARG A 1 35 ? 13.983  -9.978  -2.324  1.00 122.04 ? 240 ARG A O   1 
ATOM   276 C  CB  . ARG A 1 35 ? 11.516  -11.703 -3.203  1.00 114.05 ? 240 ARG A CB  1 
ATOM   277 N  N   . VAL A 1 36 ? 13.143  -10.866 -0.394  1.00 120.40 ? 241 VAL A N   1 
ATOM   278 C  CA  . VAL A 1 36 ? 14.427  -11.038 0.355   1.00 121.81 ? 241 VAL A CA  1 
ATOM   279 C  C   . VAL A 1 36 ? 14.278  -12.260 1.269   1.00 121.94 ? 241 VAL A C   1 
ATOM   280 O  O   . VAL A 1 36 ? 13.645  -12.131 2.337   1.00 116.05 ? 241 VAL A O   1 
ATOM   281 C  CB  . VAL A 1 36 ? 14.816  -9.779  1.155   1.00 120.95 ? 241 VAL A CB  1 
ATOM   282 C  CG1 . VAL A 1 36 ? 16.260  -9.847  1.636   1.00 123.40 ? 241 VAL A CG1 1 
ATOM   283 C  CG2 . VAL A 1 36 ? 14.575  -8.497  0.367   1.00 118.42 ? 241 VAL A CG2 1 
ATOM   284 N  N   . GLY A 1 37 ? 14.832  -13.403 0.849   1.00 126.01 ? 242 GLY A N   1 
ATOM   285 C  CA  . GLY A 1 37 ? 14.649  -14.708 1.508   1.00 130.29 ? 242 GLY A CA  1 
ATOM   286 C  C   . GLY A 1 37 ? 13.188  -15.131 1.501   1.00 128.31 ? 242 GLY A C   1 
ATOM   287 O  O   . GLY A 1 37 ? 12.610  -15.232 0.400   1.00 123.50 ? 242 GLY A O   1 
ATOM   288 N  N   . THR A 1 38 ? 12.614  -15.350 2.690   1.00 130.38 ? 243 THR A N   1 
ATOM   289 C  CA  . THR A 1 38 ? 11.202  -15.772 2.907   1.00 128.17 ? 243 THR A CA  1 
ATOM   290 C  C   . THR A 1 38 ? 10.263  -14.565 2.764   1.00 120.31 ? 243 THR A C   1 
ATOM   291 O  O   . THR A 1 38 ? 9.138   -14.759 2.254   1.00 115.60 ? 243 THR A O   1 
ATOM   292 C  CB  . THR A 1 38 ? 11.047  -16.455 4.274   1.00 129.41 ? 243 THR A CB  1 
ATOM   293 N  N   . LYS A 1 39 ? 10.724  -13.371 3.164   1.00 117.08 ? 244 LYS A N   1 
ATOM   294 C  CA  . LYS A 1 39 ? 9.874   -12.181 3.450   1.00 114.82 ? 244 LYS A CA  1 
ATOM   295 C  C   . LYS A 1 39 ? 9.907   -11.181 2.280   1.00 114.16 ? 244 LYS A C   1 
ATOM   296 O  O   . LYS A 1 39 ? 10.928  -11.135 1.565   1.00 119.16 ? 244 LYS A O   1 
ATOM   297 C  CB  . LYS A 1 39 ? 10.344  -11.545 4.760   1.00 114.52 ? 244 LYS A CB  1 
ATOM   298 N  N   . TYR A 1 40 ? 8.828   -10.398 2.118   1.00 109.87 ? 245 TYR A N   1 
ATOM   299 C  CA  . TYR A 1 40 ? 8.590   -9.416  1.020   1.00 108.02 ? 245 TYR A CA  1 
ATOM   300 C  C   . TYR A 1 40 ? 8.487   -7.979  1.564   1.00 101.52 ? 245 TYR A C   1 
ATOM   301 O  O   . TYR A 1 40 ? 7.880   -7.770  2.633   1.00 99.33  ? 245 TYR A O   1 
ATOM   302 C  CB  . TYR A 1 40 ? 7.289   -9.732  0.274   1.00 107.60 ? 245 TYR A CB  1 
ATOM   303 C  CG  . TYR A 1 40 ? 7.362   -10.887 -0.691  1.00 113.79 ? 245 TYR A CG  1 
ATOM   304 C  CD1 . TYR A 1 40 ? 7.861   -10.716 -1.973  1.00 115.17 ? 245 TYR A CD1 1 
ATOM   305 C  CD2 . TYR A 1 40 ? 6.914   -12.150 -0.333  1.00 115.85 ? 245 TYR A CD2 1 
ATOM   306 C  CE1 . TYR A 1 40 ? 7.928   -11.771 -2.871  1.00 118.98 ? 245 TYR A CE1 1 
ATOM   307 C  CE2 . TYR A 1 40 ? 6.973   -13.215 -1.219  1.00 118.28 ? 245 TYR A CE2 1 
ATOM   308 C  CZ  . TYR A 1 40 ? 7.479   -13.025 -2.494  1.00 119.65 ? 245 TYR A CZ  1 
ATOM   309 O  OH  . TYR A 1 40 ? 7.541   -14.068 -3.373  1.00 123.27 ? 245 TYR A OH  1 
ATOM   310 N  N   . PHE A 1 41 ? 9.021   -7.010  0.813   1.00 97.63  ? 246 PHE A N   1 
ATOM   311 C  CA  . PHE A 1 41 ? 8.999   -5.555  1.128   1.00 95.55  ? 246 PHE A CA  1 
ATOM   312 C  C   . PHE A 1 41 ? 8.128   -4.818  0.105   1.00 87.82  ? 246 PHE A C   1 
ATOM   313 O  O   . PHE A 1 41 ? 8.382   -4.920  -1.106  1.00 89.12  ? 246 PHE A O   1 
ATOM   314 C  CB  . PHE A 1 41 ? 10.422  -4.994  1.156   1.00 99.09  ? 246 PHE A CB  1 
ATOM   315 C  CG  . PHE A 1 41 ? 11.277  -5.534  2.273   1.00 102.78 ? 246 PHE A CG  1 
ATOM   316 C  CD1 . PHE A 1 41 ? 11.840  -6.799  2.186   1.00 107.14 ? 246 PHE A CD1 1 
ATOM   317 C  CD2 . PHE A 1 41 ? 11.514  -4.781  3.414   1.00 104.74 ? 246 PHE A CD2 1 
ATOM   318 C  CE1 . PHE A 1 41 ? 12.624  -7.301  3.215   1.00 109.06 ? 246 PHE A CE1 1 
ATOM   319 C  CE2 . PHE A 1 41 ? 12.299  -5.281  4.443   1.00 107.86 ? 246 PHE A CE2 1 
ATOM   320 C  CZ  . PHE A 1 41 ? 12.850  -6.540  4.342   1.00 109.98 ? 246 PHE A CZ  1 
ATOM   321 N  N   . ILE A 1 42 ? 7.132   -4.077  0.587   1.00 85.05  ? 247 ILE A N   1 
ATOM   322 C  CA  . ILE A 1 42 ? 6.092   -3.433  -0.264  1.00 83.58  ? 247 ILE A CA  1 
ATOM   323 C  C   . ILE A 1 42 ? 6.203   -1.917  -0.147  1.00 81.58  ? 247 ILE A C   1 
ATOM   324 O  O   . ILE A 1 42 ? 6.247   -1.396  0.984   1.00 79.26  ? 247 ILE A O   1 
ATOM   325 C  CB  . ILE A 1 42 ? 4.681   -3.914  0.112   1.00 83.63  ? 247 ILE A CB  1 
ATOM   326 C  CG1 . ILE A 1 42 ? 4.553   -5.426  -0.069  1.00 85.73  ? 247 ILE A CG1 1 
ATOM   327 C  CG2 . ILE A 1 42 ? 3.631   -3.153  -0.688  1.00 83.58  ? 247 ILE A CG2 1 
ATOM   328 C  CD1 . ILE A 1 42 ? 3.341   -5.996  0.601   1.00 90.11  ? 247 ILE A CD1 1 
ATOM   329 N  N   . GLU A 1 43 ? 6.196   -1.254  -1.298  1.00 81.01  ? 248 GLU A N   1 
ATOM   330 C  CA  . GLU A 1 43 ? 6.223   0.221   -1.420  1.00 83.54  ? 248 GLU A CA  1 
ATOM   331 C  C   . GLU A 1 43 ? 5.090   0.638   -2.359  1.00 79.40  ? 248 GLU A C   1 
ATOM   332 O  O   . GLU A 1 43 ? 4.783   -0.127  -3.291  1.00 79.23  ? 248 GLU A O   1 
ATOM   333 C  CB  . GLU A 1 43 ? 7.608   0.624   -1.907  1.00 89.01  ? 248 GLU A CB  1 
ATOM   334 C  CG  . GLU A 1 43 ? 7.719   2.058   -2.364  1.00 93.20  ? 248 GLU A CG  1 
ATOM   335 C  CD  . GLU A 1 43 ? 9.165   2.449   -2.598  1.00 99.37  ? 248 GLU A CD  1 
ATOM   336 O  OE1 . GLU A 1 43 ? 9.612   3.428   -1.972  1.00 104.62 ? 248 GLU A OE1 1 
ATOM   337 O  OE2 . GLU A 1 43 ? 9.848   1.748   -3.380  1.00 103.32 ? 248 GLU A OE2 1 
ATOM   338 N  N   . MET A 1 44 ? 4.465   1.788   -2.110  1.00 76.85  ? 249 MET A N   1 
ATOM   339 C  CA  . MET A 1 44 ? 3.347   2.275   -2.952  1.00 71.92  ? 249 MET A CA  1 
ATOM   340 C  C   . MET A 1 44 ? 3.163   3.784   -2.771  1.00 73.76  ? 249 MET A C   1 
ATOM   341 O  O   . MET A 1 44 ? 3.598   4.331   -1.741  1.00 75.59  ? 249 MET A O   1 
ATOM   342 C  CB  . MET A 1 44 ? 2.049   1.541   -2.597  1.00 73.56  ? 249 MET A CB  1 
ATOM   343 C  CG  . MET A 1 44 ? 1.488   1.867   -1.222  1.00 74.36  ? 249 MET A CG  1 
ATOM   344 S  SD  . MET A 1 44 ? 0.060   0.821   -0.808  1.00 80.38  ? 249 MET A SD  1 
ATOM   345 C  CE  . MET A 1 44 ? 0.869   -0.711  -0.355  1.00 80.28  ? 249 MET A CE  1 
ATOM   346 N  N   . ASP A 1 45 ? 2.546   4.425   -3.761  1.00 73.19  ? 250 ASP A N   1 
ATOM   347 C  CA  . ASP A 1 45 ? 1.987   5.793   -3.641  1.00 73.15  ? 250 ASP A CA  1 
ATOM   348 C  C   . ASP A 1 45 ? 0.476   5.650   -3.491  1.00 71.33  ? 250 ASP A C   1 
ATOM   349 O  O   . ASP A 1 45 ? -0.082  4.779   -4.170  1.00 70.52  ? 250 ASP A O   1 
ATOM   350 C  CB  . ASP A 1 45 ? 2.333   6.650   -4.858  1.00 75.43  ? 250 ASP A CB  1 
ATOM   351 C  CG  . ASP A 1 45 ? 3.818   6.933   -4.989  1.00 75.51  ? 250 ASP A CG  1 
ATOM   352 O  OD1 . ASP A 1 45 ? 4.576   6.397   -4.176  1.00 76.51  ? 250 ASP A OD1 1 
ATOM   353 O  OD2 . ASP A 1 45 ? 4.194   7.696   -5.898  1.00 76.45  ? 250 ASP A OD2 1 
ATOM   354 N  N   . ILE A 1 46 ? -0.142  6.443   -2.614  1.00 69.69  ? 251 ILE A N   1 
ATOM   355 C  CA  . ILE A 1 46 ? -1.622  6.618   -2.580  1.00 69.78  ? 251 ILE A CA  1 
ATOM   356 C  C   . ILE A 1 46 ? -1.923  8.107   -2.736  1.00 68.20  ? 251 ILE A C   1 
ATOM   357 O  O   . ILE A 1 46 ? -1.057  8.930   -2.407  1.00 71.18  ? 251 ILE A O   1 
ATOM   358 C  CB  . ILE A 1 46 ? -2.251  6.024   -1.299  1.00 67.84  ? 251 ILE A CB  1 
ATOM   359 C  CG1 . ILE A 1 46 ? -1.755  6.726   -0.032  1.00 66.58  ? 251 ILE A CG1 1 
ATOM   360 C  CG2 . ILE A 1 46 ? -2.032  4.519   -1.242  1.00 66.28  ? 251 ILE A CG2 1 
ATOM   361 C  CD1 . ILE A 1 46 ? -2.570  6.414   1.197   1.00 68.40  ? 251 ILE A CD1 1 
ATOM   362 N  N   . GLU A 1 47 ? -3.133  8.423   -3.187  1.00 72.74  ? 252 GLU A N   1 
ATOM   363 C  CA  . GLU A 1 47 ? -3.671  9.801   -3.229  1.00 73.21  ? 252 GLU A CA  1 
ATOM   364 C  C   . GLU A 1 47 ? -4.784  9.944   -2.184  1.00 74.43  ? 252 GLU A C   1 
ATOM   365 O  O   . GLU A 1 47 ? -5.579  8.996   -2.002  1.00 74.31  ? 252 GLU A O   1 
ATOM   366 C  CB  . GLU A 1 47 ? -4.147  10.108  -4.645  1.00 75.14  ? 252 GLU A CB  1 
ATOM   367 C  CG  . GLU A 1 47 ? -3.004  10.223  -5.623  1.00 76.24  ? 252 GLU A CG  1 
ATOM   368 C  CD  . GLU A 1 47 ? -3.433  10.493  -7.051  1.00 78.83  ? 252 GLU A CD  1 
ATOM   369 O  OE1 . GLU A 1 47 ? -4.375  11.282  -7.244  1.00 83.50  ? 252 GLU A OE1 1 
ATOM   370 O  OE2 . GLU A 1 47 ? -2.826  9.909   -7.956  1.00 79.34  ? 252 GLU A OE2 1 
ATOM   371 N  N   . VAL A 1 48 ? -4.825  11.095  -1.511  1.00 78.13  ? 253 VAL A N   1 
ATOM   372 C  CA  . VAL A 1 48 ? -5.912  11.458  -0.555  1.00 76.49  ? 253 VAL A CA  1 
ATOM   373 C  C   . VAL A 1 48 ? -6.366  12.882  -0.858  1.00 79.20  ? 253 VAL A C   1 
ATOM   374 O  O   . VAL A 1 48 ? -5.612  13.652  -1.492  1.00 77.03  ? 253 VAL A O   1 
ATOM   375 C  CB  . VAL A 1 48 ? -5.468  11.300  0.911   1.00 77.45  ? 253 VAL A CB  1 
ATOM   376 C  CG1 . VAL A 1 48 ? -4.925  9.900   1.166   1.00 77.55  ? 253 VAL A CG1 1 
ATOM   377 C  CG2 . VAL A 1 48 ? -4.458  12.360  1.334   1.00 76.05  ? 253 VAL A CG2 1 
ATOM   378 N  N   . ASP A 1 49 ? -7.584  13.204  -0.440  1.00 81.59  ? 254 ASP A N   1 
ATOM   379 C  CA  . ASP A 1 49 ? -8.118  14.577  -0.530  1.00 83.27  ? 254 ASP A CA  1 
ATOM   380 C  C   . ASP A 1 49 ? -6.985  15.516  -0.095  1.00 80.11  ? 254 ASP A C   1 
ATOM   381 O  O   . ASP A 1 49 ? -6.400  15.277  0.976   1.00 76.25  ? 254 ASP A O   1 
ATOM   382 C  CB  . ASP A 1 49 ? -9.403  14.694  0.291   1.00 87.32  ? 254 ASP A CB  1 
ATOM   383 C  CG  . ASP A 1 49 ? -10.115 16.009  0.068   1.00 92.74  ? 254 ASP A CG  1 
ATOM   384 O  OD1 . ASP A 1 49 ? -9.531  17.039  0.422   1.00 96.22  ? 254 ASP A OD1 1 
ATOM   385 O  OD2 . ASP A 1 49 ? -11.230 15.989  -0.492  1.00 101.54 ? 254 ASP A OD2 1 
ATOM   386 N  N   . GLY A 1 50 ? -6.654  16.513  -0.920  1.00 79.78  ? 255 GLY A N   1 
ATOM   387 C  CA  . GLY A 1 50 ? -5.634  17.531  -0.611  1.00 77.99  ? 255 GLY A CA  1 
ATOM   388 C  C   . GLY A 1 50 ? -5.926  18.249  0.697   1.00 80.56  ? 255 GLY A C   1 
ATOM   389 O  O   . GLY A 1 50 ? -4.975  18.804  1.278   1.00 83.01  ? 255 GLY A O   1 
ATOM   390 N  N   . LYS A 1 51 ? -7.188  18.252  1.149   1.00 81.62  ? 256 LYS A N   1 
ATOM   391 C  CA  . LYS A 1 51 ? -7.627  18.967  2.380   1.00 84.28  ? 256 LYS A CA  1 
ATOM   392 C  C   . LYS A 1 51 ? -7.362  18.106  3.625   1.00 81.58  ? 256 LYS A C   1 
ATOM   393 O  O   . LYS A 1 51 ? -7.444  18.657  4.732   1.00 86.51  ? 256 LYS A O   1 
ATOM   394 C  CB  . LYS A 1 51 ? -9.101  19.383  2.296   1.00 85.61  ? 256 LYS A CB  1 
ATOM   395 C  CG  . LYS A 1 51 ? -9.402  20.555  1.371   1.00 87.81  ? 256 LYS A CG  1 
ATOM   396 N  N   . MET A 1 52 ? -7.042  16.820  3.468   1.00 80.90  ? 257 MET A N   1 
ATOM   397 C  CA  . MET A 1 52 ? -6.759  15.907  4.612   1.00 80.44  ? 257 MET A CA  1 
ATOM   398 C  C   . MET A 1 52 ? -5.529  16.423  5.366   1.00 80.58  ? 257 MET A C   1 
ATOM   399 O  O   . MET A 1 52 ? -4.551  16.834  4.707   1.00 82.27  ? 257 MET A O   1 
ATOM   400 C  CB  . MET A 1 52 ? -6.507  14.467  4.152   1.00 78.50  ? 257 MET A CB  1 
ATOM   401 C  CG  . MET A 1 52 ? -6.380  13.487  5.305   1.00 79.58  ? 257 MET A CG  1 
ATOM   402 S  SD  . MET A 1 52 ? -5.977  11.802  4.782   1.00 78.35  ? 257 MET A SD  1 
ATOM   403 C  CE  . MET A 1 52 ? -7.545  11.342  4.049   1.00 79.32  ? 257 MET A CE  1 
ATOM   404 N  N   . SER A 1 53 ? -5.594  16.420  6.697   1.00 78.51  ? 258 SER A N   1 
ATOM   405 C  CA  . SER A 1 53 ? -4.474  16.811  7.585   1.00 79.02  ? 258 SER A CA  1 
ATOM   406 C  C   . SER A 1 53 ? -3.348  15.776  7.472   1.00 77.34  ? 258 SER A C   1 
ATOM   407 O  O   . SER A 1 53 ? -3.626  14.631  7.071   1.00 75.94  ? 258 SER A O   1 
ATOM   408 C  CB  . SER A 1 53 ? -4.950  16.971  9.000   1.00 80.96  ? 258 SER A CB  1 
ATOM   409 O  OG  . SER A 1 53 ? -5.327  15.720  9.553   1.00 81.35  ? 258 SER A OG  1 
ATOM   410 N  N   . VAL A 1 54 ? -2.119  16.186  7.800   1.00 78.73  ? 259 VAL A N   1 
ATOM   411 C  CA  . VAL A 1 54 ? -0.901  15.322  7.875   1.00 75.66  ? 259 VAL A CA  1 
ATOM   412 C  C   . VAL A 1 54 ? -1.094  14.292  9.000   1.00 77.33  ? 259 VAL A C   1 
ATOM   413 O  O   . VAL A 1 54 ? -0.683  13.118  8.818   1.00 79.23  ? 259 VAL A O   1 
ATOM   414 C  CB  . VAL A 1 54 ? 0.355   16.201  8.079   1.00 75.27  ? 259 VAL A CB  1 
ATOM   415 C  CG1 . VAL A 1 54 ? 1.564   15.409  8.542   1.00 74.20  ? 259 VAL A CG1 1 
ATOM   416 C  CG2 . VAL A 1 54 ? 0.694   16.998  6.827   1.00 75.64  ? 259 VAL A CG2 1 
ATOM   417 N  N   . LYS A 1 55 ? -1.685  14.706  10.125  1.00 79.34  ? 260 LYS A N   1 
ATOM   418 C  CA  . LYS A 1 55 ? -2.045  13.802  11.251  1.00 82.44  ? 260 LYS A CA  1 
ATOM   419 C  C   . LYS A 1 55 ? -2.877  12.640  10.693  1.00 80.16  ? 260 LYS A C   1 
ATOM   420 O  O   . LYS A 1 55 ? -2.478  11.476  10.894  1.00 77.75  ? 260 LYS A O   1 
ATOM   421 C  CB  . LYS A 1 55 ? -2.804  14.569  12.339  1.00 88.02  ? 260 LYS A CB  1 
ATOM   422 C  CG  . LYS A 1 55 ? -3.017  13.825  13.656  1.00 91.43  ? 260 LYS A CG  1 
ATOM   423 C  CD  . LYS A 1 55 ? -1.847  13.923  14.618  1.00 94.02  ? 260 LYS A CD  1 
ATOM   424 N  N   . ASP A 1 56 ? -3.969  12.948  9.989   1.00 79.08  ? 261 ASP A N   1 
ATOM   425 C  CA  . ASP A 1 56 ? -4.962  11.942  9.524   1.00 79.89  ? 261 ASP A CA  1 
ATOM   426 C  C   . ASP A 1 56 ? -4.321  11.028  8.482   1.00 78.07  ? 261 ASP A C   1 
ATOM   427 O  O   . ASP A 1 56 ? -4.479  9.796   8.618   1.00 78.61  ? 261 ASP A O   1 
ATOM   428 C  CB  . ASP A 1 56 ? -6.228  12.614  8.991   1.00 80.25  ? 261 ASP A CB  1 
ATOM   429 C  CG  . ASP A 1 56 ? -7.100  13.165  10.102  1.00 84.31  ? 261 ASP A CG  1 
ATOM   430 O  OD1 . ASP A 1 56 ? -6.835  12.824  11.272  1.00 84.44  ? 261 ASP A OD1 1 
ATOM   431 O  OD2 . ASP A 1 56 ? -8.026  13.941  9.792   1.00 87.25  ? 261 ASP A OD2 1 
ATOM   432 N  N   . ALA A 1 57 ? -3.641  11.618  7.493   1.00 77.89  ? 262 ALA A N   1 
ATOM   433 C  CA  . ALA A 1 57 ? -2.911  10.916  6.414   1.00 74.66  ? 262 ALA A CA  1 
ATOM   434 C  C   . ALA A 1 57 ? -1.876  9.967   7.024   1.00 74.76  ? 262 ALA A C   1 
ATOM   435 O  O   . ALA A 1 57 ? -1.747  8.837   6.531   1.00 75.95  ? 262 ALA A O   1 
ATOM   436 C  CB  . ALA A 1 57 ? -2.255  11.919  5.499   1.00 75.26  ? 262 ALA A CB  1 
ATOM   437 N  N   . HIS A 1 58 ? -1.154  10.401  8.057   1.00 74.79  ? 263 HIS A N   1 
ATOM   438 C  CA  . HIS A 1 58 ? -0.110  9.567   8.706   1.00 76.18  ? 263 HIS A CA  1 
ATOM   439 C  C   . HIS A 1 58 ? -0.767  8.376   9.414   1.00 76.51  ? 263 HIS A C   1 
ATOM   440 O  O   . HIS A 1 58 ? -0.241  7.241   9.273   1.00 77.89  ? 263 HIS A O   1 
ATOM   441 C  CB  . HIS A 1 58 ? 0.755   10.385  9.668   1.00 79.63  ? 263 HIS A CB  1 
ATOM   442 C  CG  . HIS A 1 58 ? 1.718   9.532   10.422  1.00 81.82  ? 263 HIS A CG  1 
ATOM   443 N  ND1 . HIS A 1 58 ? 2.941   9.167   9.898   1.00 83.34  ? 263 HIS A ND1 1 
ATOM   444 C  CD2 . HIS A 1 58 ? 1.618   8.929   11.626  1.00 84.17  ? 263 HIS A CD2 1 
ATOM   445 C  CE1 . HIS A 1 58 ? 3.567   8.391   10.760  1.00 84.44  ? 263 HIS A CE1 1 
ATOM   446 N  NE2 . HIS A 1 58 ? 2.774   8.228   11.826  1.00 84.87  ? 263 HIS A NE2 1 
ATOM   447 N  N   . GLU A 1 59 ? -1.837  8.638   10.170  1.00 75.42  ? 264 GLU A N   1 
ATOM   448 C  CA  . GLU A 1 59 ? -2.679  7.612   10.848  1.00 80.80  ? 264 GLU A CA  1 
ATOM   449 C  C   . GLU A 1 59 ? -3.169  6.590   9.815   1.00 78.14  ? 264 GLU A C   1 
ATOM   450 O  O   . GLU A 1 59 ? -3.178  5.386   10.127  1.00 76.05  ? 264 GLU A O   1 
ATOM   451 C  CB  . GLU A 1 59 ? -3.884  8.261   11.536  1.00 84.50  ? 264 GLU A CB  1 
ATOM   452 C  CG  . GLU A 1 59 ? -3.636  8.644   12.983  1.00 89.31  ? 264 GLU A CG  1 
ATOM   453 C  CD  . GLU A 1 59 ? -4.762  9.443   13.629  1.00 95.75  ? 264 GLU A CD  1 
ATOM   454 O  OE1 . GLU A 1 59 ? -5.841  9.581   13.002  1.00 97.04  ? 264 GLU A OE1 1 
ATOM   455 O  OE2 . GLU A 1 59 ? -4.553  9.940   14.755  1.00 96.65  ? 264 GLU A OE2 1 
ATOM   456 N  N   . LEU A 1 60 ? -3.587  7.068   8.643   1.00 75.80  ? 265 LEU A N   1 
ATOM   457 C  CA  . LEU A 1 60 ? -4.078  6.216   7.538   1.00 75.43  ? 265 LEU A CA  1 
ATOM   458 C  C   . LEU A 1 60 ? -2.976  5.224   7.145   1.00 76.24  ? 265 LEU A C   1 
ATOM   459 O  O   . LEU A 1 60 ? -3.264  4.013   7.132   1.00 78.54  ? 265 LEU A O   1 
ATOM   460 C  CB  . LEU A 1 60 ? -4.498  7.102   6.363   1.00 76.50  ? 265 LEU A CB  1 
ATOM   461 C  CG  . LEU A 1 60 ? -5.094  6.363   5.165   1.00 77.64  ? 265 LEU A CG  1 
ATOM   462 C  CD1 . LEU A 1 60 ? -6.262  5.480   5.589   1.00 78.72  ? 265 LEU A CD1 1 
ATOM   463 C  CD2 . LEU A 1 60 ? -5.527  7.349   4.092   1.00 78.95  ? 265 LEU A CD2 1 
ATOM   464 N  N   . THR A 1 61 ? -1.755  5.704   6.884   1.00 72.80  ? 266 THR A N   1 
ATOM   465 C  CA  . THR A 1 61 ? -0.618  4.852   6.445   1.00 72.35  ? 266 THR A CA  1 
ATOM   466 C  C   . THR A 1 61 ? -0.255  3.852   7.554   1.00 72.07  ? 266 THR A C   1 
ATOM   467 O  O   . THR A 1 61 ? 0.109   2.711   7.219   1.00 77.42  ? 266 THR A O   1 
ATOM   468 C  CB  . THR A 1 61 ? 0.591   5.682   5.995   1.00 70.37  ? 266 THR A CB  1 
ATOM   469 O  OG1 . THR A 1 61 ? 1.190   6.260   7.151   1.00 73.15  ? 266 THR A OG1 1 
ATOM   470 C  CG2 . THR A 1 61 ? 0.221   6.757   4.997   1.00 70.36  ? 266 THR A CG2 1 
ATOM   471 N  N   . VAL A 1 62 ? -0.343  4.248   8.823   1.00 72.95  ? 267 VAL A N   1 
ATOM   472 C  CA  . VAL A 1 62 ? -0.076  3.344   9.981   1.00 73.56  ? 267 VAL A CA  1 
ATOM   473 C  C   . VAL A 1 62 ? -1.089  2.185   9.948   1.00 77.30  ? 267 VAL A C   1 
ATOM   474 O  O   . VAL A 1 62 ? -0.656  1.018   10.025  1.00 78.00  ? 267 VAL A O   1 
ATOM   475 C  CB  . VAL A 1 62 ? -0.114  4.119   11.311  1.00 75.72  ? 267 VAL A CB  1 
ATOM   476 C  CG1 . VAL A 1 62 ? -0.194  3.193   12.522  1.00 78.27  ? 267 VAL A CG1 1 
ATOM   477 C  CG2 . VAL A 1 62 ? 1.076   5.060   11.433  1.00 75.66  ? 267 VAL A CG2 1 
ATOM   478 N  N   . LYS A 1 63 ? -2.385  2.487   9.814   1.00 77.06  ? 268 LYS A N   1 
ATOM   479 C  CA  . LYS A 1 63 ? -3.480  1.476   9.797   1.00 80.64  ? 268 LYS A CA  1 
ATOM   480 C  C   . LYS A 1 63 ? -3.346  0.588   8.550   1.00 80.90  ? 268 LYS A C   1 
ATOM   481 O  O   . LYS A 1 63 ? -3.639  -0.620  8.654   1.00 85.09  ? 268 LYS A O   1 
ATOM   482 C  CB  . LYS A 1 63 ? -4.846  2.169   9.860   1.00 82.21  ? 268 LYS A CB  1 
ATOM   483 C  CG  . LYS A 1 63 ? -6.046  1.253   10.058  1.00 87.29  ? 268 LYS A CG  1 
ATOM   484 C  CD  . LYS A 1 63 ? -6.269  0.800   11.492  1.00 92.56  ? 268 LYS A CD  1 
ATOM   485 N  N   . ILE A 1 64 ? -2.926  1.148   7.409   1.00 80.24  ? 269 ILE A N   1 
ATOM   486 C  CA  . ILE A 1 64 ? -2.772  0.380   6.136   1.00 76.33  ? 269 ILE A CA  1 
ATOM   487 C  C   . ILE A 1 64 ? -1.666  -0.662  6.347   1.00 77.39  ? 269 ILE A C   1 
ATOM   488 O  O   . ILE A 1 64 ? -1.920  -1.838  6.066   1.00 75.44  ? 269 ILE A O   1 
ATOM   489 C  CB  . ILE A 1 64 ? -2.501  1.301   4.926   1.00 73.96  ? 269 ILE A CB  1 
ATOM   490 C  CG1 . ILE A 1 64 ? -3.697  2.202   4.619   1.00 76.57  ? 269 ILE A CG1 1 
ATOM   491 C  CG2 . ILE A 1 64 ? -2.109  0.490   3.696   1.00 73.68  ? 269 ILE A CG2 1 
ATOM   492 C  CD1 . ILE A 1 64 ? -3.419  3.262   3.574   1.00 74.75  ? 269 ILE A CD1 1 
ATOM   493 N  N   . ARG A 1 65 ? -0.496  -0.241  6.840   1.00 79.03  ? 270 ARG A N   1 
ATOM   494 C  CA  . ARG A 1 65 ? 0.666   -1.132  7.092   1.00 80.38  ? 270 ARG A CA  1 
ATOM   495 C  C   . ARG A 1 65 ? 0.233   -2.241  8.056   1.00 79.29  ? 270 ARG A C   1 
ATOM   496 O  O   . ARG A 1 65 ? 0.623   -3.395  7.835   1.00 82.18  ? 270 ARG A O   1 
ATOM   497 C  CB  . ARG A 1 65 ? 1.858   -0.364  7.678   1.00 82.67  ? 270 ARG A CB  1 
ATOM   498 C  CG  . ARG A 1 65 ? 3.021   -1.262  8.082   1.00 88.05  ? 270 ARG A CG  1 
ATOM   499 C  CD  . ARG A 1 65 ? 4.313   -0.536  8.418   1.00 91.84  ? 270 ARG A CD  1 
ATOM   500 N  NE  . ARG A 1 65 ? 4.604   -0.585  9.849   1.00 101.79 ? 270 ARG A NE  1 
ATOM   501 C  CZ  . ARG A 1 65 ? 5.303   -1.534  10.483  1.00 104.71 ? 270 ARG A CZ  1 
ATOM   502 N  NH1 . ARG A 1 65 ? 5.829   -2.561  9.833   1.00 106.89 ? 270 ARG A NH1 1 
ATOM   503 N  NH2 . ARG A 1 65 ? 5.486   -1.443  11.787  1.00 109.72 ? 270 ARG A NH2 1 
ATOM   504 N  N   . LYS A 1 66 ? -0.529  -1.884  9.090   1.00 79.13  ? 271 LYS A N   1 
ATOM   505 C  CA  . LYS A 1 66 ? -0.993  -2.813  10.152  1.00 83.59  ? 271 LYS A CA  1 
ATOM   506 C  C   . LYS A 1 66 ? -1.840  -3.903  9.483   1.00 84.84  ? 271 LYS A C   1 
ATOM   507 O  O   . LYS A 1 66 ? -1.537  -5.094  9.699   1.00 87.59  ? 271 LYS A O   1 
ATOM   508 C  CB  . LYS A 1 66 ? -1.744  -2.041  11.246  1.00 84.83  ? 271 LYS A CB  1 
ATOM   509 C  CG  . LYS A 1 66 ? -1.838  -2.730  12.602  1.00 87.57  ? 271 LYS A CG  1 
ATOM   510 N  N   . GLU A 1 67 ? -2.804  -3.507  8.643   1.00 84.24  ? 272 GLU A N   1 
ATOM   511 C  CA  . GLU A 1 67 ? -3.725  -4.429  7.921   1.00 83.93  ? 272 GLU A CA  1 
ATOM   512 C  C   . GLU A 1 67 ? -2.950  -5.268  6.902   1.00 84.34  ? 272 GLU A C   1 
ATOM   513 O  O   . GLU A 1 67 ? -3.281  -6.464  6.764   1.00 89.20  ? 272 GLU A O   1 
ATOM   514 C  CB  . GLU A 1 67 ? -4.864  -3.665  7.241   1.00 82.70  ? 272 GLU A CB  1 
ATOM   515 C  CG  . GLU A 1 67 ? -5.984  -3.286  8.192   1.00 86.13  ? 272 GLU A CG  1 
ATOM   516 C  CD  . GLU A 1 67 ? -6.492  -4.453  9.023   1.00 92.23  ? 272 GLU A CD  1 
ATOM   517 O  OE1 . GLU A 1 67 ? -6.851  -5.500  8.425   1.00 91.43  ? 272 GLU A OE1 1 
ATOM   518 O  OE2 . GLU A 1 67 ? -6.495  -4.331  10.268  1.00 93.61  ? 272 GLU A OE2 1 
ATOM   519 N  N   . MET A 1 68 ? -1.965  -4.680  6.217   1.00 84.86  ? 273 MET A N   1 
ATOM   520 C  CA  . MET A 1 68 ? -1.098  -5.406  5.250   1.00 86.33  ? 273 MET A CA  1 
ATOM   521 C  C   . MET A 1 68 ? -0.387  -6.548  5.988   1.00 85.96  ? 273 MET A C   1 
ATOM   522 O  O   . MET A 1 68 ? -0.460  -7.684  5.509   1.00 83.65  ? 273 MET A O   1 
ATOM   523 C  CB  . MET A 1 68 ? -0.051  -4.482  4.620   1.00 90.67  ? 273 MET A CB  1 
ATOM   524 C  CG  . MET A 1 68 ? -0.646  -3.375  3.768   1.00 95.06  ? 273 MET A CG  1 
ATOM   525 S  SD  . MET A 1 68 ? -1.213  -3.932  2.146   1.00 101.18 ? 273 MET A SD  1 
ATOM   526 C  CE  . MET A 1 68 ? 0.359   -4.373  1.410   1.00 106.27 ? 273 MET A CE  1 
ATOM   527 N  N   . LEU A 1 69 ? 0.252   -6.246  7.124   1.00 85.54  ? 274 LEU A N   1 
ATOM   528 C  CA  . LEU A 1 69 ? 1.062   -7.209  7.919   1.00 86.51  ? 274 LEU A CA  1 
ATOM   529 C  C   . LEU A 1 69 ? 0.162   -8.325  8.472   1.00 89.36  ? 274 LEU A C   1 
ATOM   530 O  O   . LEU A 1 69 ? 0.645   -9.466  8.561   1.00 92.60  ? 274 LEU A O   1 
ATOM   531 C  CB  . LEU A 1 69 ? 1.792   -6.454  9.038   1.00 86.30  ? 274 LEU A CB  1 
ATOM   532 C  CG  . LEU A 1 69 ? 3.258   -6.108  8.761   1.00 85.12  ? 274 LEU A CG  1 
ATOM   533 C  CD1 . LEU A 1 69 ? 3.449   -5.562  7.359   1.00 82.79  ? 274 LEU A CD1 1 
ATOM   534 C  CD2 . LEU A 1 69 ? 3.797   -5.122  9.785   1.00 84.81  ? 274 LEU A CD2 1 
ATOM   535 N  N   . LYS A 1 70 ? -1.092  -8.013  8.814   1.00 90.96  ? 275 LYS A N   1 
ATOM   536 C  CA  . LYS A 1 70 ? -2.076  -8.988  9.364   1.00 95.99  ? 275 LYS A CA  1 
ATOM   537 C  C   . LYS A 1 70 ? -2.535  -9.952  8.259   1.00 98.13  ? 275 LYS A C   1 
ATOM   538 O  O   . LYS A 1 70 ? -2.826  -11.116 8.585   1.00 105.39 ? 275 LYS A O   1 
ATOM   539 C  CB  . LYS A 1 70 ? -3.293  -8.277  9.969   1.00 96.45  ? 275 LYS A CB  1 
ATOM   540 C  CG  . LYS A 1 70 ? -3.106  -7.729  11.378  1.00 98.60  ? 275 LYS A CG  1 
ATOM   541 C  CD  . LYS A 1 70 ? -4.411  -7.361  12.071  1.00 100.40 ? 275 LYS A CD  1 
ATOM   542 N  N   . ARG A 1 71 ? -2.607  -9.483  7.012   1.00 100.06 ? 276 ARG A N   1 
ATOM   543 C  CA  . ARG A 1 71 ? -3.183  -10.227 5.855   1.00 100.89 ? 276 ARG A CA  1 
ATOM   544 C  C   . ARG A 1 71 ? -2.213  -11.326 5.410   1.00 103.30 ? 276 ARG A C   1 
ATOM   545 O  O   . ARG A 1 71 ? -2.661  -12.477 5.235   1.00 101.85 ? 276 ARG A O   1 
ATOM   546 C  CB  . ARG A 1 71 ? -3.459  -9.268  4.694   1.00 96.53  ? 276 ARG A CB  1 
ATOM   547 C  CG  . ARG A 1 71 ? -3.887  -9.938  3.398   1.00 98.11  ? 276 ARG A CG  1 
ATOM   548 C  CD  . ARG A 1 71 ? -5.392  -10.018 3.254   1.00 100.36 ? 276 ARG A CD  1 
ATOM   549 N  NE  . ARG A 1 71 ? -5.775  -10.415 1.906   1.00 102.55 ? 276 ARG A NE  1 
ATOM   550 C  CZ  . ARG A 1 71 ? -7.001  -10.310 1.400   1.00 103.30 ? 276 ARG A CZ  1 
ATOM   551 N  NH1 . ARG A 1 71 ? -7.987  -9.814  2.129   1.00 102.53 ? 276 ARG A NH1 1 
ATOM   552 N  NH2 . ARG A 1 71 ? -7.239  -10.705 0.162   1.00 105.67 ? 276 ARG A NH2 1 
ATOM   553 N  N   . ARG A 1 72 ? -0.948  -10.959 5.195   1.00 101.88 ? 277 ARG A N   1 
ATOM   554 C  CA  . ARG A 1 72 ? 0.136   -11.862 4.730   1.00 102.75 ? 277 ARG A CA  1 
ATOM   555 C  C   . ARG A 1 72 ? 1.218   -11.925 5.811   1.00 100.48 ? 277 ARG A C   1 
ATOM   556 O  O   . ARG A 1 72 ? 1.729   -10.858 6.179   1.00 102.85 ? 277 ARG A O   1 
ATOM   557 C  CB  . ARG A 1 72 ? 0.735   -11.336 3.422   1.00 103.92 ? 277 ARG A CB  1 
ATOM   558 C  CG  . ARG A 1 72 ? -0.246  -11.246 2.261   1.00 103.57 ? 277 ARG A CG  1 
ATOM   559 C  CD  . ARG A 1 72 ? -0.304  -12.529 1.462   1.00 108.18 ? 277 ARG A CD  1 
ATOM   560 N  NE  . ARG A 1 72 ? 0.932   -12.768 0.701   1.00 110.47 ? 277 ARG A NE  1 
ATOM   561 C  CZ  . ARG A 1 72 ? 1.050   -13.647 -0.320  1.00 113.41 ? 277 ARG A CZ  1 
ATOM   562 N  NH1 . ARG A 1 72 ? 2.211   -13.817 -0.922  1.00 112.97 ? 277 ARG A NH1 1 
ATOM   563 N  NH2 . ARG A 1 72 ? -0.018  -14.266 -0.795  1.00 121.51 ? 277 ARG A NH2 1 
ATOM   564 N  N   . ASP A 1 73 ? 1.569   -13.126 6.271   1.00 98.83  ? 278 ASP A N   1 
ATOM   565 C  CA  . ASP A 1 73 ? 2.623   -13.340 7.297   1.00 99.92  ? 278 ASP A CA  1 
ATOM   566 C  C   . ASP A 1 73 ? 4.015   -13.293 6.643   1.00 96.91  ? 278 ASP A C   1 
ATOM   567 O  O   . ASP A 1 73 ? 5.000   -13.466 7.383   1.00 95.26  ? 278 ASP A O   1 
ATOM   568 C  CB  . ASP A 1 73 ? 2.395   -14.644 8.068   1.00 105.05 ? 278 ASP A CB  1 
ATOM   569 C  CG  . ASP A 1 73 ? 2.390   -15.898 7.206   1.00 108.06 ? 278 ASP A CG  1 
ATOM   570 O  OD1 . ASP A 1 73 ? 1.342   -16.185 6.589   1.00 106.48 ? 278 ASP A OD1 1 
ATOM   571 O  OD2 . ASP A 1 73 ? 3.435   -16.574 7.159   1.00 109.54 ? 278 ASP A OD2 1 
ATOM   572 N  N   . ASP A 1 74 ? 4.102   -13.055 5.328   1.00 93.89  ? 279 ASP A N   1 
ATOM   573 C  CA  . ASP A 1 74 ? 5.381   -13.043 4.562   1.00 95.76  ? 279 ASP A CA  1 
ATOM   574 C  C   . ASP A 1 74 ? 5.735   -11.619 4.101   1.00 94.23  ? 279 ASP A C   1 
ATOM   575 O  O   . ASP A 1 74 ? 6.739   -11.482 3.384   1.00 92.77  ? 279 ASP A O   1 
ATOM   576 C  CB  . ASP A 1 74 ? 5.338   -14.022 3.385   1.00 97.08  ? 279 ASP A CB  1 
ATOM   577 C  CG  . ASP A 1 74 ? 4.219   -13.765 2.394   1.00 95.28  ? 279 ASP A CG  1 
ATOM   578 O  OD1 . ASP A 1 74 ? 3.320   -12.972 2.719   1.00 95.35  ? 279 ASP A OD1 1 
ATOM   579 O  OD2 . ASP A 1 74 ? 4.257   -14.363 1.306   1.00 96.16  ? 279 ASP A OD2 1 
ATOM   580 N  N   . ILE A 1 75 ? 4.964   -10.601 4.502   1.00 95.19  ? 280 ILE A N   1 
ATOM   581 C  CA  . ILE A 1 75 ? 5.314   -9.162  4.301   1.00 92.17  ? 280 ILE A CA  1 
ATOM   582 C  C   . ILE A 1 75 ? 6.092   -8.684  5.531   1.00 92.87  ? 280 ILE A C   1 
ATOM   583 O  O   . ILE A 1 75 ? 5.533   -8.743  6.636   1.00 93.27  ? 280 ILE A O   1 
ATOM   584 C  CB  . ILE A 1 75 ? 4.065   -8.295  4.048   1.00 89.90  ? 280 ILE A CB  1 
ATOM   585 C  CG1 . ILE A 1 75 ? 3.321   -8.723  2.782   1.00 88.63  ? 280 ILE A CG1 1 
ATOM   586 C  CG2 . ILE A 1 75 ? 4.435   -6.819  4.004   1.00 87.96  ? 280 ILE A CG2 1 
ATOM   587 C  CD1 . ILE A 1 75 ? 1.953   -8.093  2.634   1.00 87.51  ? 280 ILE A CD1 1 
ATOM   588 N  N   . GLU A 1 76 ? 7.326   -8.218  5.324   1.00 95.33  ? 281 GLU A N   1 
ATOM   589 C  CA  . GLU A 1 76 ? 8.265   -7.770  6.388   1.00 99.09  ? 281 GLU A CA  1 
ATOM   590 C  C   . GLU A 1 76 ? 8.004   -6.289  6.706   1.00 97.99  ? 281 GLU A C   1 
ATOM   591 O  O   . GLU A 1 76 ? 8.004   -5.945  7.903   1.00 101.33 ? 281 GLU A O   1 
ATOM   592 C  CB  . GLU A 1 76 ? 9.708   -8.028  5.941   1.00 102.90 ? 281 GLU A CB  1 
ATOM   593 C  CG  . GLU A 1 76 ? 10.759  -7.635  6.965   1.00 108.45 ? 281 GLU A CG  1 
ATOM   594 C  CD  . GLU A 1 76 ? 10.784  -8.461  8.242   1.00 113.02 ? 281 GLU A CD  1 
ATOM   595 O  OE1 . GLU A 1 76 ? 10.405  -9.653  8.194   1.00 116.90 ? 281 GLU A OE1 1 
ATOM   596 O  OE2 . GLU A 1 76 ? 11.187  -7.911  9.284   1.00 115.30 ? 281 GLU A OE2 1 
ATOM   597 N  N   . ASP A 1 77 ? 7.791   -5.443  5.688   1.00 92.24  ? 282 ASP A N   1 
ATOM   598 C  CA  . ASP A 1 77 ? 7.474   -4.001  5.884   1.00 89.62  ? 282 ASP A CA  1 
ATOM   599 C  C   . ASP A 1 77 ? 6.700   -3.425  4.685   1.00 86.93  ? 282 ASP A C   1 
ATOM   600 O  O   . ASP A 1 77 ? 6.726   -4.025  3.588   1.00 84.70  ? 282 ASP A O   1 
ATOM   601 C  CB  . ASP A 1 77 ? 8.743   -3.188  6.146   1.00 91.28  ? 282 ASP A CB  1 
ATOM   602 C  CG  . ASP A 1 77 ? 8.511   -1.968  7.020   1.00 91.49  ? 282 ASP A CG  1 
ATOM   603 O  OD1 . ASP A 1 77 ? 7.342   -1.548  7.152   1.00 88.05  ? 282 ASP A OD1 1 
ATOM   604 O  OD2 . ASP A 1 77 ? 9.502   -1.449  7.571   1.00 96.81  ? 282 ASP A OD2 1 
ATOM   605 N  N   . VAL A 1 78 ? 6.027   -2.293  4.910   1.00 80.28  ? 283 VAL A N   1 
ATOM   606 C  CA  . VAL A 1 78 ? 5.221   -1.563  3.893   1.00 79.77  ? 283 VAL A CA  1 
ATOM   607 C  C   . VAL A 1 78 ? 5.440   -0.074  4.100   1.00 79.66  ? 283 VAL A C   1 
ATOM   608 O  O   . VAL A 1 78 ? 5.105   0.403   5.192   1.00 79.70  ? 283 VAL A O   1 
ATOM   609 C  CB  . VAL A 1 78 ? 3.721   -1.891  3.994   1.00 79.71  ? 283 VAL A CB  1 
ATOM   610 C  CG1 . VAL A 1 78 ? 2.929   -1.154  2.922   1.00 77.16  ? 283 VAL A CG1 1 
ATOM   611 C  CG2 . VAL A 1 78 ? 3.468   -3.392  3.947   1.00 80.72  ? 283 VAL A CG2 1 
ATOM   612 N  N   . THR A 1 79 ? 5.968   0.613   3.087   1.00 83.33  ? 284 THR A N   1 
ATOM   613 C  CA  . THR A 1 79 ? 6.160   2.086   3.070   1.00 83.16  ? 284 THR A CA  1 
ATOM   614 C  C   . THR A 1 79 ? 5.187   2.683   2.050   1.00 81.25  ? 284 THR A C   1 
ATOM   615 O  O   . THR A 1 79 ? 5.133   2.172   0.897   1.00 78.62  ? 284 THR A O   1 
ATOM   616 C  CB  . THR A 1 79 ? 7.618   2.470   2.785   1.00 88.46  ? 284 THR A CB  1 
ATOM   617 O  OG1 . THR A 1 79 ? 7.925   2.086   1.445   1.00 92.65  ? 284 THR A OG1 1 
ATOM   618 C  CG2 . THR A 1 79 ? 8.598   1.822   3.737   1.00 90.51  ? 284 THR A CG2 1 
ATOM   619 N  N   . ILE A 1 80 ? 4.465   3.724   2.476   1.00 75.78  ? 285 ILE A N   1 
ATOM   620 C  CA  . ILE A 1 80 ? 3.352   4.370   1.729   1.00 75.77  ? 285 ILE A CA  1 
ATOM   621 C  C   . ILE A 1 80 ? 3.652   5.861   1.611   1.00 74.68  ? 285 ILE A C   1 
ATOM   622 O  O   . ILE A 1 80 ? 3.693   6.526   2.645   1.00 78.32  ? 285 ILE A O   1 
ATOM   623 C  CB  . ILE A 1 80 ? 2.014   4.129   2.446   1.00 74.42  ? 285 ILE A CB  1 
ATOM   624 C  CG1 . ILE A 1 80 ? 1.788   2.640   2.711   1.00 76.97  ? 285 ILE A CG1 1 
ATOM   625 C  CG2 . ILE A 1 80 ? 0.869   4.746   1.658   1.00 74.69  ? 285 ILE A CG2 1 
ATOM   626 C  CD1 . ILE A 1 80 ? 0.618   2.355   3.614   1.00 79.61  ? 285 ILE A CD1 1 
ATOM   627 N  N   . HIS A 1 81 ? 3.813   6.353   0.386   1.00 75.22  ? 286 HIS A N   1 
ATOM   628 C  CA  . HIS A 1 81 ? 3.947   7.793   0.055   1.00 76.45  ? 286 HIS A CA  1 
ATOM   629 C  C   . HIS A 1 81 ? 2.544   8.369   -0.164  1.00 76.01  ? 286 HIS A C   1 
ATOM   630 O  O   . HIS A 1 81 ? 1.715   7.689   -0.815  1.00 77.25  ? 286 HIS A O   1 
ATOM   631 C  CB  . HIS A 1 81 ? 4.903   7.944   -1.130  1.00 80.86  ? 286 HIS A CB  1 
ATOM   632 C  CG  . HIS A 1 81 ? 6.174   7.192   -0.920  1.00 88.62  ? 286 HIS A CG  1 
ATOM   633 N  ND1 . HIS A 1 81 ? 6.518   6.085   -1.685  1.00 92.03  ? 286 HIS A ND1 1 
ATOM   634 C  CD2 . HIS A 1 81 ? 7.154   7.338   0.004   1.00 90.23  ? 286 HIS A CD2 1 
ATOM   635 C  CE1 . HIS A 1 81 ? 7.673   5.610   -1.267  1.00 92.13  ? 286 HIS A CE1 1 
ATOM   636 N  NE2 . HIS A 1 81 ? 8.083   6.360   -0.226  1.00 93.85  ? 286 HIS A NE2 1 
ATOM   637 N  N   . VAL A 1 82 ? 2.262   9.538   0.414   1.00 73.80  ? 287 VAL A N   1 
ATOM   638 C  CA  . VAL A 1 82 ? 0.920   10.193  0.333   1.00 74.78  ? 287 VAL A CA  1 
ATOM   639 C  C   . VAL A 1 82 ? 1.017   11.417  -0.584  1.00 75.83  ? 287 VAL A C   1 
ATOM   640 O  O   . VAL A 1 82 ? 1.945   12.222  -0.402  1.00 76.90  ? 287 VAL A O   1 
ATOM   641 C  CB  . VAL A 1 82 ? 0.392   10.556  1.732   1.00 75.77  ? 287 VAL A CB  1 
ATOM   642 C  CG1 . VAL A 1 82 ? -0.806  11.486  1.657   1.00 77.21  ? 287 VAL A CG1 1 
ATOM   643 C  CG2 . VAL A 1 82 ? 0.059   9.303   2.534   1.00 76.26  ? 287 VAL A CG2 1 
ATOM   644 N  N   . GLU A 1 83 ? 0.093   11.529  -1.544  1.00 75.19  ? 288 GLU A N   1 
ATOM   645 C  CA  . GLU A 1 83 ? 0.020   12.655  -2.508  1.00 76.56  ? 288 GLU A CA  1 
ATOM   646 C  C   . GLU A 1 83 ? -1.391  13.226  -2.518  1.00 76.13  ? 288 GLU A C   1 
ATOM   647 O  O   . GLU A 1 83 ? -2.349  12.537  -2.164  1.00 77.60  ? 288 GLU A O   1 
ATOM   648 C  CB  . GLU A 1 83 ? 0.348   12.198  -3.928  1.00 78.85  ? 288 GLU A CB  1 
ATOM   649 C  CG  . GLU A 1 83 ? 1.648   11.434  -4.059  1.00 80.81  ? 288 GLU A CG  1 
ATOM   650 C  CD  . GLU A 1 83 ? 1.791   10.768  -5.414  1.00 84.68  ? 288 GLU A CD  1 
ATOM   651 O  OE1 . GLU A 1 83 ? 1.040   11.140  -6.329  1.00 88.31  ? 288 GLU A OE1 1 
ATOM   652 O  OE2 . GLU A 1 83 ? 2.650   9.880   -5.555  1.00 86.70  ? 288 GLU A OE2 1 
ATOM   653 N  N   . PRO A 1 84 ? -1.556  14.490  -2.964  1.00 75.46  ? 289 PRO A N   1 
ATOM   654 C  CA  . PRO A 1 84 ? -2.876  15.042  -3.257  1.00 77.39  ? 289 PRO A CA  1 
ATOM   655 C  C   . PRO A 1 84 ? -3.550  14.354  -4.453  1.00 78.67  ? 289 PRO A C   1 
ATOM   656 O  O   . PRO A 1 84 ? -2.849  13.922  -5.358  1.00 80.39  ? 289 PRO A O   1 
ATOM   657 C  CB  . PRO A 1 84 ? -2.616  16.513  -3.624  1.00 77.34  ? 289 PRO A CB  1 
ATOM   658 C  CG  . PRO A 1 84 ? -1.204  16.791  -3.145  1.00 79.16  ? 289 PRO A CG  1 
ATOM   659 C  CD  . PRO A 1 84 ? -0.481  15.461  -3.221  1.00 76.94  ? 289 PRO A CD  1 
ATOM   660 N  N   . LEU A 1 85 ? -4.886  14.302  -4.439  1.00 79.14  ? 290 LEU A N   1 
ATOM   661 C  CA  . LEU A 1 85 ? -5.715  13.867  -5.593  1.00 80.64  ? 290 LEU A CA  1 
ATOM   662 C  C   . LEU A 1 85 ? -5.251  14.621  -6.838  1.00 81.97  ? 290 LEU A C   1 
ATOM   663 O  O   . LEU A 1 85 ? -5.297  15.873  -6.815  1.00 84.18  ? 290 LEU A O   1 
ATOM   664 C  CB  . LEU A 1 85 ? -7.194  14.165  -5.321  1.00 83.43  ? 290 LEU A CB  1 
ATOM   665 C  CG  . LEU A 1 85 ? -7.881  13.279  -4.283  1.00 83.58  ? 290 LEU A CG  1 
ATOM   666 C  CD1 . LEU A 1 85 ? -9.367  13.583  -4.221  1.00 86.69  ? 290 LEU A CD1 1 
ATOM   667 C  CD2 . LEU A 1 85 ? -7.657  11.805  -4.583  1.00 82.85  ? 290 LEU A CD2 1 
ATOM   668 N  N   . GLY A 1 86 ? -4.835  13.880  -7.867  1.00 83.27  ? 291 GLY A N   1 
ATOM   669 C  CA  . GLY A 1 86 ? -4.497  14.411  -9.203  1.00 88.93  ? 291 GLY A CA  1 
ATOM   670 C  C   . GLY A 1 86 ? -3.079  14.949  -9.263  1.00 90.98  ? 291 GLY A C   1 
ATOM   671 O  O   . GLY A 1 86 ? -2.834  15.849  -10.070 1.00 93.98  ? 291 GLY A O   1 
ATOM   672 N  N   . ASN A 1 87 ? -2.176  14.407  -8.440  1.00 94.80  ? 292 ASN A N   1 
ATOM   673 C  CA  . ASN A 1 87 ? -0.768  14.866  -8.308  1.00 97.07  ? 292 ASN A CA  1 
ATOM   674 C  C   . ASN A 1 87 ? -0.028  14.637  -9.635  1.00 102.36 ? 292 ASN A C   1 
ATOM   675 O  O   . ASN A 1 87 ? -0.414  13.702  -10.366 1.00 98.99  ? 292 ASN A O   1 
ATOM   676 C  CB  . ASN A 1 87 ? -0.070  14.148  -7.149  1.00 92.55  ? 292 ASN A CB  1 
ATOM   677 C  CG  . ASN A 1 87 ? 1.375   14.564  -6.988  1.00 91.41  ? 292 ASN A CG  1 
ATOM   678 O  OD1 . ASN A 1 87 ? 1.658   15.736  -6.774  1.00 93.28  ? 292 ASN A OD1 1 
ATOM   679 N  ND2 . ASN A 1 87 ? 2.293   13.620  -7.101  1.00 90.57  ? 292 ASN A ND2 1 
ATOM   680 N  N   . VAL A 1 88 ? 0.999   15.452  -9.916  1.00 110.26 ? 293 VAL A N   1 
ATOM   681 C  CA  . VAL A 1 88 ? 1.884   15.355  -11.120 1.00 116.23 ? 293 VAL A CA  1 
ATOM   682 C  C   . VAL A 1 88 ? 3.285   14.889  -10.679 1.00 117.94 ? 293 VAL A C   1 
ATOM   683 O  O   . VAL A 1 88 ? 4.283   15.482  -11.129 1.00 122.25 ? 293 VAL A O   1 
ATOM   684 C  CB  . VAL A 1 88 ? 1.927   16.703  -11.869 1.00 122.34 ? 293 VAL A CB  1 
ATOM   685 C  CG1 . VAL A 1 88 ? 2.407   16.540  -13.306 1.00 125.67 ? 293 VAL A CG1 1 
ATOM   686 C  CG2 . VAL A 1 88 ? 0.578   17.411  -11.834 1.00 121.54 ? 293 VAL A CG2 1 
ATOM   687 N  N   . GLU A 1 89 ? 3.346   13.845  -9.844  1.00 119.70 ? 294 GLU A N   1 
ATOM   688 C  CA  . GLU A 1 89 ? 4.569   13.333  -9.153  1.00 119.17 ? 294 GLU A CA  1 
ATOM   689 C  C   . GLU A 1 89 ? 5.517   14.494  -8.811  1.00 122.01 ? 294 GLU A C   1 
ATOM   690 O  O   . GLU A 1 89 ? 5.756   14.801  -7.633  1.00 117.68 ? 294 GLU A O   1 
ATOM   691 C  CB  . GLU A 1 89 ? 5.262   12.268  -10.006 1.00 118.12 ? 294 GLU A CB  1 
ATOM   692 C  CG  . GLU A 1 89 ? 4.349   11.123  -10.427 1.00 114.53 ? 294 GLU A CG  1 
ATOM   693 C  CD  . GLU A 1 89 ? 3.950   10.138  -9.336  1.00 107.71 ? 294 GLU A CD  1 
ATOM   694 O  OE1 . GLU A 1 89 ? 3.678   10.577  -8.201  1.00 101.98 ? 294 GLU A OE1 1 
ATOM   695 O  OE2 . GLU A 1 89 ? 3.909   8.926   -9.626  1.00 100.81 ? 294 GLU A OE2 1 
HETATM 696 ZN ZN  . ZN  B 2 .  ? 2.859   9.054   -6.984  1.00 88.32  ? 401 ZN  A ZN  1 
HETATM 697 S  S   . SO4 C 3 .  ? -9.790  5.770   -6.826  0.50 73.68  ? 402 SO4 A S   1 
HETATM 698 O  O1  . SO4 C 3 .  ? -8.986  4.705   -6.288  0.50 74.20  ? 402 SO4 A O1  1 
HETATM 699 O  O2  . SO4 C 3 .  ? -10.931 5.983   -5.979  0.50 74.27  ? 402 SO4 A O2  1 
HETATM 700 O  O3  . SO4 C 3 .  ? -10.235 5.418   -8.147  0.50 73.16  ? 402 SO4 A O3  1 
HETATM 701 O  O4  . SO4 C 3 .  ? -9.011  6.973   -6.893  0.50 74.20  ? 402 SO4 A O4  1 
HETATM 702 S  S   . SO4 D 3 .  ? 5.337   10.917  1.839   0.50 78.39  ? 403 SO4 A S   1 
HETATM 703 O  O1  . SO4 D 3 .  ? 6.036   9.785   2.389   0.50 79.67  ? 403 SO4 A O1  1 
HETATM 704 O  O2  . SO4 D 3 .  ? 5.888   12.131  2.379   0.50 78.46  ? 403 SO4 A O2  1 
HETATM 705 O  O3  . SO4 D 3 .  ? 5.486   10.916  0.409   0.50 78.69  ? 403 SO4 A O3  1 
HETATM 706 O  O4  . SO4 D 3 .  ? 3.943   10.833  2.174   0.50 77.50  ? 403 SO4 A O4  1 
HETATM 707 O  O   . HOH E 4 .  ? 4.630   11.325  -1.843  1.00 76.76  ? 501 HOH A O   1 
HETATM 708 O  O   . HOH E 4 .  ? -8.331  15.760  8.037   1.00 78.74  ? 502 HOH A O   1 
HETATM 709 O  O   . HOH E 4 .  ? -8.708  8.184   7.325   1.00 82.51  ? 503 HOH A O   1 
HETATM 710 O  O   . HOH E 4 .  ? -7.059  8.858   9.149   1.00 74.73  ? 504 HOH A O   1 
HETATM 711 O  O   . HOH E 4 .  ? 8.676   -1.516  2.497   1.00 78.07  ? 505 HOH A O   1 
HETATM 712 O  O   . HOH E 4 .  ? 2.640   14.838  0.715   1.00 82.62  ? 506 HOH A O   1 
HETATM 713 O  O   . HOH E 4 .  ? -13.790 -4.851  -5.558  1.00 82.50  ? 507 HOH A O   1 
# 
loop_
_atom_site_anisotrop.id 
_atom_site_anisotrop.type_symbol 
_atom_site_anisotrop.pdbx_label_atom_id 
_atom_site_anisotrop.pdbx_label_alt_id 
_atom_site_anisotrop.pdbx_label_comp_id 
_atom_site_anisotrop.pdbx_label_asym_id 
_atom_site_anisotrop.pdbx_label_seq_id 
_atom_site_anisotrop.pdbx_PDB_ins_code 
_atom_site_anisotrop.U[1][1] 
_atom_site_anisotrop.U[2][2] 
_atom_site_anisotrop.U[3][3] 
_atom_site_anisotrop.U[1][2] 
_atom_site_anisotrop.U[1][3] 
_atom_site_anisotrop.U[2][3] 
_atom_site_anisotrop.pdbx_auth_seq_id 
_atom_site_anisotrop.pdbx_auth_comp_id 
_atom_site_anisotrop.pdbx_auth_asym_id 
_atom_site_anisotrop.pdbx_auth_atom_id 
1   N N   . MET A 4  ? 1.6334 1.0473 1.1127 0.1533  0.1071  -0.1237 209 MET A N   
2   C CA  . MET A 4  ? 1.6035 1.0210 1.1063 0.1357  0.0506  -0.1047 209 MET A CA  
3   C C   . MET A 4  ? 1.6428 0.9998 1.1167 0.1484  0.0209  -0.1201 209 MET A C   
4   O O   . MET A 4  ? 1.6148 0.9088 1.0206 0.1655  0.0356  -0.1443 209 MET A O   
5   C CB  . MET A 4  ? 1.6276 1.0289 1.0818 0.1057  0.0225  -0.0829 209 MET A CB  
6   C CG  . MET A 4  ? 1.6002 1.0144 1.0856 0.0841  -0.0282 -0.0621 209 MET A CG  
7   S SD  . MET A 4  ? 1.5692 1.0765 1.1659 0.0771  -0.0275 -0.0418 209 MET A SD  
8   C CE  . MET A 4  ? 1.5100 1.0535 1.1067 0.0596  -0.0129 -0.0234 209 MET A CE  
9   N N   . LYS A 5  ? 1.5968 0.9701 1.1195 0.1413  -0.0161 -0.1070 210 LYS A N   
10  C CA  A LYS A 5  ? 1.6579 0.9714 1.1573 0.1458  -0.0534 -0.1140 210 LYS A CA  
11  C CA  B LYS A 5  ? 1.6825 0.9957 1.1813 0.1457  -0.0535 -0.1139 210 LYS A CA  
12  C C   . LYS A 5  ? 1.6284 0.9538 1.1483 0.1144  -0.0977 -0.0858 210 LYS A C   
13  O O   . LYS A 5  ? 1.4935 0.8829 1.0605 0.0984  -0.0936 -0.0656 210 LYS A O   
14  C CB  A LYS A 5  ? 1.6286 0.9501 1.1794 0.1798  -0.0419 -0.1315 210 LYS A CB  
15  C CB  B LYS A 5  ? 1.6865 1.0059 1.2352 0.1798  -0.0422 -0.1319 210 LYS A CB  
16  C CG  A LYS A 5  ? 1.5227 0.9292 1.1707 0.1854  -0.0299 -0.1205 210 LYS A CG  
17  C CG  B LYS A 5  ? 1.7679 1.0689 1.2981 0.2134  0.0023  -0.1640 210 LYS A CG  
18  C CD  A LYS A 5  ? 1.5146 0.9239 1.2154 0.2179  -0.0337 -0.1351 210 LYS A CD  
19  C CD  B LYS A 5  ? 1.7914 1.1009 1.3814 0.2507  0.0092  -0.1833 210 LYS A CD  
20  C CE  A LYS A 5  ? 1.4012 0.8872 1.1920 0.2194  -0.0351 -0.1217 210 LYS A CE  
21  C CE  B LYS A 5  ? 1.8558 1.1450 1.4280 0.2853  0.0567  -0.2182 210 LYS A CE  
22  N NZ  A LYS A 5  ? 1.4049 0.8814 1.2388 0.2485  -0.0554 -0.1313 210 LYS A NZ  
23  N NZ  B LYS A 5  ? 1.8455 1.1801 1.5114 0.3221  0.0733  -0.2347 210 LYS A NZ  
24  N N   . ARG A 6  ? 1.7143 0.9781 1.1997 0.1058  -0.1360 -0.0858 211 ARG A N   
25  C CA  . ARG A 6  ? 1.7105 0.9752 1.2059 0.0710  -0.1766 -0.0599 211 ARG A CA  
26  C C   . ARG A 6  ? 1.6348 0.9660 1.2070 0.0663  -0.1758 -0.0394 211 ARG A C   
27  O O   . ARG A 6  ? 1.5267 0.9020 1.1256 0.0395  -0.1836 -0.0169 211 ARG A O   
28  C CB  . ARG A 6  ? 1.8047 0.9851 1.2524 0.0647  -0.2135 -0.0662 211 ARG A CB  
29  C CG  . ARG A 6  ? 1.8117 0.9806 1.2508 0.0229  -0.2523 -0.0444 211 ARG A CG  
30  C CD  . ARG A 6  ? 1.8914 0.9786 1.2927 0.0115  -0.2901 -0.0475 211 ARG A CD  
31  N NE  . ARG A 6  ? 1.9558 0.9649 1.2786 0.0096  -0.3079 -0.0679 211 ARG A NE  
32  C CZ  . ARG A 6  ? 2.0502 0.9831 1.3168 0.0370  -0.3060 -0.0964 211 ARG A CZ  
33  N NH1 . ARG A 6  ? 2.0664 0.9948 1.3551 0.0711  -0.2873 -0.1082 211 ARG A NH1 
34  N NH2 . ARG A 6  ? 2.1450 1.0040 1.3324 0.0316  -0.3245 -0.1146 211 ARG A NH2 
35  N N   . THR A 7  ? 1.6676 1.0046 1.2733 0.0925  -0.1680 -0.0478 212 THR A N   
36  C CA  . THR A 7  ? 1.6378 1.0271 1.3057 0.0905  -0.1720 -0.0302 212 THR A CA  
37  C C   . THR A 7  ? 1.5652 1.0349 1.2782 0.0845  -0.1450 -0.0216 212 THR A C   
38  O O   . THR A 7  ? 1.5759 1.0846 1.3196 0.0650  -0.1536 -0.0006 212 THR A O   
39  C CB  . THR A 7  ? 1.6639 1.0395 1.3573 0.1240  -0.1737 -0.0434 212 THR A CB  
40  O OG1 . THR A 7  ? 1.6227 1.0517 1.3689 0.1196  -0.1778 -0.0259 212 THR A OG1 
41  C CG2 . THR A 7  ? 1.6927 1.0785 1.4004 0.1602  -0.1401 -0.0722 212 THR A CG2 
42  N N   . GLU A 8  ? 1.5792 1.0675 1.2910 0.0992  -0.1122 -0.0374 213 GLU A N   
43  C CA  . GLU A 8  ? 1.5318 1.0876 1.2815 0.0941  -0.0843 -0.0307 213 GLU A CA  
44  C C   . GLU A 8  ? 1.4728 1.0398 1.2055 0.0624  -0.0966 -0.0104 213 GLU A C   
45  O O   . GLU A 8  ? 1.3544 0.9767 1.1265 0.0535  -0.0854 0.0017  213 GLU A O   
46  C CB  . GLU A 8  ? 1.5762 1.1330 1.3151 0.1147  -0.0451 -0.0521 213 GLU A CB  
47  C CG  . GLU A 8  ? 1.5311 1.1547 1.3195 0.1139  -0.0129 -0.0483 213 GLU A CG  
48  C CD  . GLU A 8  ? 1.5848 1.2073 1.3591 0.1293  0.0311  -0.0669 213 GLU A CD  
49  O OE1 . GLU A 8  ? 1.5551 1.2175 1.3496 0.1210  0.0575  -0.0607 213 GLU A OE1 
50  O OE2 . GLU A 8  ? 1.6989 1.2769 1.4392 0.1493  0.0408  -0.0878 213 GLU A OE2 
51  N N   . LEU A 9  ? 1.5343 1.0502 1.2146 0.0467  -0.1215 -0.0077 214 LEU A N   
52  C CA  . LEU A 9  ? 1.5027 1.0264 1.1718 0.0176  -0.1397 0.0099  214 LEU A CA  
53  C C   . LEU A 9  ? 1.4847 1.0368 1.1948 -0.0037 -0.1600 0.0310  214 LEU A C   
54  O O   . LEU A 9  ? 1.3840 0.9854 1.1265 -0.0181 -0.1561 0.0457  214 LEU A O   
55  C CB  . LEU A 9  ? 1.5666 1.0208 1.1668 0.0095  -0.1632 0.0018  214 LEU A CB  
56  C CG  . LEU A 9  ? 1.5261 0.9846 1.1117 -0.0159 -0.1839 0.0153  214 LEU A CG  
57  C CD1 . LEU A 9  ? 1.4749 0.9533 1.0461 -0.0078 -0.1592 0.0137  214 LEU A CD1 
58  C CD2 . LEU A 9  ? 1.6151 1.0021 1.1404 -0.0285 -0.2191 0.0085  214 LEU A CD2 
59  N N   . ASP A 10 ? 1.5285 1.0457 1.2327 -0.0056 -0.1798 0.0324  215 ASP A N   
60  C CA  . ASP A 10 ? 1.5038 1.0369 1.2361 -0.0268 -0.1956 0.0532  215 ASP A CA  
61  C C   . ASP A 10 ? 1.3524 0.9554 1.1357 -0.0238 -0.1742 0.0622  215 ASP A C   
62  O O   . ASP A 10 ? 1.2669 0.9055 1.0747 -0.0457 -0.1759 0.0792  215 ASP A O   
63  C CB  . ASP A 10 ? 1.5936 1.0749 1.3088 -0.0209 -0.2135 0.0519  215 ASP A CB  
64  C CG  . ASP A 10 ? 1.6655 1.1292 1.3783 -0.0544 -0.2371 0.0734  215 ASP A CG  
65  O OD1 . ASP A 10 ? 1.7926 1.2304 1.4855 -0.0771 -0.2551 0.0759  215 ASP A OD1 
66  O OD2 . ASP A 10 ? 1.6781 1.1567 1.4099 -0.0597 -0.2366 0.0883  215 ASP A OD2 
67  N N   . MET A 11 ? 1.3214 0.9437 1.1223 0.0026  -0.1538 0.0493  216 MET A N   
68  C CA  . MET A 11 ? 1.3092 0.9906 1.1569 0.0075  -0.1369 0.0544  216 MET A CA  
69  C C   . MET A 11 ? 1.2686 0.9945 1.1338 -0.0041 -0.1215 0.0608  216 MET A C   
70  O O   . MET A 11 ? 1.2155 0.9787 1.1081 -0.0169 -0.1199 0.0740  216 MET A O   
71  C CB  . MET A 11 ? 1.3436 1.0362 1.2133 0.0372  -0.1208 0.0367  216 MET A CB  
72  C CG  . MET A 11 ? 1.3000 1.0516 1.2178 0.0403  -0.1056 0.0393  216 MET A CG  
73  S SD  . MET A 11 ? 1.3393 1.1032 1.2675 0.0261  -0.1242 0.0580  216 MET A SD  
74  C CE  . MET A 11 ? 1.3407 1.0767 1.2745 0.0527  -0.1420 0.0476  216 MET A CE  
75  N N   . TYR A 12 ? 1.2360 0.9543 1.0819 0.0012  -0.1098 0.0517  217 TYR A N   
76  C CA  . TYR A 12 ? 1.1876 0.9377 1.0432 -0.0079 -0.0990 0.0587  217 TYR A CA  
77  C C   . TYR A 12 ? 1.1763 0.9341 1.0378 -0.0322 -0.1202 0.0755  217 TYR A C   
78  O O   . TYR A 12 ? 1.1567 0.9572 1.0510 -0.0395 -0.1133 0.0850  217 TYR A O   
79  C CB  . TYR A 12 ? 1.1852 0.9094 1.0014 0.0004  -0.0869 0.0482  217 TYR A CB  
80  C CG  . TYR A 12 ? 1.1775 0.9157 1.0056 0.0202  -0.0543 0.0346  217 TYR A CG  
81  C CD1 . TYR A 12 ? 1.1406 0.9277 1.0140 0.0212  -0.0352 0.0385  217 TYR A CD1 
82  C CD2 . TYR A 12 ? 1.2853 0.9883 1.0832 0.0376  -0.0413 0.0166  217 TYR A CD2 
83  C CE1 . TYR A 12 ? 1.1531 0.9573 1.0471 0.0355  -0.0052 0.0264  217 TYR A CE1 
84  C CE2 . TYR A 12 ? 1.3097 1.0329 1.1296 0.0544  -0.0072 0.0036  217 TYR A CE2 
85  C CZ  . TYR A 12 ? 1.2498 1.0254 1.1207 0.0517  0.0104  0.0094  217 TYR A CZ  
86  O OH  . TYR A 12 ? 1.2803 1.0796 1.1816 0.0644  0.0440  -0.0029 217 TYR A OH  
87  N N   . ASP A 13 ? 1.2542 0.9723 1.0897 -0.0444 -0.1446 0.0778  218 ASP A N   
88  C CA  . ASP A 13 ? 1.2953 1.0216 1.1443 -0.0710 -0.1657 0.0932  218 ASP A CA  
89  C C   . ASP A 13 ? 1.2594 1.0299 1.1522 -0.0804 -0.1563 0.1063  218 ASP A C   
90  O O   . ASP A 13 ? 1.3379 1.1502 1.2649 -0.0921 -0.1529 0.1162  218 ASP A O   
91  C CB  . ASP A 13 ? 1.3649 1.0348 1.1785 -0.0841 -0.1937 0.0919  218 ASP A CB  
92  C CG  . ASP A 13 ? 1.4475 1.0731 1.2127 -0.0814 -0.2086 0.0806  218 ASP A CG  
93  O OD1 . ASP A 13 ? 1.4517 1.0955 1.2150 -0.0767 -0.2023 0.0800  218 ASP A OD1 
94  O OD2 . ASP A 13 ? 1.5316 1.0987 1.2554 -0.0841 -0.2280 0.0725  218 ASP A OD2 
95  N N   . ASP A 14 ? 1.2980 1.0573 1.1869 -0.0731 -0.1523 0.1053  219 ASP A N   
96  C CA  . ASP A 14 ? 1.2980 1.0856 1.2106 -0.0819 -0.1444 0.1175  219 ASP A CA  
97  C C   . ASP A 14 ? 1.1973 1.0379 1.1429 -0.0724 -0.1220 0.1158  219 ASP A C   
98  O O   . ASP A 14 ? 1.1597 1.0333 1.1287 -0.0851 -0.1136 0.1262  219 ASP A O   
99  C CB  . ASP A 14 ? 1.3408 1.0922 1.2306 -0.0727 -0.1517 0.1162  219 ASP A CB  
100 C CG  . ASP A 14 ? 1.4439 1.1363 1.2998 -0.0845 -0.1751 0.1200  219 ASP A CG  
101 O OD1 . ASP A 14 ? 1.5037 1.1809 1.3515 -0.0973 -0.1864 0.1193  219 ASP A OD1 
102 O OD2 . ASP A 14 ? 1.4502 1.1073 1.2854 -0.0809 -0.1849 0.1235  219 ASP A OD2 
103 N N   . ILE A 15 ? 1.1862 1.0328 1.1335 -0.0514 -0.1106 0.1024  220 ILE A N   
104 C CA  . ILE A 15 ? 1.1356 1.0254 1.1126 -0.0429 -0.0905 0.0992  220 ILE A CA  
105 C C   . ILE A 15 ? 1.1011 1.0172 1.0966 -0.0543 -0.0881 0.1071  220 ILE A C   
106 O O   . ILE A 15 ? 1.0236 0.9736 1.0459 -0.0603 -0.0791 0.1133  220 ILE A O   
107 C CB  . ILE A 15 ? 1.1609 1.0474 1.1370 -0.0227 -0.0780 0.0842  220 ILE A CB  
108 C CG1 . ILE A 15 ? 1.1705 1.0400 1.1437 -0.0076 -0.0813 0.0744  220 ILE A CG1 
109 C CG2 . ILE A 15 ? 1.1366 1.0608 1.1416 -0.0188 -0.0594 0.0825  220 ILE A CG2 
110 C CD1 . ILE A 15 ? 1.1976 1.0609 1.1725 0.0113  -0.0675 0.0582  220 ILE A CD1 
111 N N   . PHE A 16 ? 1.1222 1.0202 1.1016 -0.0558 -0.0975 0.1061  221 PHE A N   
112 C CA  . PHE A 16 ? 1.1069 1.0247 1.1039 -0.0639 -0.1033 0.1136  221 PHE A CA  
113 C C   . PHE A 16 ? 1.0862 1.0270 1.1132 -0.0837 -0.1122 0.1257  221 PHE A C   
114 O O   . PHE A 16 ? 1.0882 1.0667 1.1528 -0.0870 -0.1076 0.1313  221 PHE A O   
115 C CB  . PHE A 16 ? 1.1359 1.0172 1.0960 -0.0620 -0.1182 0.1101  221 PHE A CB  
116 C CG  . PHE A 16 ? 1.1213 0.9940 1.0621 -0.0460 -0.1015 0.1027  221 PHE A CG  
117 C CD1 . PHE A 16 ? 1.1448 1.0384 1.1026 -0.0435 -0.0968 0.1082  221 PHE A CD1 
118 C CD2 . PHE A 16 ? 1.1669 1.0109 1.0757 -0.0335 -0.0886 0.0904  221 PHE A CD2 
119 C CE1 . PHE A 16 ? 1.1490 1.0291 1.0850 -0.0323 -0.0796 0.1039  221 PHE A CE1 
120 C CE2 . PHE A 16 ? 1.1988 1.0371 1.0928 -0.0223 -0.0676 0.0847  221 PHE A CE2 
121 C CZ  . PHE A 16 ? 1.1772 1.0311 1.0815 -0.0235 -0.0632 0.0926  221 PHE A CZ  
122 N N   . ALA A 17 ? 1.1144 1.0323 1.1270 -0.0964 -0.1226 0.1295  222 ALA A N   
123 C CA  . ALA A 17 ? 1.1226 1.0588 1.1618 -0.1199 -0.1264 0.1425  222 ALA A CA  
124 C C   . ALA A 17 ? 1.0585 1.0359 1.1257 -0.1191 -0.1010 0.1464  222 ALA A C   
125 O O   . ALA A 17 ? 1.0950 1.1113 1.2032 -0.1311 -0.0938 0.1539  222 ALA A O   
126 C CB  . ALA A 17 ? 1.1829 1.0742 1.1908 -0.1332 -0.1411 0.1462  222 ALA A CB  
127 N N   . VAL A 18 ? 1.0864 1.0561 1.1337 -0.1044 -0.0884 0.1400  223 VAL A N   
128 C CA  . VAL A 18 ? 1.1034 1.1021 1.1635 -0.1018 -0.0665 0.1408  223 VAL A CA  
129 C C   . VAL A 18 ? 1.0503 1.0887 1.1458 -0.0910 -0.0528 0.1354  223 VAL A C   
130 O O   . VAL A 18 ? 1.0738 1.1438 1.1930 -0.0955 -0.0356 0.1381  223 VAL A O   
131 C CB  . VAL A 18 ? 1.1428 1.1181 1.1717 -0.0882 -0.0651 0.1338  223 VAL A CB  
132 C CG1 . VAL A 18 ? 1.1357 1.1353 1.1702 -0.0842 -0.0464 0.1316  223 VAL A CG1 
133 C CG2 . VAL A 18 ? 1.1810 1.1128 1.1739 -0.0968 -0.0802 0.1407  223 VAL A CG2 
134 N N   . LEU A 19 ? 1.0001 1.0330 1.0952 -0.0769 -0.0578 0.1277  224 LEU A N   
135 C CA  . LEU A 19 ? 0.9348 0.9947 1.0572 -0.0656 -0.0471 0.1236  224 LEU A CA  
136 C C   . LEU A 19 ? 0.9194 1.0098 1.0822 -0.0737 -0.0509 0.1314  224 LEU A C   
137 O O   . LEU A 19 ? 0.8333 0.9544 1.0275 -0.0669 -0.0363 0.1292  224 LEU A O   
138 C CB  . LEU A 19 ? 0.9210 0.9587 1.0250 -0.0527 -0.0519 0.1170  224 LEU A CB  
139 C CG  . LEU A 19 ? 0.9253 0.9459 1.0084 -0.0422 -0.0435 0.1069  224 LEU A CG  
140 C CD1 . LEU A 19 ? 0.9507 0.9485 1.0146 -0.0334 -0.0434 0.1018  224 LEU A CD1 
141 C CD2 . LEU A 19 ? 0.8808 0.9230 0.9816 -0.0358 -0.0277 0.1008  224 LEU A CD2 
142 N N   . GLU A 20 ? 0.9761 1.0583 1.1415 -0.0874 -0.0711 0.1387  225 GLU A N   
143 C CA  . GLU A 20 ? 1.0125 1.1274 1.2272 -0.0974 -0.0812 0.1460  225 GLU A CA  
144 C C   . GLU A 20 ? 1.0070 1.1658 1.2638 -0.1060 -0.0570 0.1496  225 GLU A C   
145 O O   . GLU A 20 ? 1.0268 1.2272 1.3403 -0.1064 -0.0556 0.1519  225 GLU A O   
146 C CB  . GLU A 20 ? 1.0989 1.1918 1.3051 -0.1155 -0.1094 0.1524  225 GLU A CB  
147 C CG  . GLU A 20 ? 1.1502 1.2060 1.3225 -0.1070 -0.1357 0.1488  225 GLU A CG  
148 C CD  . GLU A 20 ? 1.2465 1.2797 1.4120 -0.1252 -0.1687 0.1530  225 GLU A CD  
149 O OE1 . GLU A 20 ? 1.2954 1.3373 1.4808 -0.1467 -0.1705 0.1592  225 GLU A OE1 
150 O OE2 . GLU A 20 ? 1.3733 1.3759 1.5093 -0.1195 -0.1932 0.1504  225 GLU A OE2 
151 N N   . ARG A 21 ? 1.0345 1.1824 1.2629 -0.1118 -0.0390 0.1498  226 ARG A N   
152 C CA  . ARG A 21 ? 1.0506 1.2290 1.2984 -0.1208 -0.0102 0.1527  226 ARG A CA  
153 C C   . ARG A 21 ? 0.9879 1.1971 1.2619 -0.1011 0.0111  0.1426  226 ARG A C   
154 O O   . ARG A 21 ? 0.9280 1.1735 1.2353 -0.1057 0.0362  0.1431  226 ARG A O   
155 C CB  . ARG A 21 ? 1.1122 1.2548 1.3030 -0.1274 -0.0022 0.1548  226 ARG A CB  
156 C CG  . ARG A 21 ? 1.1338 1.2886 1.3261 -0.1490 0.0202  0.1651  226 ARG A CG  
157 C CD  . ARG A 21 ? 1.2012 1.3067 1.3274 -0.1571 0.0178  0.1710  226 ARG A CD  
158 N NE  . ARG A 21 ? 1.2173 1.2886 1.3272 -0.1756 -0.0052 0.1820  226 ARG A NE  
159 C CZ  . ARG A 21 ? 1.2465 1.2775 1.3105 -0.1924 -0.0061 0.1937  226 ARG A CZ  
160 N NH1 . ARG A 21 ? 1.2627 1.2826 1.2880 -0.1938 0.0145  0.1971  226 ARG A NH1 
161 N NH2 . ARG A 21 ? 1.2802 1.2759 1.3316 -0.2081 -0.0293 0.2022  226 ARG A NH2 
162 N N   . PHE A 22 ? 0.9457 1.1386 1.2047 -0.0808 0.0037  0.1335  227 PHE A N   
163 C CA  . PHE A 22 ? 0.9394 1.1457 1.2098 -0.0613 0.0210  0.1223  227 PHE A CA  
164 C C   . PHE A 22 ? 0.9236 1.1472 1.2369 -0.0480 0.0095  0.1216  227 PHE A C   
165 O O   . PHE A 22 ? 0.9125 1.1107 1.2089 -0.0418 -0.0112 0.1228  227 PHE A O   
166 C CB  . PHE A 22 ? 0.9215 1.0930 1.1446 -0.0511 0.0204  0.1134  227 PHE A CB  
167 C CG  . PHE A 22 ? 0.9163 1.0701 1.0984 -0.0593 0.0286  0.1127  227 PHE A CG  
168 C CD1 . PHE A 22 ? 0.9380 1.0992 1.1098 -0.0566 0.0504  0.1057  227 PHE A CD1 
169 C CD2 . PHE A 22 ? 0.9546 1.0784 1.1031 -0.0680 0.0125  0.1184  227 PHE A CD2 
170 C CE1 . PHE A 22 ? 1.0038 1.1411 1.1280 -0.0639 0.0534  0.1065  227 PHE A CE1 
171 C CE2 . PHE A 22 ? 0.9651 1.0669 1.0735 -0.0735 0.0149  0.1192  227 PHE A CE2 
172 C CZ  . PHE A 22 ? 1.0072 1.1148 1.1010 -0.0721 0.0340  0.1142  227 PHE A CZ  
173 N N   . PRO A 23 ? 0.9209 1.1856 1.2886 -0.0419 0.0232  0.1195  228 PRO A N   
174 C CA  . PRO A 23 ? 0.9154 1.1978 1.3311 -0.0285 0.0061  0.1207  228 PRO A CA  
175 C C   . PRO A 23 ? 0.8864 1.1422 1.2851 -0.0064 0.0020  0.1135  228 PRO A C   
176 O O   . PRO A 23 ? 0.8697 1.1165 1.2804 0.0024  -0.0218 0.1185  228 PRO A O   
177 C CB  . PRO A 23 ? 0.8921 1.2298 1.3763 -0.0262 0.0282  0.1178  228 PRO A CB  
178 C CG  . PRO A 23 ? 0.9045 1.2417 1.3579 -0.0306 0.0650  0.1100  228 PRO A CG  
179 C CD  . PRO A 23 ? 0.9175 1.2116 1.3014 -0.0461 0.0563  0.1151  228 PRO A CD  
180 N N   . ASN A 24 ? 0.9101 1.1506 1.2792 0.0005  0.0232  0.1028  229 ASN A N   
181 C CA  . ASN A 24 ? 0.9496 1.1633 1.3045 0.0182  0.0232  0.0949  229 ASN A CA  
182 C C   . ASN A 24 ? 0.9033 1.0739 1.2047 0.0124  0.0125  0.0971  229 ASN A C   
183 O O   . ASN A 24 ? 0.8636 1.0086 1.1509 0.0219  0.0133  0.0925  229 ASN A O   
184 C CB  . ASN A 24 ? 1.0085 1.2298 1.3674 0.0287  0.0507  0.0797  229 ASN A CB  
185 C CG  . ASN A 24 ? 1.0803 1.3066 1.4106 0.0156  0.0705  0.0749  229 ASN A CG  
186 O OD1 . ASN A 24 ? 1.0775 1.2939 1.3793 -0.0005 0.0625  0.0828  229 ASN A OD1 
187 N ND2 . ASN A 24 ? 1.0998 1.3355 1.4320 0.0236  0.0957  0.0617  229 ASN A ND2 
188 N N   . VAL A 25 ? 0.8415 1.0038 1.1172 -0.0026 0.0039  0.1033  230 VAL A N   
189 C CA  . VAL A 25 ? 0.8539 0.9797 1.0867 -0.0063 -0.0059 0.1050  230 VAL A CA  
190 C C   . VAL A 25 ? 0.8609 0.9695 1.0887 -0.0047 -0.0279 0.1150  230 VAL A C   
191 O O   . VAL A 25 ? 0.8915 1.0151 1.1385 -0.0105 -0.0435 0.1223  230 VAL A O   
192 C CB  . VAL A 25 ? 0.8395 0.9582 1.0454 -0.0192 -0.0066 0.1054  230 VAL A CB  
193 C CG1 . VAL A 25 ? 0.8655 0.9513 1.0363 -0.0207 -0.0170 0.1068  230 VAL A CG1 
194 C CG2 . VAL A 25 ? 0.8463 0.9689 1.0424 -0.0193 0.0096  0.0959  230 VAL A CG2 
195 N N   . HIS A 26 ? 0.8417 0.9179 1.0434 0.0017  -0.0296 0.1157  231 HIS A N   
196 C CA  . HIS A 26 ? 0.8600 0.9073 1.0403 0.0042  -0.0507 0.1259  231 HIS A CA  
197 C C   . HIS A 26 ? 0.8627 0.8697 0.9892 -0.0003 -0.0456 0.1258  231 HIS A C   
198 O O   . HIS A 26 ? 0.7996 0.8045 0.9204 -0.0013 -0.0248 0.1176  231 HIS A O   
199 C CB  . HIS A 26 ? 0.8850 0.9282 1.0865 0.0186  -0.0564 0.1294  231 HIS A CB  
200 C CG  . HIS A 26 ? 0.8591 0.9455 1.1201 0.0254  -0.0623 0.1286  231 HIS A CG  
201 N ND1 . HIS A 26 ? 0.8464 0.9512 1.1325 0.0222  -0.0870 0.1363  231 HIS A ND1 
202 C CD2 . HIS A 26 ? 0.8237 0.9401 1.1267 0.0348  -0.0449 0.1198  231 HIS A CD2 
203 C CE1 . HIS A 26 ? 0.8207 0.9709 1.1698 0.0292  -0.0823 0.1327  231 HIS A CE1 
204 N NE2 . HIS A 26 ? 0.7998 0.9564 1.1565 0.0380  -0.0545 0.1221  231 HIS A NE2 
205 N N   . ASN A 27 ? 0.8798 0.8569 0.9695 -0.0032 -0.0645 0.1335  232 ASN A N   
206 C CA  . ASN A 27 ? 0.9172 0.8485 0.9477 -0.0055 -0.0578 0.1345  232 ASN A CA  
207 C C   . ASN A 27 ? 0.9161 0.8533 0.9426 -0.0094 -0.0328 0.1231  232 ASN A C   
208 O O   . ASN A 27 ? 0.9342 0.8588 0.9503 -0.0087 -0.0113 0.1196  232 ASN A O   
209 C CB  . ASN A 27 ? 0.9267 0.8266 0.9368 0.0007  -0.0523 0.1415  232 ASN A CB  
210 C CG  . ASN A 27 ? 0.9736 0.8213 0.9144 -0.0032 -0.0459 0.1458  232 ASN A CG  
211 O OD1 . ASN A 27 ? 0.9680 0.7891 0.8866 -0.0038 -0.0267 0.1492  232 ASN A OD1 
212 N ND2 . ASN A 27 ? 0.9258 0.7548 0.8288 -0.0071 -0.0599 0.1453  232 ASN A ND2 
213 N N   . PRO A 28 ? 0.9254 0.8816 0.9632 -0.0142 -0.0359 0.1172  233 PRO A N   
214 C CA  . PRO A 28 ? 0.9271 0.8829 0.9581 -0.0148 -0.0190 0.1068  233 PRO A CA  
215 C C   . PRO A 28 ? 0.9719 0.8883 0.9540 -0.0137 -0.0105 0.1049  233 PRO A C   
216 O O   . PRO A 28 ? 0.9864 0.8734 0.9296 -0.0154 -0.0272 0.1100  233 PRO A O   
217 C CB  . PRO A 28 ? 0.9245 0.8933 0.9640 -0.0201 -0.0320 0.1051  233 PRO A CB  
218 C CG  . PRO A 28 ? 0.9709 0.9386 1.0109 -0.0257 -0.0564 0.1153  233 PRO A CG  
219 C CD  . PRO A 28 ? 0.9666 0.9429 1.0253 -0.0197 -0.0566 0.1213  233 PRO A CD  
220 N N   . HIS A 29 ? 0.9549 0.8709 0.9400 -0.0114 0.0152  0.0974  234 HIS A N   
221 C CA  . HIS A 29 ? 1.0188 0.9011 0.9613 -0.0105 0.0347  0.0940  234 HIS A CA  
222 C C   . HIS A 29 ? 0.9649 0.8689 0.9394 -0.0079 0.0605  0.0805  234 HIS A C   
223 O O   . HIS A 29 ? 0.9156 0.8550 0.9396 -0.0076 0.0586  0.0757  234 HIS A O   
224 C CB  . HIS A 29 ? 1.0430 0.8946 0.9531 -0.0133 0.0415  0.1055  234 HIS A CB  
225 C CG  . HIS A 29 ? 1.0411 0.9098 0.9881 -0.0159 0.0573  0.1074  234 HIS A CG  
226 N ND1 . HIS A 29 ? 1.0013 0.8952 0.9888 -0.0143 0.0429  0.1102  234 HIS A ND1 
227 C CD2 . HIS A 29 ? 1.0530 0.9141 1.0021 -0.0212 0.0867  0.1062  234 HIS A CD2 
228 C CE1 . HIS A 29 ? 0.9989 0.8955 1.0078 -0.0174 0.0597  0.1097  234 HIS A CE1 
229 N NE2 . HIS A 29 ? 1.0047 0.8825 0.9933 -0.0235 0.0861  0.1082  234 HIS A NE2 
230 N N   . ARG A 30 ? 1.0268 0.9098 0.9742 -0.0056 0.0837  0.0740  235 ARG A N   
231 C CA  . ARG A 30 ? 1.0296 0.9362 1.0147 -0.0007 0.1084  0.0588  235 ARG A CA  
232 C C   . ARG A 30 ? 0.9600 0.8914 0.9785 0.0070  0.0875  0.0499  235 ARG A C   
233 O O   . ARG A 30 ? 0.9266 0.8923 0.9992 0.0100  0.0916  0.0409  235 ARG A O   
234 C CB  . ARG A 30 ? 1.0437 0.9759 1.0751 -0.0079 0.1299  0.0582  235 ARG A CB  
235 C CG  . ARG A 30 ? 1.1667 1.0700 1.1645 -0.0163 0.1611  0.0648  235 ARG A CG  
236 C CD  . ARG A 30 ? 1.2079 1.1367 1.2586 -0.0266 0.1852  0.0625  235 ARG A CD  
237 N NE  . ARG A 30 ? 1.3151 1.2072 1.3249 -0.0387 0.2124  0.0745  235 ARG A NE  
238 C CZ  . ARG A 30 ? 1.3654 1.2662 1.4087 -0.0527 0.2374  0.0764  235 ARG A CZ  
239 N NH1 . ARG A 30 ? 1.3552 1.3035 1.4776 -0.0559 0.2360  0.0650  235 ARG A NH1 
240 N NH2 . ARG A 30 ? 1.4424 1.2997 1.4360 -0.0650 0.2620  0.0904  235 ARG A NH2 
241 N N   . VAL A 31 ? 0.9377 0.8481 0.9232 0.0086  0.0631  0.0534  236 VAL A N   
242 C CA  . VAL A 31 ? 0.9432 0.8639 0.9464 0.0138  0.0419  0.0484  236 VAL A CA  
243 C C   . VAL A 31 ? 0.9867 0.8950 0.9857 0.0271  0.0530  0.0331  236 VAL A C   
244 O O   . VAL A 31 ? 1.0822 0.9525 1.0313 0.0302  0.0579  0.0301  236 VAL A O   
245 C CB  . VAL A 31 ? 0.9484 0.8514 0.9230 0.0065  0.0130  0.0593  236 VAL A CB  
246 C CG1 . VAL A 31 ? 0.9531 0.8617 0.9420 0.0080  -0.0063 0.0573  236 VAL A CG1 
247 C CG2 . VAL A 31 ? 0.8965 0.8148 0.8818 -0.0031 0.0060  0.0723  236 VAL A CG2 
248 N N   . ARG A 32 ? 0.9901 0.9279 1.0396 0.0360  0.0561  0.0227  237 ARG A N   
249 C CA  . ARG A 32 ? 1.0419 0.9803 1.1094 0.0528  0.0707  0.0053  237 ARG A CA  
250 C C   . ARG A 32 ? 1.0600 1.0056 1.1539 0.0632  0.0428  0.0007  237 ARG A C   
251 O O   . ARG A 32 ? 1.0424 1.0090 1.1590 0.0563  0.0243  0.0082  237 ARG A O   
252 C CB  . ARG A 32 ? 1.0353 1.0074 1.1506 0.0530  0.1043  -0.0028 237 ARG A CB  
253 N N   . ILE A 33 ? 1.1525 1.0748 1.2362 0.0799  0.0399  -0.0112 238 ILE A N   
254 C CA  . ILE A 33 ? 1.1886 1.1046 1.2894 0.0936  0.0115  -0.0158 238 ILE A CA  
255 C C   . ILE A 33 ? 1.1966 1.1302 1.3467 0.1179  0.0268  -0.0368 238 ILE A C   
256 O O   . ILE A 33 ? 1.2059 1.1263 1.3413 0.1265  0.0558  -0.0488 238 ILE A O   
257 C CB  . ILE A 33 ? 1.2729 1.1346 1.3133 0.0920  -0.0115 -0.0103 238 ILE A CB  
258 C CG1 . ILE A 33 ? 1.3003 1.1515 1.3033 0.0674  -0.0245 0.0093  238 ILE A CG1 
259 C CG2 . ILE A 33 ? 1.3008 1.1460 1.3513 0.1055  -0.0410 -0.0126 238 ILE A CG2 
260 C CD1 . ILE A 33 ? 1.3782 1.1767 1.3226 0.0618  -0.0394 0.0124  238 ILE A CD1 
261 N N   . ARG A 34 ? 1.2223 1.1837 1.4277 0.1291  0.0076  -0.0418 239 ARG A N   
262 C CA  . ARG A 34 ? 1.2749 1.2546 1.5388 0.1567  0.0112  -0.0625 239 ARG A CA  
263 C C   . ARG A 34 ? 1.2598 1.2071 1.5133 0.1728  -0.0316 -0.0614 239 ARG A C   
264 O O   . ARG A 34 ? 1.1857 1.1302 1.4289 0.1618  -0.0629 -0.0468 239 ARG A O   
265 C CB  . ARG A 34 ? 1.3057 1.3488 1.6548 0.1568  0.0197  -0.0699 239 ARG A CB  
266 C CG  . ARG A 34 ? 1.3668 1.4423 1.7460 0.1495  0.0695  -0.0781 239 ARG A CG  
267 C CD  . ARG A 34 ? 1.4028 1.4769 1.7453 0.1205  0.0839  -0.0613 239 ARG A CD  
268 N NE  . ARG A 34 ? 1.4115 1.5057 1.7729 0.1065  0.0563  -0.0508 239 ARG A NE  
269 C CZ  . ARG A 34 ? 1.3868 1.4879 1.7357 0.0843  0.0647  -0.0390 239 ARG A CZ  
270 N NH1 . ARG A 34 ? 1.4188 1.5080 1.7367 0.0725  0.0976  -0.0336 239 ARG A NH1 
271 N NH2 . ARG A 34 ? 1.3321 1.4473 1.6955 0.0754  0.0390  -0.0331 239 ARG A NH2 
272 N N   . ARG A 35 ? 1.3493 1.2688 1.6017 0.1983  -0.0315 -0.0766 240 ARG A N   
273 C CA  . ARG A 35 ? 1.3952 1.2786 1.6438 0.2192  -0.0727 -0.0781 240 ARG A CA  
274 C C   . ARG A 35 ? 1.3996 1.3295 1.7395 0.2446  -0.0841 -0.0931 240 ARG A C   
275 O O   . ARG A 35 ? 1.4187 1.3955 1.8227 0.2563  -0.0495 -0.1118 240 ARG A O   
276 C CB  . ARG A 35 ? 1.4359 1.2597 1.6375 0.2363  -0.0690 -0.0890 240 ARG A CB  
277 N N   . VAL A 36 ? 1.4375 1.3546 1.7824 0.2512  -0.1312 -0.0846 241 VAL A N   
278 C CA  . VAL A 36 ? 1.4164 1.3673 1.8443 0.2789  -0.1579 -0.0980 241 VAL A CA  
279 C C   . VAL A 36 ? 1.4522 1.3409 1.8398 0.2946  -0.2115 -0.0884 241 VAL A C   
280 O O   . VAL A 36 ? 1.4006 1.2667 1.7419 0.2756  -0.2430 -0.0672 241 VAL A O   
281 C CB  . VAL A 36 ? 1.3672 1.3786 1.8495 0.2633  -0.1642 -0.0949 241 VAL A CB  
282 C CG1 . VAL A 36 ? 1.3481 1.4066 1.9336 0.2918  -0.1858 -0.1137 241 VAL A CG1 
283 C CG2 . VAL A 36 ? 1.3176 1.3710 1.8108 0.2376  -0.1150 -0.0952 241 VAL A CG2 
284 N N   . GLY A 37 ? 1.5100 1.3677 1.9098 0.3280  -0.2191 -0.1035 242 GLY A N   
285 C CA  . GLY A 37 ? 1.6055 1.3882 1.9566 0.3444  -0.2675 -0.0943 242 GLY A CA  
286 C C   . GLY A 37 ? 1.6399 1.3534 1.8817 0.3138  -0.2714 -0.0705 242 GLY A C   
287 O O   . GLY A 37 ? 1.5964 1.2931 1.8028 0.3040  -0.2377 -0.0751 242 GLY A O   
288 N N   . THR A 38 ? 1.6965 1.3711 1.8860 0.2979  -0.3107 -0.0459 243 THR A N   
289 C CA  . THR A 38 ? 1.7219 1.3336 1.8142 0.2651  -0.3173 -0.0199 243 THR A CA  
290 C C   . THR A 38 ? 1.6136 1.2676 1.6898 0.2265  -0.2844 -0.0084 243 THR A C   
291 O O   . THR A 38 ? 1.5825 1.2062 1.6033 0.2018  -0.2699 0.0026  243 THR A O   
292 C CB  . THR A 38 ? 1.7730 1.3270 1.8166 0.2636  -0.3678 0.0021  243 THR A CB  
293 N N   . LYS A 39 ? 1.5337 1.2539 1.6608 0.2225  -0.2753 -0.0123 244 LYS A N   
294 C CA  . LYS A 39 ? 1.4998 1.2534 1.6094 0.1883  -0.2555 0.0014  244 LYS A CA  
295 C C   . LYS A 39 ? 1.4606 1.2681 1.6088 0.1816  -0.2090 -0.0119 244 LYS A C   
296 O O   . LYS A 39 ? 1.4943 1.3317 1.7012 0.2046  -0.1930 -0.0334 244 LYS A O   
297 C CB  . LYS A 39 ? 1.4818 1.2593 1.6100 0.1876  -0.2813 0.0060  244 LYS A CB  
298 N N   . TYR A 40 ? 1.4134 1.2314 1.5297 0.1515  -0.1880 0.0010  245 TYR A N   
299 C CA  . TYR A 40 ? 1.3720 1.2273 1.5049 0.1401  -0.1470 -0.0055 245 TYR A CA  
300 C C   . TYR A 40 ? 1.2651 1.1689 1.4228 0.1231  -0.1364 -0.0008 245 TYR A C   
301 O O   . TYR A 40 ? 1.2493 1.1453 1.3793 0.1084  -0.1539 0.0137  245 TYR A O   
302 C CB  . TYR A 40 ? 1.3986 1.2184 1.4713 0.1204  -0.1363 0.0061  245 TYR A CB  
303 C CG  . TYR A 40 ? 1.5011 1.2746 1.5476 0.1344  -0.1362 -0.0037 245 TYR A CG  
304 C CD1 . TYR A 40 ? 1.5105 1.2941 1.5711 0.1465  -0.1060 -0.0216 245 TYR A CD1 
305 C CD2 . TYR A 40 ? 1.5623 1.2756 1.5637 0.1345  -0.1651 0.0049  245 TYR A CD2 
306 C CE1 . TYR A 40 ? 1.5856 1.3206 1.6142 0.1609  -0.1046 -0.0335 245 TYR A CE1 
307 C CE2 . TYR A 40 ? 1.6189 1.2825 1.5926 0.1478  -0.1670 -0.0060 245 TYR A CE2 
308 C CZ  . TYR A 40 ? 1.6285 1.3029 1.6147 0.1621  -0.1368 -0.0266 245 TYR A CZ  
309 O OH  . TYR A 40 ? 1.7040 1.3240 1.6555 0.1766  -0.1375 -0.0401 245 TYR A OH  
310 N N   . PHE A 41 ? 1.1863 1.1337 1.3892 0.1237  -0.1057 -0.0128 246 PHE A N   
311 C CA  . PHE A 41 ? 1.1367 1.1269 1.3666 0.1078  -0.0920 -0.0109 246 PHE A CA  
312 C C   . PHE A 41 ? 1.0468 1.0387 1.2512 0.0901  -0.0602 -0.0044 246 PHE A C   
313 O O   . PHE A 41 ? 1.0636 1.0528 1.2695 0.0958  -0.0352 -0.0125 246 PHE A O   
314 C CB  . PHE A 41 ? 1.1394 1.1768 1.4487 0.1209  -0.0858 -0.0289 246 PHE A CB  
315 C CG  . PHE A 41 ? 1.1748 1.2148 1.5155 0.1382  -0.1248 -0.0350 246 PHE A CG  
316 C CD1 . PHE A 41 ? 1.2350 1.2524 1.5834 0.1635  -0.1427 -0.0425 246 PHE A CD1 
317 C CD2 . PHE A 41 ? 1.1871 1.2465 1.5456 0.1306  -0.1468 -0.0338 246 PHE A CD2 
318 C CE1 . PHE A 41 ? 1.2506 1.2662 1.6268 0.1816  -0.1843 -0.0468 246 PHE A CE1 
319 C CE2 . PHE A 41 ? 1.2202 1.2767 1.6012 0.1471  -0.1889 -0.0388 246 PHE A CE2 
320 C CZ  . PHE A 41 ? 1.2507 1.2859 1.6419 0.1728  -0.2088 -0.0444 246 PHE A CZ  
321 N N   . ILE A 42 ? 1.0193 1.0133 1.1988 0.0704  -0.0613 0.0091  247 ILE A N   
322 C CA  . ILE A 42 ? 1.0115 1.0015 1.1626 0.0544  -0.0401 0.0183  247 ILE A CA  
323 C C   . ILE A 42 ? 0.9654 0.9886 1.1455 0.0447  -0.0238 0.0176  247 ILE A C   
324 O O   . ILE A 42 ? 0.9268 0.9645 1.1200 0.0406  -0.0366 0.0183  247 ILE A O   
325 C CB  . ILE A 42 ? 1.0372 1.0007 1.1398 0.0407  -0.0549 0.0349  247 ILE A CB  
326 C CG1 . ILE A 42 ? 1.0879 1.0105 1.1589 0.0472  -0.0719 0.0363  247 ILE A CG1 
327 C CG2 . ILE A 42 ? 1.0414 1.0072 1.1268 0.0265  -0.0389 0.0433  247 ILE A CG2 
328 C CD1 . ILE A 42 ? 1.1639 1.0631 1.1969 0.0311  -0.0889 0.0530  247 ILE A CD1 
329 N N   . GLU A 43 ? 0.9567 0.9836 1.1375 0.0404  0.0027  0.0166  248 GLU A N   
330 C CA  . GLU A 43 ? 0.9750 1.0228 1.1760 0.0296  0.0205  0.0180  248 GLU A CA  
331 C C   . GLU A 43 ? 0.9435 0.9704 1.1026 0.0198  0.0312  0.0302  248 GLU A C   
332 O O   . GLU A 43 ? 0.9618 0.9626 1.0859 0.0229  0.0337  0.0321  248 GLU A O   
333 C CB  . GLU A 43 ? 1.0200 1.0917 1.2700 0.0347  0.0422  0.0045  248 GLU A CB  
334 C CG  . GLU A 43 ? 1.0645 1.1474 1.3294 0.0213  0.0661  0.0070  248 GLU A CG  
335 C CD  . GLU A 43 ? 1.1116 1.2255 1.4384 0.0224  0.0869  -0.0066 248 GLU A CD  
336 O OE1 . GLU A 43 ? 1.1566 1.2935 1.5248 0.0130  0.0851  -0.0101 248 GLU A OE1 
337 O OE2 . GLU A 43 ? 1.1581 1.2734 1.4942 0.0326  0.1050  -0.0150 248 GLU A OE2 
338 N N   . MET A 44 ? 0.9083 0.9426 1.0690 0.0098  0.0339  0.0375  249 MET A N   
339 C CA  . MET A 44 ? 0.8636 0.8788 0.9902 0.0027  0.0383  0.0499  249 MET A CA  
340 C C   . MET A 44 ? 0.8783 0.9029 1.0212 -0.0042 0.0471  0.0533  249 MET A C   
341 O O   . MET A 44 ? 0.8843 0.9291 1.0587 -0.0052 0.0444  0.0466  249 MET A O   
342 C CB  . MET A 44 ? 0.8961 0.9015 0.9972 -0.0001 0.0172  0.0594  249 MET A CB  
343 C CG  . MET A 44 ? 0.8947 0.9189 1.0116 -0.0038 0.0066  0.0619  249 MET A CG  
344 S SD  . MET A 44 ? 0.9812 0.9976 1.0750 -0.0107 -0.0119 0.0735  249 MET A SD  
345 C CE  . MET A 44 ? 0.9891 0.9899 1.0713 -0.0054 -0.0250 0.0683  249 MET A CE  
346 N N   . ASP A 45 ? 0.8862 0.8907 1.0036 -0.0081 0.0546  0.0631  250 ASP A N   
347 C CA  . ASP A 45 ? 0.8840 0.8873 1.0079 -0.0125 0.0566  0.0696  250 ASP A CA  
348 C C   . ASP A 45 ? 0.8668 0.8673 0.9761 -0.0109 0.0378  0.0794  250 ASP A C   
349 O O   . ASP A 45 ? 0.8705 0.8564 0.9522 -0.0106 0.0278  0.0852  250 ASP A O   
350 C CB  . ASP A 45 ? 0.9279 0.9056 1.0326 -0.0172 0.0755  0.0758  250 ASP A CB  
351 C CG  . ASP A 45 ? 0.9169 0.9039 1.0479 -0.0220 0.0999  0.0663  250 ASP A CG  
352 O OD1 . ASP A 45 ? 0.9082 0.9233 1.0755 -0.0191 0.0972  0.0539  250 ASP A OD1 
353 O OD2 . ASP A 45 ? 0.9408 0.9066 1.0573 -0.0293 0.1205  0.0721  250 ASP A OD2 
354 N N   . ILE A 46 ? 0.8343 0.8490 0.9645 -0.0101 0.0334  0.0795  251 ILE A N   
355 C CA  . ILE A 46 ? 0.8348 0.8523 0.9642 -0.0076 0.0204  0.0886  251 ILE A CA  
356 C C   . ILE A 46 ? 0.8147 0.8227 0.9537 -0.0040 0.0249  0.0913  251 ILE A C   
357 O O   . ILE A 46 ? 0.8497 0.8545 1.0001 -0.0056 0.0370  0.0842  251 ILE A O   
358 C CB  . ILE A 46 ? 0.7959 0.8398 0.9419 -0.0080 0.0138  0.0852  251 ILE A CB  
359 C CG1 . ILE A 46 ? 0.7694 0.8264 0.9338 -0.0062 0.0221  0.0738  251 ILE A CG1 
360 C CG2 . ILE A 46 ? 0.7816 0.8243 0.9123 -0.0122 0.0060  0.0855  251 ILE A CG2 
361 C CD1 . ILE A 46 ? 0.7840 0.8602 0.9545 -0.0063 0.0204  0.0720  251 ILE A CD1 
362 N N   . GLU A 47 ? 0.8741 0.8773 1.0122 0.0011  0.0124  0.1009  252 GLU A N   
363 C CA  . GLU A 47 ? 0.8790 0.8721 1.0302 0.0091  0.0115  0.1039  252 GLU A CA  
364 C C   . GLU A 47 ? 0.8718 0.8968 1.0590 0.0172  0.0073  0.0993  252 GLU A C   
365 O O   . GLU A 47 ? 0.8591 0.9078 1.0565 0.0154  -0.0014 0.1023  252 GLU A O   
366 C CB  . GLU A 47 ? 0.9246 0.8836 1.0467 0.0117  -0.0016 0.1187  252 GLU A CB  
367 C CG  . GLU A 47 ? 0.9645 0.8866 1.0455 0.0033  0.0115  0.1226  252 GLU A CG  
368 C CD  . GLU A 47 ? 1.0278 0.9050 1.0623 0.0048  -0.0014 0.1383  252 GLU A CD  
369 O OE1 . GLU A 47 ? 1.0890 0.9540 1.1294 0.0146  -0.0193 0.1467  252 GLU A OE1 
370 O OE2 . GLU A 47 ? 1.0575 0.9093 1.0475 -0.0022 0.0056  0.1414  252 GLU A OE2 
371 N N   . VAL A 48 ? 0.9127 0.9369 1.1187 0.0250  0.0154  0.0915  253 VAL A N   
372 C CA  . VAL A 48 ? 0.8714 0.9228 1.1118 0.0363  0.0173  0.0849  253 VAL A CA  
373 C C   . VAL A 48 ? 0.9087 0.9384 1.1620 0.0511  0.0139  0.0855  253 VAL A C   
374 O O   . VAL A 48 ? 0.9014 0.8923 1.1328 0.0487  0.0138  0.0891  253 VAL A O   
375 C CB  . VAL A 48 ? 0.8769 0.9458 1.1200 0.0333  0.0328  0.0692  253 VAL A CB  
376 C CG1 . VAL A 48 ? 0.8799 0.9611 1.1055 0.0200  0.0321  0.0704  253 VAL A CG1 
377 C CG2 . VAL A 48 ? 0.8701 0.9142 1.1051 0.0334  0.0409  0.0572  253 VAL A CG2 
378 N N   . ASP A 49 ? 0.9187 0.9722 1.2089 0.0658  0.0118  0.0825  254 ASP A N   
379 C CA  . ASP A 49 ? 0.9398 0.9741 1.2496 0.0852  0.0082  0.0800  254 ASP A CA  
380 C C   . ASP A 49 ? 0.9197 0.9177 1.2062 0.0817  0.0207  0.0691  254 ASP A C   
381 O O   . ASP A 49 ? 0.8684 0.8792 1.1495 0.0744  0.0360  0.0546  254 ASP A O   
382 C CB  . ASP A 49 ? 0.9603 1.0362 1.3210 0.1020  0.0146  0.0706  254 ASP A CB  
383 C CG  . ASP A 49 ? 1.0254 1.0839 1.4143 0.1269  0.0064  0.0684  254 ASP A CG  
384 O OD1 . ASP A 49 ? 1.0870 1.1093 1.4596 0.1328  0.0148  0.0582  254 ASP A OD1 
385 O OD2 . ASP A 49 ? 1.1172 1.1953 1.5453 0.1403  -0.0115 0.0767  254 ASP A OD2 
386 N N   . GLY A 50 ? 0.9369 0.8875 1.2067 0.0846  0.0124  0.0770  255 GLY A N   
387 C CA  . GLY A 50 ? 0.9329 0.8442 1.1861 0.0789  0.0222  0.0682  255 GLY A CA  
388 C C   . GLY A 50 ? 0.9565 0.8736 1.2305 0.0923  0.0329  0.0459  255 GLY A C   
389 O O   . GLY A 50 ? 0.9998 0.8938 1.2604 0.0830  0.0410  0.0331  255 GLY A O   
390 N N   . LYS A 51 ? 0.9492 0.8959 1.2561 0.1131  0.0334  0.0400  256 LYS A N   
391 C CA  . LYS A 51 ? 0.9757 0.9263 1.3000 0.1303  0.0480  0.0167  256 LYS A CA  
392 C C   . LYS A 51 ? 0.9333 0.9188 1.2475 0.1198  0.0664  0.0018  256 LYS A C   
393 O O   . LYS A 51 ? 0.9992 0.9784 1.3093 0.1294  0.0809  -0.0198 256 LYS A O   
394 C CB  . LYS A 51 ? 0.9708 0.9406 1.3412 0.1591  0.0446  0.0158  256 LYS A CB  
395 C CG  . LYS A 51 ? 1.0124 0.9344 1.3894 0.1768  0.0244  0.0251  256 LYS A CG  
396 N N   . MET A 52 ? 0.9188 0.9324 1.2225 0.1015  0.0650  0.0123  257 MET A N   
397 C CA  . MET A 52 ? 0.9103 0.9496 1.1965 0.0906  0.0786  0.0020  257 MET A CA  
398 C C   . MET A 52 ? 0.9337 0.9403 1.1873 0.0817  0.0801  -0.0145 257 MET A C   
399 O O   . MET A 52 ? 0.9676 0.9451 1.2131 0.0712  0.0693  -0.0096 257 MET A O   
400 C CB  . MET A 52 ? 0.8802 0.9439 1.1583 0.0728  0.0717  0.0179  257 MET A CB  
401 C CG  . MET A 52 ? 0.8935 0.9785 1.1514 0.0632  0.0831  0.0107  257 MET A CG  
402 S SD  . MET A 52 ? 0.8766 0.9789 1.1213 0.0436  0.0721  0.0283  257 MET A SD  
403 C CE  . MET A 52 ? 0.8637 1.0007 1.1494 0.0491  0.0700  0.0433  257 MET A CE  
404 N N   . SER A 53 ? 0.9129 0.9223 1.1476 0.0847  0.0932  -0.0333 258 SER A N   
405 C CA  . SER A 53 ? 0.9412 0.9197 1.1412 0.0758  0.0896  -0.0514 258 SER A CA  
406 C C   . SER A 53 ? 0.9221 0.9093 1.1069 0.0544  0.0764  -0.0428 258 SER A C   
407 O O   . SER A 53 ? 0.8929 0.9096 1.0829 0.0489  0.0763  -0.0269 258 SER A O   
408 C CB  . SER A 53 ? 0.9756 0.9514 1.1487 0.0858  0.1063  -0.0728 258 SER A CB  
409 O OG  . SER A 53 ? 0.9751 0.9832 1.1325 0.0792  0.1163  -0.0666 258 SER A OG  
410 N N   . VAL A 54 ? 0.9529 0.9144 1.1237 0.0432  0.0643  -0.0542 259 VAL A N   
411 C CA  . VAL A 54 ? 0.9140 0.8834 1.0773 0.0256  0.0494  -0.0515 259 VAL A CA  
412 C C   . VAL A 54 ? 0.9423 0.9250 1.0708 0.0255  0.0498  -0.0559 259 VAL A C   
413 O O   . VAL A 54 ? 0.9609 0.9621 1.0874 0.0169  0.0415  -0.0443 259 VAL A O   
414 C CB  . VAL A 54 ? 0.9174 0.8580 1.0844 0.0146  0.0352  -0.0659 259 VAL A CB  
415 C CG1 . VAL A 54 ? 0.9018 0.8525 1.0647 0.0008  0.0169  -0.0701 259 VAL A CG1 
416 C CG2 . VAL A 54 ? 0.9162 0.8428 1.1149 0.0086  0.0369  -0.0556 259 VAL A CG2 
417 N N   . LYS A 55 ? 0.9831 0.9515 1.0799 0.0349  0.0602  -0.0721 260 LYS A N   
418 C CA  . LYS A 55 ? 1.0358 1.0092 1.0873 0.0344  0.0667  -0.0748 260 LYS A CA  
419 C C   . LYS A 55 ? 0.9893 0.9991 1.0570 0.0326  0.0779  -0.0523 260 LYS A C   
420 O O   . LYS A 55 ? 0.9633 0.9795 1.0112 0.0224  0.0678  -0.0427 260 LYS A O   
421 C CB  . LYS A 55 ? 1.1250 1.0775 1.1418 0.0474  0.0864  -0.0952 260 LYS A CB  
422 C CG  . LYS A 55 ? 1.1926 1.1357 1.1451 0.0448  0.0948  -0.1010 260 LYS A CG  
423 C CD  . LYS A 55 ? 1.2572 1.1597 1.1554 0.0370  0.0679  -0.1174 260 LYS A CD  
424 N N   . ASP A 56 ? 0.9562 0.9870 1.0614 0.0423  0.0942  -0.0446 261 ASP A N   
425 C CA  . ASP A 56 ? 0.9476 1.0143 1.0734 0.0402  0.1047  -0.0256 261 ASP A CA  
426 C C   . ASP A 56 ? 0.9172 0.9923 1.0566 0.0281  0.0850  -0.0075 261 ASP A C   
427 O O   . ASP A 56 ? 0.9241 1.0121 1.0503 0.0187  0.0839  0.0041  261 ASP A O   
428 C CB  . ASP A 56 ? 0.9300 1.0176 1.1014 0.0553  0.1204  -0.0239 261 ASP A CB  
429 C CG  . ASP A 56 ? 0.9841 1.0738 1.1455 0.0684  0.1481  -0.0410 261 ASP A CG  
430 O OD1 . ASP A 56 ? 1.0078 1.0830 1.1175 0.0625  0.1572  -0.0507 261 ASP A OD1 
431 O OD2 . ASP A 56 ? 1.0031 1.1061 1.2057 0.0857  0.1600  -0.0451 261 ASP A OD2 
432 N N   . ALA A 57 ? 0.9114 0.9756 1.0725 0.0282  0.0725  -0.0056 262 ALA A N   
433 C CA  . ALA A 57 ? 0.8660 0.9333 1.0375 0.0187  0.0580  0.0082  262 ALA A CA  
434 C C   . ALA A 57 ? 0.8771 0.9402 1.0233 0.0090  0.0457  0.0058  262 ALA A C   
435 O O   . ALA A 57 ? 0.8892 0.9617 1.0346 0.0031  0.0389  0.0181  262 ALA A O   
436 C CB  . ALA A 57 ? 0.8733 0.9227 1.0636 0.0192  0.0531  0.0074  262 ALA A CB  
437 N N   . HIS A 58 ? 0.8904 0.9359 1.0152 0.0083  0.0395  -0.0103 263 HIS A N   
438 C CA  . HIS A 58 ? 0.9178 0.9564 1.0200 0.0015  0.0208  -0.0137 263 HIS A CA  
439 C C   . HIS A 58 ? 0.9334 0.9746 0.9992 -0.0008 0.0237  -0.0047 263 HIS A C   
440 O O   . HIS A 58 ? 0.9526 0.9946 1.0119 -0.0056 0.0093  0.0042  263 HIS A O   
441 C CB  . HIS A 58 ? 0.9744 0.9902 1.0606 0.0009  0.0079  -0.0340 263 HIS A CB  
442 C CG  . HIS A 58 ? 1.0129 1.0206 1.0753 -0.0036 -0.0167 -0.0374 263 HIS A CG  
443 N ND1 . HIS A 58 ? 1.0177 1.0350 1.1137 -0.0078 -0.0360 -0.0370 263 HIS A ND1 
444 C CD2 . HIS A 58 ? 1.0667 1.0563 1.0748 -0.0036 -0.0256 -0.0401 263 HIS A CD2 
445 C CE1 . HIS A 58 ? 1.0440 1.0509 1.1130 -0.0081 -0.0601 -0.0401 263 HIS A CE1 
446 N NE2 . HIS A 58 ? 1.0767 1.0623 1.0856 -0.0063 -0.0553 -0.0411 263 HIS A NE2 
447 N N   . GLU A 59 ? 0.9273 0.9677 0.9706 0.0026  0.0431  -0.0078 264 GLU A N   
448 C CA  . GLU A 59 ? 1.0055 1.0491 1.0152 -0.0029 0.0548  0.0027  264 GLU A CA  
449 C C   . GLU A 59 ? 0.9549 1.0207 0.9930 -0.0091 0.0546  0.0229  264 GLU A C   
450 O O   . GLU A 59 ? 0.9398 0.9985 0.9508 -0.0181 0.0485  0.0343  264 GLU A O   
451 C CB  . GLU A 59 ? 1.0537 1.1030 1.0538 0.0030  0.0851  -0.0046 264 GLU A CB  
452 C CG  . GLU A 59 ? 1.1461 1.1632 1.0841 0.0049  0.0891  -0.0215 264 GLU A CG  
453 C CD  . GLU A 59 ? 1.2289 1.2500 1.1590 0.0143  0.1241  -0.0336 264 GLU A CD  
454 O OE1 . GLU A 59 ? 1.2166 1.2728 1.1974 0.0191  0.1455  -0.0267 264 GLU A OE1 
455 O OE2 . GLU A 59 ? 1.2700 1.2583 1.1440 0.0180  0.1288  -0.0514 264 GLU A OE2 
456 N N   . LEU A 60 ? 0.9033 0.9884 0.9883 -0.0047 0.0588  0.0273  265 LEU A N   
457 C CA  . LEU A 60 ? 0.8849 0.9864 0.9946 -0.0103 0.0548  0.0444  265 LEU A CA  
458 C C   . LEU A 60 ? 0.9045 0.9912 1.0009 -0.0155 0.0336  0.0494  265 LEU A C   
459 O O   . LEU A 60 ? 0.9390 1.0237 1.0215 -0.0239 0.0288  0.0613  265 LEU A O   
460 C CB  . LEU A 60 ? 0.8805 0.9939 1.0323 -0.0024 0.0567  0.0458  265 LEU A CB  
461 C CG  . LEU A 60 ? 0.8838 1.0094 1.0565 -0.0071 0.0491  0.0617  265 LEU A CG  
462 C CD1 . LEU A 60 ? 0.8893 1.0351 1.0664 -0.0162 0.0574  0.0713  265 LEU A CD1 
463 C CD2 . LEU A 60 ? 0.8888 1.0182 1.0928 0.0021  0.0476  0.0634  265 LEU A CD2 
464 N N   . THR A 61 ? 0.8620 0.9387 0.9652 -0.0112 0.0222  0.0400  266 THR A N   
465 C CA  . THR A 61 ? 0.8593 0.9274 0.9620 -0.0124 0.0044  0.0417  266 THR A CA  
466 C C   . THR A 61 ? 0.8738 0.9256 0.9388 -0.0153 -0.0093 0.0425  266 THR A C   
467 O O   . THR A 61 ? 0.9463 0.9900 1.0054 -0.0164 -0.0221 0.0500  266 THR A O   
468 C CB  . THR A 61 ? 0.8256 0.8934 0.9545 -0.0086 -0.0004 0.0304  266 THR A CB  
469 O OG1 . THR A 61 ? 0.8678 0.9266 0.9851 -0.0076 -0.0084 0.0164  266 THR A OG1 
470 C CG2 . THR A 61 ? 0.8152 0.8882 0.9696 -0.0071 0.0131  0.0317  266 THR A CG2 
471 N N   . VAL A 62 ? 0.8989 0.9396 0.9331 -0.0155 -0.0080 0.0350  267 VAL A N   
472 C CA  . VAL A 62 ? 0.9322 0.9473 0.9154 -0.0188 -0.0225 0.0376  267 VAL A CA  
473 C C   . VAL A 62 ? 0.9875 0.9993 0.9500 -0.0286 -0.0136 0.0563  267 VAL A C   
474 O O   . VAL A 62 ? 1.0103 1.0015 0.9515 -0.0309 -0.0319 0.0651  267 VAL A O   
475 C CB  . VAL A 62 ? 0.9787 0.9766 0.9215 -0.0178 -0.0193 0.0251  267 VAL A CB  
476 C CG1 . VAL A 62 ? 1.0450 1.0098 0.9192 -0.0235 -0.0283 0.0323  267 VAL A CG1 
477 C CG2 . VAL A 62 ? 0.9730 0.9673 0.9341 -0.0114 -0.0377 0.0065  267 VAL A CG2 
478 N N   . LYS A 63 ? 0.9741 1.0054 0.9483 -0.0341 0.0123  0.0619  268 LYS A N   
479 C CA  . LYS A 63 ? 1.0215 1.0556 0.9866 -0.0476 0.0236  0.0795  268 LYS A CA  
480 C C   . LYS A 63 ? 1.0158 1.0515 1.0063 -0.0502 0.0083  0.0895  268 LYS A C   
481 O O   . LYS A 63 ? 1.0820 1.1006 1.0503 -0.0616 0.0023  0.1032  268 LYS A O   
482 C CB  . LYS A 63 ? 1.0228 1.0875 1.0132 -0.0506 0.0543  0.0799  268 LYS A CB  
483 C CG  . LYS A 63 ? 1.0848 1.1589 1.0730 -0.0680 0.0708  0.0965  268 LYS A CG  
484 C CD  . LYS A 63 ? 1.1801 1.2298 1.1066 -0.0789 0.0860  0.1011  268 LYS A CD  
485 N N   . ILE A 64 ? 0.9897 1.0396 1.0192 -0.0409 0.0032  0.0831  269 ILE A N   
486 C CA  . ILE A 64 ? 0.9361 0.9824 0.9817 -0.0416 -0.0092 0.0897  269 ILE A CA  
487 C C   . ILE A 64 ? 0.9677 0.9848 0.9877 -0.0383 -0.0305 0.0896  269 ILE A C   
488 O O   . ILE A 64 ? 0.9542 0.9529 0.9593 -0.0452 -0.0398 0.0999  269 ILE A O   
489 C CB  . ILE A 64 ? 0.8894 0.9504 0.9703 -0.0325 -0.0066 0.0829  269 ILE A CB  
490 C CG1 . ILE A 64 ? 0.9057 0.9906 1.0132 -0.0335 0.0083  0.0854  269 ILE A CG1 
491 C CG2 . ILE A 64 ? 0.8896 0.9376 0.9721 -0.0315 -0.0185 0.0865  269 ILE A CG2 
492 C CD1 . ILE A 64 ? 0.8729 0.9626 1.0045 -0.0244 0.0099  0.0802  269 ILE A CD1 
493 N N   . ARG A 65 ? 0.9910 1.0028 1.0089 -0.0277 -0.0403 0.0774  270 ARG A N   
494 C CA  . ARG A 65 ? 1.0207 1.0087 1.0246 -0.0199 -0.0644 0.0748  270 ARG A CA  
495 C C   . ARG A 65 ? 1.0347 0.9901 0.9877 -0.0290 -0.0744 0.0881  270 ARG A C   
496 O O   . ARG A 65 ? 1.0841 1.0138 1.0243 -0.0262 -0.0923 0.0937  270 ARG A O   
497 C CB  . ARG A 65 ? 1.0440 1.0369 1.0600 -0.0095 -0.0757 0.0591  270 ARG A CB  
498 C CG  . ARG A 65 ? 1.1220 1.0936 1.1300 0.0008  -0.1053 0.0559  270 ARG A CG  
499 C CD  . ARG A 65 ? 1.1551 1.1399 1.1945 0.0112  -0.1207 0.0386  270 ARG A CD  
500 N NE  . ARG A 65 ? 1.3034 1.2631 1.3007 0.0119  -0.1444 0.0367  270 ARG A NE  
501 C CZ  . ARG A 65 ? 1.3573 1.2889 1.3320 0.0205  -0.1773 0.0388  270 ARG A CZ  
502 N NH1 . ARG A 65 ? 1.3794 1.3060 1.3756 0.0312  -0.1899 0.0413  270 ARG A NH1 
503 N NH2 . ARG A 65 ? 1.4464 1.3500 1.3724 0.0198  -0.1996 0.0376  270 ARG A NH2 
504 N N   . LYS A 66 ? 1.0437 0.9967 0.9661 -0.0388 -0.0614 0.0926  271 LYS A N   
505 C CA  . LYS A 66 ? 1.1315 1.0493 0.9950 -0.0510 -0.0648 0.1072  271 LYS A CA  
506 C C   . LYS A 66 ? 1.1492 1.0593 1.0148 -0.0650 -0.0610 0.1237  271 LYS A C   
507 O O   . LYS A 66 ? 1.2089 1.0785 1.0404 -0.0677 -0.0809 0.1338  271 LYS A O   
508 C CB  . LYS A 66 ? 1.1558 1.0780 0.9892 -0.0592 -0.0412 0.1063  271 LYS A CB  
509 C CG  . LYS A 66 ? 1.2313 1.1080 0.9875 -0.0689 -0.0457 0.1174  271 LYS A CG  
510 N N   . GLU A 67 ? 1.1167 1.0608 1.0229 -0.0723 -0.0412 0.1253  272 GLU A N   
511 C CA  . GLU A 67 ? 1.1104 1.0517 1.0268 -0.0882 -0.0399 0.1392  272 GLU A CA  
512 C C   . GLU A 67 ? 1.1218 1.0397 1.0429 -0.0790 -0.0645 0.1367  272 GLU A C   
513 O O   . GLU A 67 ? 1.2006 1.0874 1.1011 -0.0910 -0.0755 0.1487  272 GLU A O   
514 C CB  . GLU A 67 ? 1.0635 1.0499 1.0285 -0.0946 -0.0191 0.1388  272 GLU A CB  
515 C CG  . GLU A 67 ? 1.1003 1.1079 1.0643 -0.1088 0.0090  0.1452  272 GLU A CG  
516 C CD  . GLU A 67 ? 1.2014 1.1793 1.1236 -0.1312 0.0130  0.1631  272 GLU A CD  
517 O OE1 . GLU A 67 ? 1.1947 1.1574 1.1216 -0.1454 0.0005  0.1747  272 GLU A OE1 
518 O OE2 . GLU A 67 ? 1.2383 1.2017 1.1167 -0.1353 0.0276  0.1653  272 GLU A OE2 
519 N N   . MET A 68 ? 1.1159 1.0460 1.0624 -0.0594 -0.0707 0.1214  273 MET A N   
520 C CA  . MET A 68 ? 1.1396 1.0492 1.0912 -0.0468 -0.0885 0.1152  273 MET A CA  
521 C C   . MET A 68 ? 1.1623 1.0270 1.0766 -0.0419 -0.1117 0.1195  273 MET A C   
522 O O   . MET A 68 ? 1.1494 0.9807 1.0483 -0.0442 -0.1250 0.1250  273 MET A O   
523 C CB  . MET A 68 ? 1.1753 1.1085 1.1612 -0.0278 -0.0849 0.0979  273 MET A CB  
524 C CG  . MET A 68 ? 1.2098 1.1761 1.2259 -0.0306 -0.0657 0.0949  273 MET A CG  
525 S SD  . MET A 68 ? 1.2905 1.2455 1.3082 -0.0344 -0.0675 0.0980  273 MET A SD  
526 C CE  . MET A 68 ? 1.3603 1.2974 1.3799 -0.0137 -0.0736 0.0831  273 MET A CE  
527 N N   . LEU A 69 ? 1.1645 1.0239 1.0616 -0.0350 -0.1194 0.1168  274 LEU A N   
528 C CA  . LEU A 69 ? 1.2043 1.0183 1.0644 -0.0262 -0.1481 0.1204  274 LEU A CA  
529 C C   . LEU A 69 ? 1.2730 1.0420 1.0802 -0.0468 -0.1519 0.1421  274 LEU A C   
530 O O   . LEU A 69 ? 1.3392 1.0600 1.1192 -0.0405 -0.1772 0.1476  274 LEU A O   
531 C CB  . LEU A 69 ? 1.2032 1.0225 1.0531 -0.0172 -0.1571 0.1127  274 LEU A CB  
532 C CG  . LEU A 69 ? 1.1682 1.0043 1.0615 0.0074  -0.1755 0.0933  274 LEU A CG  
533 C CD1 . LEU A 69 ? 1.1056 0.9817 1.0584 0.0138  -0.1562 0.0808  274 LEU A CD1 
534 C CD2 . LEU A 69 ? 1.1614 1.0096 1.0512 0.0113  -0.1833 0.0840  274 LEU A CD2 
535 N N   . LYS A 70 ? 1.2920 1.0755 1.0885 -0.0704 -0.1269 0.1538  275 LYS A N   
536 C CA  . LYS A 70 ? 1.3827 1.1297 1.1348 -0.0965 -0.1228 0.1763  275 LYS A CA  
537 C C   . LYS A 70 ? 1.4097 1.1410 1.1777 -0.1058 -0.1302 0.1818  275 LYS A C   
538 O O   . LYS A 70 ? 1.5322 1.2122 1.2597 -0.1209 -0.1421 0.1982  275 LYS A O   
539 C CB  . LYS A 70 ? 1.3777 1.1569 1.1298 -0.1182 -0.0878 0.1839  275 LYS A CB  
540 C CG  . LYS A 70 ? 1.4246 1.1930 1.1285 -0.1175 -0.0796 0.1847  275 LYS A CG  
541 C CD  . LYS A 70 ? 1.4448 1.2328 1.1370 -0.1417 -0.0406 0.1951  275 LYS A CD  
542 N N   . ARG A 71 ? 1.4053 1.1727 1.2236 -0.0983 -0.1247 0.1689  276 ARG A N   
543 C CA  . ARG A 71 ? 1.4152 1.1707 1.2473 -0.1086 -0.1313 0.1714  276 ARG A CA  
544 C C   . ARG A 71 ? 1.4712 1.1730 1.2808 -0.0916 -0.1596 0.1658  276 ARG A C   
545 O O   . ARG A 71 ? 1.4767 1.1323 1.2609 -0.1066 -0.1732 0.1766  276 ARG A O   
546 C CB  . ARG A 71 ? 1.3272 1.1318 1.2086 -0.1025 -0.1188 0.1586  276 ARG A CB  
547 C CG  . ARG A 71 ? 1.3506 1.1380 1.2389 -0.1088 -0.1306 0.1570  276 ARG A CG  
548 C CD  . ARG A 71 ? 1.3665 1.1726 1.2738 -0.1385 -0.1235 0.1702  276 ARG A CD  
549 N NE  . ARG A 71 ? 1.3954 1.1894 1.3114 -0.1425 -0.1388 0.1651  276 ARG A NE  
550 C CZ  . ARG A 71 ? 1.3871 1.2048 1.3330 -0.1635 -0.1394 0.1714  276 ARG A CZ  
551 N NH1 . ARG A 71 ? 1.3519 1.2133 1.3305 -0.1817 -0.1207 0.1827  276 ARG A NH1 
552 N NH2 . ARG A 71 ? 1.4246 1.2222 1.3682 -0.1654 -0.1591 0.1653  276 ARG A NH2 
553 N N   . ARG A 72 ? 1.4458 1.1553 1.2699 -0.0617 -0.1671 0.1484  277 ARG A N   
554 C CA  . ARG A 72 ? 1.4731 1.1415 1.2892 -0.0378 -0.1906 0.1378  277 ARG A CA  
555 C C   . ARG A 72 ? 1.4539 1.1070 1.2568 -0.0187 -0.2086 0.1361  277 ARG A C   
556 O O   . ARG A 72 ? 1.4612 1.1568 1.2898 -0.0089 -0.2001 0.1269  277 ARG A O   
557 C CB  . ARG A 72 ? 1.4649 1.1627 1.3206 -0.0180 -0.1809 0.1163  277 ARG A CB  
558 C CG  . ARG A 72 ? 1.4555 1.1621 1.3174 -0.0336 -0.1696 0.1165  277 ARG A CG  
559 C CD  . ARG A 72 ? 1.5419 1.1919 1.3762 -0.0329 -0.1873 0.1138  277 ARG A CD  
560 N NE  . ARG A 72 ? 1.5729 1.2097 1.4147 -0.0012 -0.1899 0.0923  277 ARG A NE  
561 C CZ  . ARG A 72 ? 1.6320 1.2244 1.4525 0.0069  -0.1985 0.0815  277 ARG A CZ  
562 N NH1 . ARG A 72 ? 1.6255 1.2105 1.4563 0.0376  -0.1950 0.0605  277 ARG A NH1 
563 N NH2 . ARG A 72 ? 1.7551 1.3143 1.5474 -0.0165 -0.2086 0.0898  277 ARG A NH2 
564 N N   . ASP A 73 ? 1.4667 1.0574 1.2307 -0.0133 -0.2360 0.1442  278 ASP A N   
565 C CA  . ASP A 73 ? 1.4946 1.0604 1.2413 0.0073  -0.2629 0.1438  278 ASP A CA  
566 C C   . ASP A 73 ? 1.4339 1.0170 1.2310 0.0447  -0.2751 0.1191  278 ASP A C   
567 O O   . ASP A 73 ? 1.4177 0.9863 1.2150 0.0661  -0.3023 0.1155  278 ASP A O   
568 C CB  . ASP A 73 ? 1.6083 1.0939 1.2889 -0.0020 -0.2895 0.1650  278 ASP A CB  
569 C CG  . ASP A 73 ? 1.6672 1.0999 1.3386 0.0032  -0.3047 0.1637  278 ASP A CG  
570 O OD1 . ASP A 73 ? 1.6516 1.0780 1.3161 -0.0224 -0.2898 0.1711  278 ASP A OD1 
571 O OD2 . ASP A 73 ? 1.6969 1.0945 1.3706 0.0338  -0.3331 0.1540  278 ASP A OD2 
572 N N   . ASP A 74 ? 1.3721 0.9851 1.2102 0.0523  -0.2556 0.1025  279 ASP A N   
573 C CA  . ASP A 74 ? 1.3723 1.0044 1.2616 0.0863  -0.2574 0.0778  279 ASP A CA  
574 C C   . ASP A 74 ? 1.3099 1.0154 1.2548 0.0889  -0.2289 0.0631  279 ASP A C   
575 O O   . ASP A 74 ? 1.2673 0.9972 1.2602 0.1128  -0.2215 0.0427  279 ASP A O   
576 C CB  . ASP A 74 ? 1.4044 0.9988 1.2852 0.0953  -0.2566 0.0688  279 ASP A CB  
577 C CG  . ASP A 74 ? 1.3833 0.9859 1.2509 0.0711  -0.2316 0.0718  279 ASP A CG  
578 O OD1 . ASP A 74 ? 1.3752 1.0083 1.2391 0.0453  -0.2174 0.0845  279 ASP A OD1 
579 O OD2 . ASP A 74 ? 1.4054 0.9821 1.2659 0.0794  -0.2283 0.0600  279 ASP A OD2 
580 N N   . ILE A 75 ? 1.3129 1.0508 1.2529 0.0659  -0.2117 0.0726  280 ILE A N   
581 C CA  . ILE A 75 ? 1.2379 1.0383 1.2258 0.0669  -0.1890 0.0610  280 ILE A CA  
582 C C   . ILE A 75 ? 1.2379 1.0519 1.2387 0.0752  -0.2083 0.0585  280 ILE A C   
583 O O   . ILE A 75 ? 1.2655 1.0571 1.2209 0.0614  -0.2203 0.0734  280 ILE A O   
584 C CB  . ILE A 75 ? 1.2047 1.0286 1.1823 0.0411  -0.1629 0.0706  280 ILE A CB  
585 C CG1 . ILE A 75 ? 1.1970 1.0072 1.1632 0.0331  -0.1502 0.0721  280 ILE A CG1 
586 C CG2 . ILE A 75 ? 1.1484 1.0254 1.1681 0.0421  -0.1438 0.0605  280 ILE A CG2 
587 C CD1 . ILE A 75 ? 1.1803 1.0078 1.1367 0.0079  -0.1336 0.0843  280 ILE A CD1 
588 N N   . GLU A 76 ? 1.2376 1.0868 1.2975 0.0954  -0.2101 0.0397  281 GLU A N   
589 C CA  . GLU A 76 ? 1.2720 1.1368 1.3561 0.1060  -0.2353 0.0328  281 GLU A CA  
590 C C   . GLU A 76 ? 1.2398 1.1456 1.3377 0.0893  -0.2168 0.0306  281 GLU A C   
591 O O   . GLU A 76 ? 1.2939 1.1904 1.3656 0.0840  -0.2365 0.0348  281 GLU A O   
592 C CB  . GLU A 76 ? 1.2888 1.1771 1.4437 0.1349  -0.2461 0.0124  281 GLU A CB  
593 C CG  . GLU A 76 ? 1.3405 1.2478 1.5323 0.1472  -0.2791 0.0034  281 GLU A CG  
594 C CD  . GLU A 76 ? 1.4350 1.2878 1.5712 0.1535  -0.3267 0.0159  281 GLU A CD  
595 O OE1 . GLU A 76 ? 1.5176 1.3170 1.6069 0.1586  -0.3387 0.0275  281 GLU A OE1 
596 O OE2 . GLU A 76 ? 1.4627 1.3208 1.5973 0.1525  -0.3531 0.0143  281 GLU A OE2 
597 N N   . ASP A 77 ? 1.1441 1.0862 1.2743 0.0818  -0.1816 0.0243  282 ASP A N   
598 C CA  . ASP A 77 ? 1.0960 1.0709 1.2381 0.0664  -0.1627 0.0224  282 ASP A CA  
599 C C   . ASP A 77 ? 1.0551 1.0459 1.2016 0.0548  -0.1260 0.0251  282 ASP A C   
600 O O   . ASP A 77 ? 1.0276 1.0117 1.1788 0.0608  -0.1143 0.0235  282 ASP A O   
601 C CB  . ASP A 77 ? 1.0839 1.0956 1.2884 0.0754  -0.1714 0.0049  282 ASP A CB  
602 C CG  . ASP A 77 ? 1.0858 1.1087 1.2817 0.0616  -0.1724 0.0036  282 ASP A CG  
603 O OD1 . ASP A 77 ? 1.0600 1.0724 1.2127 0.0463  -0.1551 0.0141  282 ASP A OD1 
604 O OD2 . ASP A 77 ? 1.1336 1.1756 1.3688 0.0667  -0.1916 -0.0096 282 ASP A OD2 
605 N N   . VAL A 78 ? 0.9679 0.9741 1.1083 0.0400  -0.1106 0.0284  283 VAL A N   
606 C CA  . VAL A 78 ? 0.9563 0.9755 1.0989 0.0293  -0.0809 0.0324  283 VAL A CA  
607 C C   . VAL A 78 ? 0.9366 0.9826 1.1074 0.0236  -0.0690 0.0251  283 VAL A C   
608 O O   . VAL A 78 ? 0.9440 0.9872 1.0967 0.0180  -0.0774 0.0260  283 VAL A O   
609 C CB  . VAL A 78 ? 0.9769 0.9773 1.0742 0.0159  -0.0768 0.0486  283 VAL A CB  
610 C CG1 . VAL A 78 ? 0.9382 0.9511 1.0422 0.0080  -0.0538 0.0523  283 VAL A CG1 
611 C CG2 . VAL A 78 ? 1.0116 0.9781 1.0771 0.0175  -0.0921 0.0571  283 VAL A CG2 
612 N N   . THR A 79 ? 0.9644 1.0296 1.1718 0.0243  -0.0490 0.0181  284 THR A N   
613 C CA  . THR A 79 ? 0.9468 1.0315 1.1813 0.0163  -0.0349 0.0124  284 THR A CA  
614 C C   . THR A 79 ? 0.9302 1.0090 1.1476 0.0084  -0.0115 0.0222  284 THR A C   
615 O O   . THR A 79 ? 0.9023 0.9729 1.1118 0.0109  0.0001  0.0260  284 THR A O   
616 C CB  . THR A 79 ? 0.9859 1.0956 1.2792 0.0202  -0.0308 -0.0019 284 THR A CB  
617 O OG1 . THR A 79 ? 1.0346 1.1464 1.3390 0.0242  -0.0085 -0.0019 284 THR A OG1 
618 C CG2 . THR A 79 ? 1.0014 1.1186 1.3188 0.0308  -0.0605 -0.0121 284 THR A CG2 
619 N N   . ILE A 80 ? 0.8633 0.9428 1.0730 0.0011  -0.0072 0.0250  285 ILE A N   
620 C CA  . ILE A 80 ? 0.8710 0.9431 1.0645 -0.0041 0.0077  0.0353  285 ILE A CA  
621 C C   . ILE A 80 ? 0.8483 0.9247 1.0642 -0.0089 0.0198  0.0302  285 ILE A C   
622 O O   . ILE A 80 ? 0.8915 0.9710 1.1132 -0.0103 0.0131  0.0228  285 ILE A O   
623 C CB  . ILE A 80 ? 0.8647 0.9323 1.0306 -0.0062 0.0010  0.0435  285 ILE A CB  
624 C CG1 . ILE A 80 ? 0.9078 0.9661 1.0506 -0.0053 -0.0123 0.0494  285 ILE A CG1 
625 C CG2 . ILE A 80 ? 0.8706 0.9357 1.0314 -0.0087 0.0113  0.0532  285 ILE A CG2 
626 C CD1 . ILE A 80 ? 0.9499 1.0060 1.0689 -0.0110 -0.0155 0.0574  285 ILE A CD1 
627 N N   . HIS A 81 ? 0.8560 0.9256 1.0763 -0.0120 0.0367  0.0347  286 HIS A N   
628 C CA  . HIS A 81 ? 0.8694 0.9323 1.1030 -0.0187 0.0498  0.0346  286 HIS A CA  
629 C C   . HIS A 81 ? 0.8773 0.9245 1.0860 -0.0167 0.0493  0.0455  286 HIS A C   
630 O O   . HIS A 81 ? 0.9034 0.9436 1.0880 -0.0134 0.0462  0.0560  286 HIS A O   
631 C CB  . HIS A 81 ? 0.9223 0.9816 1.1682 -0.0242 0.0702  0.0353  286 HIS A CB  
632 C CG  . HIS A 81 ? 1.0015 1.0837 1.2817 -0.0220 0.0704  0.0235  286 HIS A CG  
633 N ND1 . HIS A 81 ? 1.0473 1.1298 1.3196 -0.0154 0.0777  0.0236  286 HIS A ND1 
634 C CD2 . HIS A 81 ? 0.9997 1.1048 1.3237 -0.0236 0.0603  0.0097  286 HIS A CD2 
635 C CE1 . HIS A 81 ? 1.0257 1.1332 1.3414 -0.0112 0.0746  0.0105  286 HIS A CE1 
636 N NE2 . HIS A 81 ? 1.0311 1.1542 1.3807 -0.0167 0.0617  0.0024  286 HIS A NE2 
637 N N   . VAL A 82 ? 0.8482 0.8903 1.0654 -0.0174 0.0495  0.0415  287 VAL A N   
638 C CA  . VAL A 82 ? 0.8685 0.8995 1.0731 -0.0115 0.0480  0.0492  287 VAL A CA  
639 C C   . VAL A 82 ? 0.8911 0.8951 1.0948 -0.0146 0.0574  0.0556  287 VAL A C   
640 O O   . VAL A 82 ? 0.9016 0.8982 1.1220 -0.0226 0.0643  0.0480  287 VAL A O   
641 C CB  . VAL A 82 ? 0.8768 0.9163 1.0855 -0.0062 0.0425  0.0387  287 VAL A CB  
642 C CG1 . VAL A 82 ? 0.8982 0.9281 1.1072 0.0025  0.0449  0.0425  287 VAL A CG1 
643 C CG2 . VAL A 82 ? 0.8808 0.9385 1.0779 -0.0046 0.0348  0.0378  287 VAL A CG2 
644 N N   . GLU A 83 ? 0.8952 0.8823 1.0792 -0.0097 0.0552  0.0699  288 GLU A N   
645 C CA  . GLU A 83 ? 0.9290 0.8800 1.0999 -0.0113 0.0603  0.0803  288 GLU A CA  
646 C C   . GLU A 83 ? 0.9270 0.8689 1.0964 0.0025  0.0472  0.0870  288 GLU A C   
647 O O   . GLU A 83 ? 0.9351 0.9014 1.1118 0.0107  0.0367  0.0871  288 GLU A O   
648 C CB  . GLU A 83 ? 0.9761 0.9054 1.1142 -0.0174 0.0672  0.0934  288 GLU A CB  
649 C CG  . GLU A 83 ? 0.9942 0.9377 1.1383 -0.0272 0.0827  0.0862  288 GLU A CG  
650 C CD  . GLU A 83 ? 1.0640 0.9859 1.1675 -0.0297 0.0912  0.0965  288 GLU A CD  
651 O OE1 . GLU A 83 ? 1.1342 1.0217 1.1993 -0.0273 0.0848  0.1109  288 GLU A OE1 
652 O OE2 . GLU A 83 ? 1.0831 1.0197 1.1911 -0.0325 0.1026  0.0892  288 GLU A OE2 
653 N N   . PRO A 84 ? 0.9326 0.8386 1.0958 0.0052  0.0470  0.0932  289 PRO A N   
654 C CA  . PRO A 84 ? 0.9617 0.8541 1.1247 0.0214  0.0313  0.1018  289 PRO A CA  
655 C C   . PRO A 84 ? 0.9900 0.8732 1.1259 0.0240  0.0165  0.1188  289 PRO A C   
656 O O   . PRO A 84 ? 1.0302 0.8932 1.1309 0.0125  0.0230  0.1268  289 PRO A O   
657 C CB  . PRO A 84 ? 0.9806 0.8238 1.1339 0.0214  0.0337  0.1066  289 PRO A CB  
658 C CG  . PRO A 84 ? 1.0018 0.8431 1.1626 0.0034  0.0525  0.0954  289 PRO A CG  
659 C CD  . PRO A 84 ? 0.9632 0.8377 1.1225 -0.0076 0.0608  0.0929  289 PRO A CD  
660 N N   . LEU A 85 ? 0.9854 0.8823 1.1390 0.0392  -0.0030 0.1227  290 LEU A N   
661 C CA  . LEU A 85 ? 1.0169 0.8992 1.1479 0.0437  -0.0266 0.1389  290 LEU A CA  
662 C C   . LEU A 85 ? 1.0727 0.8913 1.1505 0.0397  -0.0292 0.1546  290 LEU A C   
663 O O   . LEU A 85 ? 1.1105 0.8975 1.1903 0.0469  -0.0299 0.1575  290 LEU A O   
664 C CB  . LEU A 85 ? 1.0302 0.9352 1.2043 0.0631  -0.0482 0.1395  290 LEU A CB  
665 C CG  . LEU A 85 ? 0.9954 0.9625 1.2176 0.0646  -0.0450 0.1281  290 LEU A CG  
666 C CD1 . LEU A 85 ? 1.0097 1.0023 1.2820 0.0832  -0.0647 0.1301  290 LEU A CD1 
667 C CD2 . LEU A 85 ? 0.9879 0.9700 1.1900 0.0489  -0.0477 0.1312  290 LEU A CD2 
668 N N   . GLY A 86 ? 1.1137 0.9092 1.1408 0.0287  -0.0294 0.1639  291 GLY A N   
669 C CA  . GLY A 86 ? 1.2300 0.9587 1.1900 0.0234  -0.0312 0.1815  291 GLY A CA  
670 C C   . GLY A 86 ? 1.2702 0.9750 1.2114 0.0066  0.0040  0.1802  291 GLY A C   
671 O O   . GLY A 86 ? 1.3427 0.9889 1.2391 0.0021  0.0075  0.1951  291 GLY A O   
672 N N   . ASN A 87 ? 1.2931 1.0406 1.2681 -0.0031 0.0280  0.1637  292 ASN A N   
673 C CA  . ASN A 87 ? 1.3226 1.0632 1.3020 -0.0203 0.0611  0.1585  292 ASN A CA  
674 C C   . ASN A 87 ? 1.4243 1.1231 1.3415 -0.0341 0.0811  0.1707  292 ASN A C   
675 O O   . ASN A 87 ? 1.3977 1.0887 1.2747 -0.0301 0.0712  0.1753  292 ASN A O   
676 C CB  . ASN A 87 ? 1.2285 1.0278 1.2602 -0.0244 0.0735  0.1377  292 ASN A CB  
677 C CG  . ASN A 87 ? 1.2075 1.0083 1.2574 -0.0421 0.1027  0.1306  292 ASN A CG  
678 O OD1 . ASN A 87 ? 1.2345 1.0133 1.2961 -0.0487 0.1085  0.1316  292 ASN A OD1 
679 N ND2 . ASN A 87 ? 1.1863 1.0122 1.2427 -0.0497 0.1203  0.1228  292 ASN A ND2 
680 N N   . VAL A 88 ? 1.5362 1.2077 1.4452 -0.0510 0.1097  0.1749  293 VAL A N   
681 C CA  . VAL A 88 ? 1.6438 1.2762 1.4960 -0.0677 0.1409  0.1858  293 VAL A CA  
682 C C   . VAL A 88 ? 1.6338 1.3128 1.5344 -0.0823 0.1769  0.1687  293 VAL A C   
683 O O   . VAL A 88 ? 1.6970 1.3558 1.5921 -0.1020 0.2110  0.1738  293 VAL A O   
684 C CB  . VAL A 88 ? 1.7611 1.3215 1.5655 -0.0783 0.1479  0.2070  293 VAL A CB  
685 C CG1 . VAL A 88 ? 1.8506 1.3550 1.5691 -0.0916 0.1736  0.2233  293 VAL A CG1 
686 C CG2 . VAL A 88 ? 1.7663 1.2942 1.5570 -0.0593 0.1059  0.2185  293 VAL A CG2 
687 N N   . GLU A 89 ? 1.6207 1.3589 1.5685 -0.0730 0.1687  0.1501  294 GLU A N   
688 C CA  . GLU A 89 ? 1.5754 1.3673 1.5852 -0.0807 0.1909  0.1309  294 GLU A CA  
689 C C   . GLU A 89 ? 1.5975 1.3890 1.6491 -0.0999 0.2119  0.1291  294 GLU A C   
690 O O   . GLU A 89 ? 1.5111 1.3371 1.6232 -0.1005 0.2008  0.1151  294 GLU A O   
691 C CB  . GLU A 89 ? 1.5696 1.3646 1.5536 -0.0826 0.2166  0.1274  294 GLU A CB  
692 C CG  . GLU A 89 ? 1.5430 1.3288 1.4795 -0.0663 0.1939  0.1287  294 GLU A CG  
693 C CD  . GLU A 89 ? 1.4256 1.2604 1.4065 -0.0526 0.1672  0.1142  294 GLU A CD  
694 O OE1 . GLU A 89 ? 1.3278 1.1902 1.3568 -0.0501 0.1502  0.1089  294 GLU A OE1 
695 O OE2 . GLU A 89 ? 1.3431 1.1827 1.3045 -0.0448 0.1639  0.1081  294 GLU A OE2 
# 
loop_
_pdbx_poly_seq_scheme.asym_id 
_pdbx_poly_seq_scheme.entity_id 
_pdbx_poly_seq_scheme.seq_id 
_pdbx_poly_seq_scheme.mon_id 
_pdbx_poly_seq_scheme.ndb_seq_num 
_pdbx_poly_seq_scheme.pdb_seq_num 
_pdbx_poly_seq_scheme.auth_seq_num 
_pdbx_poly_seq_scheme.pdb_mon_id 
_pdbx_poly_seq_scheme.auth_mon_id 
_pdbx_poly_seq_scheme.pdb_strand_id 
_pdbx_poly_seq_scheme.pdb_ins_code 
_pdbx_poly_seq_scheme.hetero 
A 1 1   MET 1   206 ?   ?   ?   A . n 
A 1 2   ASP 2   207 ?   ?   ?   A . n 
A 1 3   GLY 3   208 ?   ?   ?   A . n 
A 1 4   MET 4   209 209 MET MET A . n 
A 1 5   LYS 5   210 210 LYS LYS A . n 
A 1 6   ARG 6   211 211 ARG ARG A . n 
A 1 7   THR 7   212 212 THR THR A . n 
A 1 8   GLU 8   213 213 GLU GLU A . n 
A 1 9   LEU 9   214 214 LEU LEU A . n 
A 1 10  ASP 10  215 215 ASP ASP A . n 
A 1 11  MET 11  216 216 MET MET A . n 
A 1 12  TYR 12  217 217 TYR TYR A . n 
A 1 13  ASP 13  218 218 ASP ASP A . n 
A 1 14  ASP 14  219 219 ASP ASP A . n 
A 1 15  ILE 15  220 220 ILE ILE A . n 
A 1 16  PHE 16  221 221 PHE PHE A . n 
A 1 17  ALA 17  222 222 ALA ALA A . n 
A 1 18  VAL 18  223 223 VAL VAL A . n 
A 1 19  LEU 19  224 224 LEU LEU A . n 
A 1 20  GLU 20  225 225 GLU GLU A . n 
A 1 21  ARG 21  226 226 ARG ARG A . n 
A 1 22  PHE 22  227 227 PHE PHE A . n 
A 1 23  PRO 23  228 228 PRO PRO A . n 
A 1 24  ASN 24  229 229 ASN ASN A . n 
A 1 25  VAL 25  230 230 VAL VAL A . n 
A 1 26  HIS 26  231 231 HIS HIS A . n 
A 1 27  ASN 27  232 232 ASN ASN A . n 
A 1 28  PRO 28  233 233 PRO PRO A . n 
A 1 29  HIS 29  234 234 HIS HIS A . n 
A 1 30  ARG 30  235 235 ARG ARG A . n 
A 1 31  VAL 31  236 236 VAL VAL A . n 
A 1 32  ARG 32  237 237 ARG ARG A . n 
A 1 33  ILE 33  238 238 ILE ILE A . n 
A 1 34  ARG 34  239 239 ARG ARG A . n 
A 1 35  ARG 35  240 240 ARG ARG A . n 
A 1 36  VAL 36  241 241 VAL VAL A . n 
A 1 37  GLY 37  242 242 GLY GLY A . n 
A 1 38  THR 38  243 243 THR THR A . n 
A 1 39  LYS 39  244 244 LYS LYS A . n 
A 1 40  TYR 40  245 245 TYR TYR A . n 
A 1 41  PHE 41  246 246 PHE PHE A . n 
A 1 42  ILE 42  247 247 ILE ILE A . n 
A 1 43  GLU 43  248 248 GLU GLU A . n 
A 1 44  MET 44  249 249 MET MET A . n 
A 1 45  ASP 45  250 250 ASP ASP A . n 
A 1 46  ILE 46  251 251 ILE ILE A . n 
A 1 47  GLU 47  252 252 GLU GLU A . n 
A 1 48  VAL 48  253 253 VAL VAL A . n 
A 1 49  ASP 49  254 254 ASP ASP A . n 
A 1 50  GLY 50  255 255 GLY GLY A . n 
A 1 51  LYS 51  256 256 LYS LYS A . n 
A 1 52  MET 52  257 257 MET MET A . n 
A 1 53  SER 53  258 258 SER SER A . n 
A 1 54  VAL 54  259 259 VAL VAL A . n 
A 1 55  LYS 55  260 260 LYS LYS A . n 
A 1 56  ASP 56  261 261 ASP ASP A . n 
A 1 57  ALA 57  262 262 ALA ALA A . n 
A 1 58  HIS 58  263 263 HIS HIS A . n 
A 1 59  GLU 59  264 264 GLU GLU A . n 
A 1 60  LEU 60  265 265 LEU LEU A . n 
A 1 61  THR 61  266 266 THR THR A . n 
A 1 62  VAL 62  267 267 VAL VAL A . n 
A 1 63  LYS 63  268 268 LYS LYS A . n 
A 1 64  ILE 64  269 269 ILE ILE A . n 
A 1 65  ARG 65  270 270 ARG ARG A . n 
A 1 66  LYS 66  271 271 LYS LYS A . n 
A 1 67  GLU 67  272 272 GLU GLU A . n 
A 1 68  MET 68  273 273 MET MET A . n 
A 1 69  LEU 69  274 274 LEU LEU A . n 
A 1 70  LYS 70  275 275 LYS LYS A . n 
A 1 71  ARG 71  276 276 ARG ARG A . n 
A 1 72  ARG 72  277 277 ARG ARG A . n 
A 1 73  ASP 73  278 278 ASP ASP A . n 
A 1 74  ASP 74  279 279 ASP ASP A . n 
A 1 75  ILE 75  280 280 ILE ILE A . n 
A 1 76  GLU 76  281 281 GLU GLU A . n 
A 1 77  ASP 77  282 282 ASP ASP A . n 
A 1 78  VAL 78  283 283 VAL VAL A . n 
A 1 79  THR 79  284 284 THR THR A . n 
A 1 80  ILE 80  285 285 ILE ILE A . n 
A 1 81  HIS 81  286 286 HIS HIS A . n 
A 1 82  VAL 82  287 287 VAL VAL A . n 
A 1 83  GLU 83  288 288 GLU GLU A . n 
A 1 84  PRO 84  289 289 PRO PRO A . n 
A 1 85  LEU 85  290 290 LEU LEU A . n 
A 1 86  GLY 86  291 291 GLY GLY A . n 
A 1 87  ASN 87  292 292 ASN ASN A . n 
A 1 88  VAL 88  293 293 VAL VAL A . n 
A 1 89  GLU 89  294 294 GLU GLU A . n 
A 1 90  GLU 90  295 ?   ?   ?   A . n 
A 1 91  GLU 91  296 ?   ?   ?   A . n 
A 1 92  GLY 92  297 ?   ?   ?   A . n 
A 1 93  PHE 93  298 ?   ?   ?   A . n 
A 1 94  GLY 94  299 ?   ?   ?   A . n 
A 1 95  LEU 95  300 ?   ?   ?   A . n 
A 1 96  LYS 96  301 ?   ?   ?   A . n 
A 1 97  LYS 97  302 ?   ?   ?   A . n 
A 1 98  GLY 98  303 ?   ?   ?   A . n 
A 1 99  GLU 99  304 ?   ?   ?   A . n 
A 1 100 LYS 100 305 ?   ?   ?   A . n 
A 1 101 LYS 101 306 ?   ?   ?   A . n 
# 
loop_
_pdbx_nonpoly_scheme.asym_id 
_pdbx_nonpoly_scheme.entity_id 
_pdbx_nonpoly_scheme.mon_id 
_pdbx_nonpoly_scheme.ndb_seq_num 
_pdbx_nonpoly_scheme.pdb_seq_num 
_pdbx_nonpoly_scheme.auth_seq_num 
_pdbx_nonpoly_scheme.pdb_mon_id 
_pdbx_nonpoly_scheme.auth_mon_id 
_pdbx_nonpoly_scheme.pdb_strand_id 
_pdbx_nonpoly_scheme.pdb_ins_code 
B 2 ZN  1 401 301 ZN  ZN  A . 
C 3 SO4 1 402 401 SO4 SO4 A . 
D 3 SO4 1 403 501 SO4 SO4 A . 
E 4 HOH 1 501 17  HOH HOH A . 
E 4 HOH 2 502 12  HOH HOH A . 
E 4 HOH 3 503 4   HOH HOH A . 
E 4 HOH 4 504 15  HOH HOH A . 
E 4 HOH 5 505 7   HOH HOH A . 
E 4 HOH 6 506 2   HOH HOH A . 
E 4 HOH 7 507 10  HOH HOH A . 
# 
_pdbx_struct_assembly.id                   1 
_pdbx_struct_assembly.details              author_and_software_defined_assembly 
_pdbx_struct_assembly.method_details       PISA 
_pdbx_struct_assembly.oligomeric_details   dimeric 
_pdbx_struct_assembly.oligomeric_count     2 
# 
_pdbx_struct_assembly_gen.assembly_id       1 
_pdbx_struct_assembly_gen.oper_expression   1,2 
_pdbx_struct_assembly_gen.asym_id_list      A,B,C,D,E 
# 
loop_
_pdbx_struct_assembly_prop.biol_id 
_pdbx_struct_assembly_prop.type 
_pdbx_struct_assembly_prop.value 
_pdbx_struct_assembly_prop.details 
1 'ABSA (A^2)' 1580  ? 
1 MORE         -49   ? 
1 'SSA (A^2)'  10060 ? 
# 
loop_
_pdbx_struct_oper_list.id 
_pdbx_struct_oper_list.type 
_pdbx_struct_oper_list.name 
_pdbx_struct_oper_list.symmetry_operation 
_pdbx_struct_oper_list.matrix[1][1] 
_pdbx_struct_oper_list.matrix[1][2] 
_pdbx_struct_oper_list.matrix[1][3] 
_pdbx_struct_oper_list.vector[1] 
_pdbx_struct_oper_list.matrix[2][1] 
_pdbx_struct_oper_list.matrix[2][2] 
_pdbx_struct_oper_list.matrix[2][3] 
_pdbx_struct_oper_list.vector[2] 
_pdbx_struct_oper_list.matrix[3][1] 
_pdbx_struct_oper_list.matrix[3][2] 
_pdbx_struct_oper_list.matrix[3][3] 
_pdbx_struct_oper_list.vector[3] 
1 'identity operation'         1_555  x,y,z                 1.0000000000 0.0000000000  0.0000000000  0.0000000000  0.0000000000  1.0000000000  0.0000000000 0.0000000000  0.0000000000  0.0000000000 1.0000000000  0.0000000000 
2 'crystal symmetry operation' 17_555 x-y+1/3,-y+2/3,-z+2/3 0.0899159808 -0.8924521315 -0.4420908383 15.7009036762 -0.8924521315 -0.2692365089 0.3619957116 17.7514968633 -0.4420908383 0.3619957116 -0.8206794718 2.8734018115 
# 
loop_
_pdbx_struct_conn_angle.id 
_pdbx_struct_conn_angle.ptnr1_label_atom_id 
_pdbx_struct_conn_angle.ptnr1_label_alt_id 
_pdbx_struct_conn_angle.ptnr1_label_asym_id 
_pdbx_struct_conn_angle.ptnr1_label_comp_id 
_pdbx_struct_conn_angle.ptnr1_label_seq_id 
_pdbx_struct_conn_angle.ptnr1_auth_atom_id 
_pdbx_struct_conn_angle.ptnr1_auth_asym_id 
_pdbx_struct_conn_angle.ptnr1_auth_comp_id 
_pdbx_struct_conn_angle.ptnr1_auth_seq_id 
_pdbx_struct_conn_angle.ptnr1_PDB_ins_code 
_pdbx_struct_conn_angle.ptnr1_symmetry 
_pdbx_struct_conn_angle.ptnr2_label_atom_id 
_pdbx_struct_conn_angle.ptnr2_label_alt_id 
_pdbx_struct_conn_angle.ptnr2_label_asym_id 
_pdbx_struct_conn_angle.ptnr2_label_comp_id 
_pdbx_struct_conn_angle.ptnr2_label_seq_id 
_pdbx_struct_conn_angle.ptnr2_auth_atom_id 
_pdbx_struct_conn_angle.ptnr2_auth_asym_id 
_pdbx_struct_conn_angle.ptnr2_auth_comp_id 
_pdbx_struct_conn_angle.ptnr2_auth_seq_id 
_pdbx_struct_conn_angle.ptnr2_PDB_ins_code 
_pdbx_struct_conn_angle.ptnr2_symmetry 
_pdbx_struct_conn_angle.ptnr3_label_atom_id 
_pdbx_struct_conn_angle.ptnr3_label_alt_id 
_pdbx_struct_conn_angle.ptnr3_label_asym_id 
_pdbx_struct_conn_angle.ptnr3_label_comp_id 
_pdbx_struct_conn_angle.ptnr3_label_seq_id 
_pdbx_struct_conn_angle.ptnr3_auth_atom_id 
_pdbx_struct_conn_angle.ptnr3_auth_asym_id 
_pdbx_struct_conn_angle.ptnr3_auth_comp_id 
_pdbx_struct_conn_angle.ptnr3_auth_seq_id 
_pdbx_struct_conn_angle.ptnr3_PDB_ins_code 
_pdbx_struct_conn_angle.ptnr3_symmetry 
_pdbx_struct_conn_angle.value 
_pdbx_struct_conn_angle.value_esd 
1 NE2 ? A HIS 29 ? A HIS 234 ? 1_555 ZN ? B ZN . ? A ZN 401 ? 1_555 OD2 ? A ASP 45 ? A ASP 250 ? 1_555 110.1 ? 
2 NE2 ? A HIS 29 ? A HIS 234 ? 1_555 ZN ? B ZN . ? A ZN 401 ? 1_555 OE1 ? A GLU 89 ? A GLU 294 ? 1_555 112.4 ? 
3 OD2 ? A ASP 45 ? A ASP 250 ? 1_555 ZN ? B ZN . ? A ZN 401 ? 1_555 OE1 ? A GLU 89 ? A GLU 294 ? 1_555 119.7 ? 
# 
loop_
_pdbx_audit_revision_history.ordinal 
_pdbx_audit_revision_history.data_content_type 
_pdbx_audit_revision_history.major_revision 
_pdbx_audit_revision_history.minor_revision 
_pdbx_audit_revision_history.revision_date 
1 'Structure model' 1 0 2020-06-24 
2 'Structure model' 1 1 2023-10-11 
# 
_pdbx_audit_revision_details.ordinal             1 
_pdbx_audit_revision_details.revision_ordinal    1 
_pdbx_audit_revision_details.data_content_type   'Structure model' 
_pdbx_audit_revision_details.provider            repository 
_pdbx_audit_revision_details.type                'Initial release' 
_pdbx_audit_revision_details.description         ? 
_pdbx_audit_revision_details.details             ? 
# 
loop_
_pdbx_audit_revision_group.ordinal 
_pdbx_audit_revision_group.revision_ordinal 
_pdbx_audit_revision_group.data_content_type 
_pdbx_audit_revision_group.group 
1 2 'Structure model' 'Data collection'        
2 2 'Structure model' 'Database references'    
3 2 'Structure model' 'Refinement description' 
# 
loop_
_pdbx_audit_revision_category.ordinal 
_pdbx_audit_revision_category.revision_ordinal 
_pdbx_audit_revision_category.data_content_type 
_pdbx_audit_revision_category.category 
1 2 'Structure model' chem_comp_atom                
2 2 'Structure model' chem_comp_bond                
3 2 'Structure model' database_2                    
4 2 'Structure model' pdbx_initial_refinement_model 
# 
loop_
_pdbx_audit_revision_item.ordinal 
_pdbx_audit_revision_item.revision_ordinal 
_pdbx_audit_revision_item.data_content_type 
_pdbx_audit_revision_item.item 
1 2 'Structure model' '_database_2.pdbx_DOI'                
2 2 'Structure model' '_database_2.pdbx_database_accession' 
# 
_pdbx_refine_tls.id               1 
_pdbx_refine_tls.pdbx_refine_id   'X-RAY DIFFRACTION' 
_pdbx_refine_tls.details          ? 
_pdbx_refine_tls.method           refined 
_pdbx_refine_tls.origin_x         0.0408 
_pdbx_refine_tls.origin_y         -0.3114 
_pdbx_refine_tls.origin_z         -0.0523 
_pdbx_refine_tls.T[1][1]          0.0573 
_pdbx_refine_tls.T[1][1]_esd      ? 
_pdbx_refine_tls.T[1][2]          -0.0121 
_pdbx_refine_tls.T[1][2]_esd      ? 
_pdbx_refine_tls.T[1][3]          -0.0249 
_pdbx_refine_tls.T[1][3]_esd      ? 
_pdbx_refine_tls.T[2][2]          0.0665 
_pdbx_refine_tls.T[2][2]_esd      ? 
_pdbx_refine_tls.T[2][3]          0.0747 
_pdbx_refine_tls.T[2][3]_esd      ? 
_pdbx_refine_tls.T[3][3]          0.1404 
_pdbx_refine_tls.T[3][3]_esd      ? 
_pdbx_refine_tls.L[1][1]          2.7253 
_pdbx_refine_tls.L[1][1]_esd      ? 
_pdbx_refine_tls.L[1][2]          0.1445 
_pdbx_refine_tls.L[1][2]_esd      ? 
_pdbx_refine_tls.L[1][3]          0.8878 
_pdbx_refine_tls.L[1][3]_esd      ? 
_pdbx_refine_tls.L[2][2]          7.0493 
_pdbx_refine_tls.L[2][2]_esd      ? 
_pdbx_refine_tls.L[2][3]          0.5358 
_pdbx_refine_tls.L[2][3]_esd      ? 
_pdbx_refine_tls.L[3][3]          4.0711 
_pdbx_refine_tls.L[3][3]_esd      ? 
_pdbx_refine_tls.S[1][1]          0.2086 
_pdbx_refine_tls.S[1][1]_esd      ? 
_pdbx_refine_tls.S[1][2]          -0.0938 
_pdbx_refine_tls.S[1][2]_esd      ? 
_pdbx_refine_tls.S[1][3]          0.0079 
_pdbx_refine_tls.S[1][3]_esd      ? 
_pdbx_refine_tls.S[2][1]          -0.1597 
_pdbx_refine_tls.S[2][1]_esd      ? 
_pdbx_refine_tls.S[2][2]          0.1318 
_pdbx_refine_tls.S[2][2]_esd      ? 
_pdbx_refine_tls.S[2][3]          -0.1869 
_pdbx_refine_tls.S[2][3]_esd      ? 
_pdbx_refine_tls.S[3][1]          0.4203 
_pdbx_refine_tls.S[3][1]_esd      ? 
_pdbx_refine_tls.S[3][2]          -0.0274 
_pdbx_refine_tls.S[3][2]_esd      ? 
_pdbx_refine_tls.S[3][3]          -0.3405 
_pdbx_refine_tls.S[3][3]_esd      ? 
# 
_pdbx_refine_tls_group.id                  1 
_pdbx_refine_tls_group.pdbx_refine_id      'X-RAY DIFFRACTION' 
_pdbx_refine_tls_group.refine_tls_id       1 
_pdbx_refine_tls_group.beg_label_asym_id   ? 
_pdbx_refine_tls_group.beg_label_seq_id    ? 
_pdbx_refine_tls_group.beg_auth_asym_id    A 
_pdbx_refine_tls_group.beg_auth_seq_id     209 
_pdbx_refine_tls_group.end_label_asym_id   ? 
_pdbx_refine_tls_group.end_label_seq_id    ? 
_pdbx_refine_tls_group.end_auth_asym_id    A 
_pdbx_refine_tls_group.end_auth_seq_id     294 
_pdbx_refine_tls_group.selection           ? 
_pdbx_refine_tls_group.selection_details   ? 
# 
loop_
_software.citation_id 
_software.classification 
_software.compiler_name 
_software.compiler_version 
_software.contact_author 
_software.contact_author_email 
_software.date 
_software.description 
_software.dependencies 
_software.hardware 
_software.language 
_software.location 
_software.mods 
_software.name 
_software.os 
_software.os_version 
_software.type 
_software.version 
_software.pdbx_ordinal 
? 'data reduction' ? ? ? ? ? ? ? ? ? ? ? XDS     ? ? ? 5.8.0258 1 
? 'data scaling'   ? ? ? ? ? ? ? ? ? ? ? Aimless ? ? ? .        2 
? phasing          ? ? ? ? ? ? ? ? ? ? ? MOLREP  ? ? ? .        3 
? refinement       ? ? ? ? ? ? ? ? ? ? ? REFMAC  ? ? ? 7.0.078  4 
# 
_pdbx_entry_details.entry_id                 6VDA 
_pdbx_entry_details.has_ligand_of_interest   Y 
_pdbx_entry_details.compound_details         ? 
_pdbx_entry_details.source_details           ? 
_pdbx_entry_details.nonpolymer_details       ? 
_pdbx_entry_details.sequence_details         ? 
# 
_pdbx_validate_close_contact.id               1 
_pdbx_validate_close_contact.PDB_model_num    1 
_pdbx_validate_close_contact.auth_atom_id_1   OE2 
_pdbx_validate_close_contact.auth_asym_id_1   A 
_pdbx_validate_close_contact.auth_comp_id_1   GLU 
_pdbx_validate_close_contact.auth_seq_id_1    288 
_pdbx_validate_close_contact.PDB_ins_code_1   ? 
_pdbx_validate_close_contact.label_alt_id_1   ? 
_pdbx_validate_close_contact.auth_atom_id_2   ZN 
_pdbx_validate_close_contact.auth_asym_id_2   A 
_pdbx_validate_close_contact.auth_comp_id_2   ZN 
_pdbx_validate_close_contact.auth_seq_id_2    401 
_pdbx_validate_close_contact.PDB_ins_code_2   ? 
_pdbx_validate_close_contact.label_alt_id_2   ? 
_pdbx_validate_close_contact.dist             1.66 
# 
_pdbx_validate_torsion.id              1 
_pdbx_validate_torsion.PDB_model_num   1 
_pdbx_validate_torsion.auth_comp_id    VAL 
_pdbx_validate_torsion.auth_asym_id    A 
_pdbx_validate_torsion.auth_seq_id     293 
_pdbx_validate_torsion.PDB_ins_code    ? 
_pdbx_validate_torsion.label_alt_id    ? 
_pdbx_validate_torsion.phi             -110.00 
_pdbx_validate_torsion.psi             47.07 
# 
loop_
_pdbx_unobs_or_zero_occ_atoms.id 
_pdbx_unobs_or_zero_occ_atoms.PDB_model_num 
_pdbx_unobs_or_zero_occ_atoms.polymer_flag 
_pdbx_unobs_or_zero_occ_atoms.occupancy_flag 
_pdbx_unobs_or_zero_occ_atoms.auth_asym_id 
_pdbx_unobs_or_zero_occ_atoms.auth_comp_id 
_pdbx_unobs_or_zero_occ_atoms.auth_seq_id 
_pdbx_unobs_or_zero_occ_atoms.PDB_ins_code 
_pdbx_unobs_or_zero_occ_atoms.auth_atom_id 
_pdbx_unobs_or_zero_occ_atoms.label_alt_id 
_pdbx_unobs_or_zero_occ_atoms.label_asym_id 
_pdbx_unobs_or_zero_occ_atoms.label_comp_id 
_pdbx_unobs_or_zero_occ_atoms.label_seq_id 
_pdbx_unobs_or_zero_occ_atoms.label_atom_id 
1  1 Y 1 A ARG 237 ? CG  ? A ARG 32 CG  
2  1 Y 1 A ARG 237 ? CD  ? A ARG 32 CD  
3  1 Y 1 A ARG 237 ? NE  ? A ARG 32 NE  
4  1 Y 1 A ARG 237 ? CZ  ? A ARG 32 CZ  
5  1 Y 1 A ARG 237 ? NH1 ? A ARG 32 NH1 
6  1 Y 1 A ARG 237 ? NH2 ? A ARG 32 NH2 
7  1 Y 1 A ARG 240 ? CG  ? A ARG 35 CG  
8  1 Y 1 A ARG 240 ? CD  ? A ARG 35 CD  
9  1 Y 1 A ARG 240 ? NE  ? A ARG 35 NE  
10 1 Y 1 A ARG 240 ? CZ  ? A ARG 35 CZ  
11 1 Y 1 A ARG 240 ? NH1 ? A ARG 35 NH1 
12 1 Y 1 A ARG 240 ? NH2 ? A ARG 35 NH2 
13 1 Y 1 A THR 243 ? OG1 ? A THR 38 OG1 
14 1 Y 1 A THR 243 ? CG2 ? A THR 38 CG2 
15 1 Y 1 A LYS 244 ? CG  ? A LYS 39 CG  
16 1 Y 1 A LYS 244 ? CD  ? A LYS 39 CD  
17 1 Y 1 A LYS 244 ? CE  ? A LYS 39 CE  
18 1 Y 1 A LYS 244 ? NZ  ? A LYS 39 NZ  
19 1 Y 1 A LYS 256 ? CD  ? A LYS 51 CD  
20 1 Y 1 A LYS 256 ? CE  ? A LYS 51 CE  
21 1 Y 1 A LYS 256 ? NZ  ? A LYS 51 NZ  
22 1 Y 1 A LYS 260 ? CE  ? A LYS 55 CE  
23 1 Y 1 A LYS 260 ? NZ  ? A LYS 55 NZ  
24 1 Y 1 A LYS 268 ? CE  ? A LYS 63 CE  
25 1 Y 1 A LYS 268 ? NZ  ? A LYS 63 NZ  
26 1 Y 1 A LYS 271 ? CD  ? A LYS 66 CD  
27 1 Y 1 A LYS 271 ? CE  ? A LYS 66 CE  
28 1 Y 1 A LYS 271 ? NZ  ? A LYS 66 NZ  
29 1 Y 1 A LYS 275 ? CE  ? A LYS 70 CE  
30 1 Y 1 A LYS 275 ? NZ  ? A LYS 70 NZ  
# 
loop_
_pdbx_unobs_or_zero_occ_residues.id 
_pdbx_unobs_or_zero_occ_residues.PDB_model_num 
_pdbx_unobs_or_zero_occ_residues.polymer_flag 
_pdbx_unobs_or_zero_occ_residues.occupancy_flag 
_pdbx_unobs_or_zero_occ_residues.auth_asym_id 
_pdbx_unobs_or_zero_occ_residues.auth_comp_id 
_pdbx_unobs_or_zero_occ_residues.auth_seq_id 
_pdbx_unobs_or_zero_occ_residues.PDB_ins_code 
_pdbx_unobs_or_zero_occ_residues.label_asym_id 
_pdbx_unobs_or_zero_occ_residues.label_comp_id 
_pdbx_unobs_or_zero_occ_residues.label_seq_id 
1  1 Y 1 A MET 206 ? A MET 1   
2  1 Y 1 A ASP 207 ? A ASP 2   
3  1 Y 1 A GLY 208 ? A GLY 3   
4  1 Y 1 A GLU 295 ? A GLU 90  
5  1 Y 1 A GLU 296 ? A GLU 91  
6  1 Y 1 A GLY 297 ? A GLY 92  
7  1 Y 1 A PHE 298 ? A PHE 93  
8  1 Y 1 A GLY 299 ? A GLY 94  
9  1 Y 1 A LEU 300 ? A LEU 95  
10 1 Y 1 A LYS 301 ? A LYS 96  
11 1 Y 1 A LYS 302 ? A LYS 97  
12 1 Y 1 A GLY 303 ? A GLY 98  
13 1 Y 1 A GLU 304 ? A GLU 99  
14 1 Y 1 A LYS 305 ? A LYS 100 
15 1 Y 1 A LYS 306 ? A LYS 101 
# 
loop_
_chem_comp_atom.comp_id 
_chem_comp_atom.atom_id 
_chem_comp_atom.type_symbol 
_chem_comp_atom.pdbx_aromatic_flag 
_chem_comp_atom.pdbx_stereo_config 
_chem_comp_atom.pdbx_ordinal 
ALA N    N  N N 1   
ALA CA   C  N S 2   
ALA C    C  N N 3   
ALA O    O  N N 4   
ALA CB   C  N N 5   
ALA OXT  O  N N 6   
ALA H    H  N N 7   
ALA H2   H  N N 8   
ALA HA   H  N N 9   
ALA HB1  H  N N 10  
ALA HB2  H  N N 11  
ALA HB3  H  N N 12  
ALA HXT  H  N N 13  
ARG N    N  N N 14  
ARG CA   C  N S 15  
ARG C    C  N N 16  
ARG O    O  N N 17  
ARG CB   C  N N 18  
ARG CG   C  N N 19  
ARG CD   C  N N 20  
ARG NE   N  N N 21  
ARG CZ   C  N N 22  
ARG NH1  N  N N 23  
ARG NH2  N  N N 24  
ARG OXT  O  N N 25  
ARG H    H  N N 26  
ARG H2   H  N N 27  
ARG HA   H  N N 28  
ARG HB2  H  N N 29  
ARG HB3  H  N N 30  
ARG HG2  H  N N 31  
ARG HG3  H  N N 32  
ARG HD2  H  N N 33  
ARG HD3  H  N N 34  
ARG HE   H  N N 35  
ARG HH11 H  N N 36  
ARG HH12 H  N N 37  
ARG HH21 H  N N 38  
ARG HH22 H  N N 39  
ARG HXT  H  N N 40  
ASN N    N  N N 41  
ASN CA   C  N S 42  
ASN C    C  N N 43  
ASN O    O  N N 44  
ASN CB   C  N N 45  
ASN CG   C  N N 46  
ASN OD1  O  N N 47  
ASN ND2  N  N N 48  
ASN OXT  O  N N 49  
ASN H    H  N N 50  
ASN H2   H  N N 51  
ASN HA   H  N N 52  
ASN HB2  H  N N 53  
ASN HB3  H  N N 54  
ASN HD21 H  N N 55  
ASN HD22 H  N N 56  
ASN HXT  H  N N 57  
ASP N    N  N N 58  
ASP CA   C  N S 59  
ASP C    C  N N 60  
ASP O    O  N N 61  
ASP CB   C  N N 62  
ASP CG   C  N N 63  
ASP OD1  O  N N 64  
ASP OD2  O  N N 65  
ASP OXT  O  N N 66  
ASP H    H  N N 67  
ASP H2   H  N N 68  
ASP HA   H  N N 69  
ASP HB2  H  N N 70  
ASP HB3  H  N N 71  
ASP HD2  H  N N 72  
ASP HXT  H  N N 73  
GLU N    N  N N 74  
GLU CA   C  N S 75  
GLU C    C  N N 76  
GLU O    O  N N 77  
GLU CB   C  N N 78  
GLU CG   C  N N 79  
GLU CD   C  N N 80  
GLU OE1  O  N N 81  
GLU OE2  O  N N 82  
GLU OXT  O  N N 83  
GLU H    H  N N 84  
GLU H2   H  N N 85  
GLU HA   H  N N 86  
GLU HB2  H  N N 87  
GLU HB3  H  N N 88  
GLU HG2  H  N N 89  
GLU HG3  H  N N 90  
GLU HE2  H  N N 91  
GLU HXT  H  N N 92  
GLY N    N  N N 93  
GLY CA   C  N N 94  
GLY C    C  N N 95  
GLY O    O  N N 96  
GLY OXT  O  N N 97  
GLY H    H  N N 98  
GLY H2   H  N N 99  
GLY HA2  H  N N 100 
GLY HA3  H  N N 101 
GLY HXT  H  N N 102 
HIS N    N  N N 103 
HIS CA   C  N S 104 
HIS C    C  N N 105 
HIS O    O  N N 106 
HIS CB   C  N N 107 
HIS CG   C  Y N 108 
HIS ND1  N  Y N 109 
HIS CD2  C  Y N 110 
HIS CE1  C  Y N 111 
HIS NE2  N  Y N 112 
HIS OXT  O  N N 113 
HIS H    H  N N 114 
HIS H2   H  N N 115 
HIS HA   H  N N 116 
HIS HB2  H  N N 117 
HIS HB3  H  N N 118 
HIS HD1  H  N N 119 
HIS HD2  H  N N 120 
HIS HE1  H  N N 121 
HIS HE2  H  N N 122 
HIS HXT  H  N N 123 
HOH O    O  N N 124 
HOH H1   H  N N 125 
HOH H2   H  N N 126 
ILE N    N  N N 127 
ILE CA   C  N S 128 
ILE C    C  N N 129 
ILE O    O  N N 130 
ILE CB   C  N S 131 
ILE CG1  C  N N 132 
ILE CG2  C  N N 133 
ILE CD1  C  N N 134 
ILE OXT  O  N N 135 
ILE H    H  N N 136 
ILE H2   H  N N 137 
ILE HA   H  N N 138 
ILE HB   H  N N 139 
ILE HG12 H  N N 140 
ILE HG13 H  N N 141 
ILE HG21 H  N N 142 
ILE HG22 H  N N 143 
ILE HG23 H  N N 144 
ILE HD11 H  N N 145 
ILE HD12 H  N N 146 
ILE HD13 H  N N 147 
ILE HXT  H  N N 148 
LEU N    N  N N 149 
LEU CA   C  N S 150 
LEU C    C  N N 151 
LEU O    O  N N 152 
LEU CB   C  N N 153 
LEU CG   C  N N 154 
LEU CD1  C  N N 155 
LEU CD2  C  N N 156 
LEU OXT  O  N N 157 
LEU H    H  N N 158 
LEU H2   H  N N 159 
LEU HA   H  N N 160 
LEU HB2  H  N N 161 
LEU HB3  H  N N 162 
LEU HG   H  N N 163 
LEU HD11 H  N N 164 
LEU HD12 H  N N 165 
LEU HD13 H  N N 166 
LEU HD21 H  N N 167 
LEU HD22 H  N N 168 
LEU HD23 H  N N 169 
LEU HXT  H  N N 170 
LYS N    N  N N 171 
LYS CA   C  N S 172 
LYS C    C  N N 173 
LYS O    O  N N 174 
LYS CB   C  N N 175 
LYS CG   C  N N 176 
LYS CD   C  N N 177 
LYS CE   C  N N 178 
LYS NZ   N  N N 179 
LYS OXT  O  N N 180 
LYS H    H  N N 181 
LYS H2   H  N N 182 
LYS HA   H  N N 183 
LYS HB2  H  N N 184 
LYS HB3  H  N N 185 
LYS HG2  H  N N 186 
LYS HG3  H  N N 187 
LYS HD2  H  N N 188 
LYS HD3  H  N N 189 
LYS HE2  H  N N 190 
LYS HE3  H  N N 191 
LYS HZ1  H  N N 192 
LYS HZ2  H  N N 193 
LYS HZ3  H  N N 194 
LYS HXT  H  N N 195 
MET N    N  N N 196 
MET CA   C  N S 197 
MET C    C  N N 198 
MET O    O  N N 199 
MET CB   C  N N 200 
MET CG   C  N N 201 
MET SD   S  N N 202 
MET CE   C  N N 203 
MET OXT  O  N N 204 
MET H    H  N N 205 
MET H2   H  N N 206 
MET HA   H  N N 207 
MET HB2  H  N N 208 
MET HB3  H  N N 209 
MET HG2  H  N N 210 
MET HG3  H  N N 211 
MET HE1  H  N N 212 
MET HE2  H  N N 213 
MET HE3  H  N N 214 
MET HXT  H  N N 215 
PHE N    N  N N 216 
PHE CA   C  N S 217 
PHE C    C  N N 218 
PHE O    O  N N 219 
PHE CB   C  N N 220 
PHE CG   C  Y N 221 
PHE CD1  C  Y N 222 
PHE CD2  C  Y N 223 
PHE CE1  C  Y N 224 
PHE CE2  C  Y N 225 
PHE CZ   C  Y N 226 
PHE OXT  O  N N 227 
PHE H    H  N N 228 
PHE H2   H  N N 229 
PHE HA   H  N N 230 
PHE HB2  H  N N 231 
PHE HB3  H  N N 232 
PHE HD1  H  N N 233 
PHE HD2  H  N N 234 
PHE HE1  H  N N 235 
PHE HE2  H  N N 236 
PHE HZ   H  N N 237 
PHE HXT  H  N N 238 
PRO N    N  N N 239 
PRO CA   C  N S 240 
PRO C    C  N N 241 
PRO O    O  N N 242 
PRO CB   C  N N 243 
PRO CG   C  N N 244 
PRO CD   C  N N 245 
PRO OXT  O  N N 246 
PRO H    H  N N 247 
PRO HA   H  N N 248 
PRO HB2  H  N N 249 
PRO HB3  H  N N 250 
PRO HG2  H  N N 251 
PRO HG3  H  N N 252 
PRO HD2  H  N N 253 
PRO HD3  H  N N 254 
PRO HXT  H  N N 255 
SER N    N  N N 256 
SER CA   C  N S 257 
SER C    C  N N 258 
SER O    O  N N 259 
SER CB   C  N N 260 
SER OG   O  N N 261 
SER OXT  O  N N 262 
SER H    H  N N 263 
SER H2   H  N N 264 
SER HA   H  N N 265 
SER HB2  H  N N 266 
SER HB3  H  N N 267 
SER HG   H  N N 268 
SER HXT  H  N N 269 
SO4 S    S  N N 270 
SO4 O1   O  N N 271 
SO4 O2   O  N N 272 
SO4 O3   O  N N 273 
SO4 O4   O  N N 274 
THR N    N  N N 275 
THR CA   C  N S 276 
THR C    C  N N 277 
THR O    O  N N 278 
THR CB   C  N R 279 
THR OG1  O  N N 280 
THR CG2  C  N N 281 
THR OXT  O  N N 282 
THR H    H  N N 283 
THR H2   H  N N 284 
THR HA   H  N N 285 
THR HB   H  N N 286 
THR HG1  H  N N 287 
THR HG21 H  N N 288 
THR HG22 H  N N 289 
THR HG23 H  N N 290 
THR HXT  H  N N 291 
TYR N    N  N N 292 
TYR CA   C  N S 293 
TYR C    C  N N 294 
TYR O    O  N N 295 
TYR CB   C  N N 296 
TYR CG   C  Y N 297 
TYR CD1  C  Y N 298 
TYR CD2  C  Y N 299 
TYR CE1  C  Y N 300 
TYR CE2  C  Y N 301 
TYR CZ   C  Y N 302 
TYR OH   O  N N 303 
TYR OXT  O  N N 304 
TYR H    H  N N 305 
TYR H2   H  N N 306 
TYR HA   H  N N 307 
TYR HB2  H  N N 308 
TYR HB3  H  N N 309 
TYR HD1  H  N N 310 
TYR HD2  H  N N 311 
TYR HE1  H  N N 312 
TYR HE2  H  N N 313 
TYR HH   H  N N 314 
TYR HXT  H  N N 315 
VAL N    N  N N 316 
VAL CA   C  N S 317 
VAL C    C  N N 318 
VAL O    O  N N 319 
VAL CB   C  N N 320 
VAL CG1  C  N N 321 
VAL CG2  C  N N 322 
VAL OXT  O  N N 323 
VAL H    H  N N 324 
VAL H2   H  N N 325 
VAL HA   H  N N 326 
VAL HB   H  N N 327 
VAL HG11 H  N N 328 
VAL HG12 H  N N 329 
VAL HG13 H  N N 330 
VAL HG21 H  N N 331 
VAL HG22 H  N N 332 
VAL HG23 H  N N 333 
VAL HXT  H  N N 334 
ZN  ZN   ZN N N 335 
# 
loop_
_chem_comp_bond.comp_id 
_chem_comp_bond.atom_id_1 
_chem_comp_bond.atom_id_2 
_chem_comp_bond.value_order 
_chem_comp_bond.pdbx_aromatic_flag 
_chem_comp_bond.pdbx_stereo_config 
_chem_comp_bond.pdbx_ordinal 
ALA N   CA   sing N N 1   
ALA N   H    sing N N 2   
ALA N   H2   sing N N 3   
ALA CA  C    sing N N 4   
ALA CA  CB   sing N N 5   
ALA CA  HA   sing N N 6   
ALA C   O    doub N N 7   
ALA C   OXT  sing N N 8   
ALA CB  HB1  sing N N 9   
ALA CB  HB2  sing N N 10  
ALA CB  HB3  sing N N 11  
ALA OXT HXT  sing N N 12  
ARG N   CA   sing N N 13  
ARG N   H    sing N N 14  
ARG N   H2   sing N N 15  
ARG CA  C    sing N N 16  
ARG CA  CB   sing N N 17  
ARG CA  HA   sing N N 18  
ARG C   O    doub N N 19  
ARG C   OXT  sing N N 20  
ARG CB  CG   sing N N 21  
ARG CB  HB2  sing N N 22  
ARG CB  HB3  sing N N 23  
ARG CG  CD   sing N N 24  
ARG CG  HG2  sing N N 25  
ARG CG  HG3  sing N N 26  
ARG CD  NE   sing N N 27  
ARG CD  HD2  sing N N 28  
ARG CD  HD3  sing N N 29  
ARG NE  CZ   sing N N 30  
ARG NE  HE   sing N N 31  
ARG CZ  NH1  sing N N 32  
ARG CZ  NH2  doub N N 33  
ARG NH1 HH11 sing N N 34  
ARG NH1 HH12 sing N N 35  
ARG NH2 HH21 sing N N 36  
ARG NH2 HH22 sing N N 37  
ARG OXT HXT  sing N N 38  
ASN N   CA   sing N N 39  
ASN N   H    sing N N 40  
ASN N   H2   sing N N 41  
ASN CA  C    sing N N 42  
ASN CA  CB   sing N N 43  
ASN CA  HA   sing N N 44  
ASN C   O    doub N N 45  
ASN C   OXT  sing N N 46  
ASN CB  CG   sing N N 47  
ASN CB  HB2  sing N N 48  
ASN CB  HB3  sing N N 49  
ASN CG  OD1  doub N N 50  
ASN CG  ND2  sing N N 51  
ASN ND2 HD21 sing N N 52  
ASN ND2 HD22 sing N N 53  
ASN OXT HXT  sing N N 54  
ASP N   CA   sing N N 55  
ASP N   H    sing N N 56  
ASP N   H2   sing N N 57  
ASP CA  C    sing N N 58  
ASP CA  CB   sing N N 59  
ASP CA  HA   sing N N 60  
ASP C   O    doub N N 61  
ASP C   OXT  sing N N 62  
ASP CB  CG   sing N N 63  
ASP CB  HB2  sing N N 64  
ASP CB  HB3  sing N N 65  
ASP CG  OD1  doub N N 66  
ASP CG  OD2  sing N N 67  
ASP OD2 HD2  sing N N 68  
ASP OXT HXT  sing N N 69  
GLU N   CA   sing N N 70  
GLU N   H    sing N N 71  
GLU N   H2   sing N N 72  
GLU CA  C    sing N N 73  
GLU CA  CB   sing N N 74  
GLU CA  HA   sing N N 75  
GLU C   O    doub N N 76  
GLU C   OXT  sing N N 77  
GLU CB  CG   sing N N 78  
GLU CB  HB2  sing N N 79  
GLU CB  HB3  sing N N 80  
GLU CG  CD   sing N N 81  
GLU CG  HG2  sing N N 82  
GLU CG  HG3  sing N N 83  
GLU CD  OE1  doub N N 84  
GLU CD  OE2  sing N N 85  
GLU OE2 HE2  sing N N 86  
GLU OXT HXT  sing N N 87  
GLY N   CA   sing N N 88  
GLY N   H    sing N N 89  
GLY N   H2   sing N N 90  
GLY CA  C    sing N N 91  
GLY CA  HA2  sing N N 92  
GLY CA  HA3  sing N N 93  
GLY C   O    doub N N 94  
GLY C   OXT  sing N N 95  
GLY OXT HXT  sing N N 96  
HIS N   CA   sing N N 97  
HIS N   H    sing N N 98  
HIS N   H2   sing N N 99  
HIS CA  C    sing N N 100 
HIS CA  CB   sing N N 101 
HIS CA  HA   sing N N 102 
HIS C   O    doub N N 103 
HIS C   OXT  sing N N 104 
HIS CB  CG   sing N N 105 
HIS CB  HB2  sing N N 106 
HIS CB  HB3  sing N N 107 
HIS CG  ND1  sing Y N 108 
HIS CG  CD2  doub Y N 109 
HIS ND1 CE1  doub Y N 110 
HIS ND1 HD1  sing N N 111 
HIS CD2 NE2  sing Y N 112 
HIS CD2 HD2  sing N N 113 
HIS CE1 NE2  sing Y N 114 
HIS CE1 HE1  sing N N 115 
HIS NE2 HE2  sing N N 116 
HIS OXT HXT  sing N N 117 
HOH O   H1   sing N N 118 
HOH O   H2   sing N N 119 
ILE N   CA   sing N N 120 
ILE N   H    sing N N 121 
ILE N   H2   sing N N 122 
ILE CA  C    sing N N 123 
ILE CA  CB   sing N N 124 
ILE CA  HA   sing N N 125 
ILE C   O    doub N N 126 
ILE C   OXT  sing N N 127 
ILE CB  CG1  sing N N 128 
ILE CB  CG2  sing N N 129 
ILE CB  HB   sing N N 130 
ILE CG1 CD1  sing N N 131 
ILE CG1 HG12 sing N N 132 
ILE CG1 HG13 sing N N 133 
ILE CG2 HG21 sing N N 134 
ILE CG2 HG22 sing N N 135 
ILE CG2 HG23 sing N N 136 
ILE CD1 HD11 sing N N 137 
ILE CD1 HD12 sing N N 138 
ILE CD1 HD13 sing N N 139 
ILE OXT HXT  sing N N 140 
LEU N   CA   sing N N 141 
LEU N   H    sing N N 142 
LEU N   H2   sing N N 143 
LEU CA  C    sing N N 144 
LEU CA  CB   sing N N 145 
LEU CA  HA   sing N N 146 
LEU C   O    doub N N 147 
LEU C   OXT  sing N N 148 
LEU CB  CG   sing N N 149 
LEU CB  HB2  sing N N 150 
LEU CB  HB3  sing N N 151 
LEU CG  CD1  sing N N 152 
LEU CG  CD2  sing N N 153 
LEU CG  HG   sing N N 154 
LEU CD1 HD11 sing N N 155 
LEU CD1 HD12 sing N N 156 
LEU CD1 HD13 sing N N 157 
LEU CD2 HD21 sing N N 158 
LEU CD2 HD22 sing N N 159 
LEU CD2 HD23 sing N N 160 
LEU OXT HXT  sing N N 161 
LYS N   CA   sing N N 162 
LYS N   H    sing N N 163 
LYS N   H2   sing N N 164 
LYS CA  C    sing N N 165 
LYS CA  CB   sing N N 166 
LYS CA  HA   sing N N 167 
LYS C   O    doub N N 168 
LYS C   OXT  sing N N 169 
LYS CB  CG   sing N N 170 
LYS CB  HB2  sing N N 171 
LYS CB  HB3  sing N N 172 
LYS CG  CD   sing N N 173 
LYS CG  HG2  sing N N 174 
LYS CG  HG3  sing N N 175 
LYS CD  CE   sing N N 176 
LYS CD  HD2  sing N N 177 
LYS CD  HD3  sing N N 178 
LYS CE  NZ   sing N N 179 
LYS CE  HE2  sing N N 180 
LYS CE  HE3  sing N N 181 
LYS NZ  HZ1  sing N N 182 
LYS NZ  HZ2  sing N N 183 
LYS NZ  HZ3  sing N N 184 
LYS OXT HXT  sing N N 185 
MET N   CA   sing N N 186 
MET N   H    sing N N 187 
MET N   H2   sing N N 188 
MET CA  C    sing N N 189 
MET CA  CB   sing N N 190 
MET CA  HA   sing N N 191 
MET C   O    doub N N 192 
MET C   OXT  sing N N 193 
MET CB  CG   sing N N 194 
MET CB  HB2  sing N N 195 
MET CB  HB3  sing N N 196 
MET CG  SD   sing N N 197 
MET CG  HG2  sing N N 198 
MET CG  HG3  sing N N 199 
MET SD  CE   sing N N 200 
MET CE  HE1  sing N N 201 
MET CE  HE2  sing N N 202 
MET CE  HE3  sing N N 203 
MET OXT HXT  sing N N 204 
PHE N   CA   sing N N 205 
PHE N   H    sing N N 206 
PHE N   H2   sing N N 207 
PHE CA  C    sing N N 208 
PHE CA  CB   sing N N 209 
PHE CA  HA   sing N N 210 
PHE C   O    doub N N 211 
PHE C   OXT  sing N N 212 
PHE CB  CG   sing N N 213 
PHE CB  HB2  sing N N 214 
PHE CB  HB3  sing N N 215 
PHE CG  CD1  doub Y N 216 
PHE CG  CD2  sing Y N 217 
PHE CD1 CE1  sing Y N 218 
PHE CD1 HD1  sing N N 219 
PHE CD2 CE2  doub Y N 220 
PHE CD2 HD2  sing N N 221 
PHE CE1 CZ   doub Y N 222 
PHE CE1 HE1  sing N N 223 
PHE CE2 CZ   sing Y N 224 
PHE CE2 HE2  sing N N 225 
PHE CZ  HZ   sing N N 226 
PHE OXT HXT  sing N N 227 
PRO N   CA   sing N N 228 
PRO N   CD   sing N N 229 
PRO N   H    sing N N 230 
PRO CA  C    sing N N 231 
PRO CA  CB   sing N N 232 
PRO CA  HA   sing N N 233 
PRO C   O    doub N N 234 
PRO C   OXT  sing N N 235 
PRO CB  CG   sing N N 236 
PRO CB  HB2  sing N N 237 
PRO CB  HB3  sing N N 238 
PRO CG  CD   sing N N 239 
PRO CG  HG2  sing N N 240 
PRO CG  HG3  sing N N 241 
PRO CD  HD2  sing N N 242 
PRO CD  HD3  sing N N 243 
PRO OXT HXT  sing N N 244 
SER N   CA   sing N N 245 
SER N   H    sing N N 246 
SER N   H2   sing N N 247 
SER CA  C    sing N N 248 
SER CA  CB   sing N N 249 
SER CA  HA   sing N N 250 
SER C   O    doub N N 251 
SER C   OXT  sing N N 252 
SER CB  OG   sing N N 253 
SER CB  HB2  sing N N 254 
SER CB  HB3  sing N N 255 
SER OG  HG   sing N N 256 
SER OXT HXT  sing N N 257 
SO4 S   O1   doub N N 258 
SO4 S   O2   doub N N 259 
SO4 S   O3   sing N N 260 
SO4 S   O4   sing N N 261 
THR N   CA   sing N N 262 
THR N   H    sing N N 263 
THR N   H2   sing N N 264 
THR CA  C    sing N N 265 
THR CA  CB   sing N N 266 
THR CA  HA   sing N N 267 
THR C   O    doub N N 268 
THR C   OXT  sing N N 269 
THR CB  OG1  sing N N 270 
THR CB  CG2  sing N N 271 
THR CB  HB   sing N N 272 
THR OG1 HG1  sing N N 273 
THR CG2 HG21 sing N N 274 
THR CG2 HG22 sing N N 275 
THR CG2 HG23 sing N N 276 
THR OXT HXT  sing N N 277 
TYR N   CA   sing N N 278 
TYR N   H    sing N N 279 
TYR N   H2   sing N N 280 
TYR CA  C    sing N N 281 
TYR CA  CB   sing N N 282 
TYR CA  HA   sing N N 283 
TYR C   O    doub N N 284 
TYR C   OXT  sing N N 285 
TYR CB  CG   sing N N 286 
TYR CB  HB2  sing N N 287 
TYR CB  HB3  sing N N 288 
TYR CG  CD1  doub Y N 289 
TYR CG  CD2  sing Y N 290 
TYR CD1 CE1  sing Y N 291 
TYR CD1 HD1  sing N N 292 
TYR CD2 CE2  doub Y N 293 
TYR CD2 HD2  sing N N 294 
TYR CE1 CZ   doub Y N 295 
TYR CE1 HE1  sing N N 296 
TYR CE2 CZ   sing Y N 297 
TYR CE2 HE2  sing N N 298 
TYR CZ  OH   sing N N 299 
TYR OH  HH   sing N N 300 
TYR OXT HXT  sing N N 301 
VAL N   CA   sing N N 302 
VAL N   H    sing N N 303 
VAL N   H2   sing N N 304 
VAL CA  C    sing N N 305 
VAL CA  CB   sing N N 306 
VAL CA  HA   sing N N 307 
VAL C   O    doub N N 308 
VAL C   OXT  sing N N 309 
VAL CB  CG1  sing N N 310 
VAL CB  CG2  sing N N 311 
VAL CB  HB   sing N N 312 
VAL CG1 HG11 sing N N 313 
VAL CG1 HG12 sing N N 314 
VAL CG1 HG13 sing N N 315 
VAL CG2 HG21 sing N N 316 
VAL CG2 HG22 sing N N 317 
VAL CG2 HG23 sing N N 318 
VAL OXT HXT  sing N N 319 
# 
_pdbx_audit_support.funding_organization   'Australian Research Council (ARC)' 
_pdbx_audit_support.country                Australia 
_pdbx_audit_support.grant_number           FT180100397 
_pdbx_audit_support.ordinal                1 
# 
_pdbx_entity_instance_feature.ordinal        1 
_pdbx_entity_instance_feature.comp_id        ZN 
_pdbx_entity_instance_feature.asym_id        ? 
_pdbx_entity_instance_feature.seq_num        ? 
_pdbx_entity_instance_feature.auth_comp_id   ZN 
_pdbx_entity_instance_feature.auth_asym_id   ? 
_pdbx_entity_instance_feature.auth_seq_num   ? 
_pdbx_entity_instance_feature.feature_type   'SUBJECT OF INVESTIGATION' 
_pdbx_entity_instance_feature.details        ? 
# 
loop_
_pdbx_entity_nonpoly.entity_id 
_pdbx_entity_nonpoly.name 
_pdbx_entity_nonpoly.comp_id 
2 'ZINC ION'    ZN  
3 'SULFATE ION' SO4 
4 water         HOH 
# 
_pdbx_initial_refinement_model.id               1 
_pdbx_initial_refinement_model.entity_id_list   ? 
_pdbx_initial_refinement_model.type             'experimental model' 
_pdbx_initial_refinement_model.source_name      PDB 
_pdbx_initial_refinement_model.accession_code   2ZZT 
_pdbx_initial_refinement_model.details          ? 
# 
_pdbx_struct_assembly_auth_evidence.id                     1 
_pdbx_struct_assembly_auth_evidence.assembly_id            1 
_pdbx_struct_assembly_auth_evidence.experimental_support   'equilibrium centrifugation' 
_pdbx_struct_assembly_auth_evidence.details                ? 
# 
